data_9DD6
#
_entry.id   9DD6
#
_cell.length_a   1.00
_cell.length_b   1.00
_cell.length_c   1.00
_cell.angle_alpha   90.00
_cell.angle_beta   90.00
_cell.angle_gamma   90.00
#
_symmetry.space_group_name_H-M   'P 1'
#
loop_
_entity.id
_entity.type
_entity.pdbx_description
1 polymer 'Glycoprotein B'
2 polymer 'WS.HSV-1.24 heavy chain'
3 polymer 'WS.HSV-1.24 light chain'
4 branched 2-acetamido-2-deoxy-beta-D-glucopyranose-(1-4)-2-acetamido-2-deoxy-beta-D-glucopyranose
5 branched beta-D-mannopyranose-(1-4)-2-acetamido-2-deoxy-beta-D-glucopyranose-(1-4)-2-acetamido-2-deoxy-beta-D-glucopyranose
6 non-polymer 2-acetamido-2-deoxy-beta-D-glucopyranose
#
loop_
_entity_poly.entity_id
_entity_poly.type
_entity_poly.pdbx_seq_one_letter_code
_entity_poly.pdbx_strand_id
1 'polypeptide(L)'
;MHQGAPSWGRRWFVVWALLGLTLGVLVASAAPSSPGTPGVAAATQAANGGPATPAPPALGAAPTGDPKPKKNKKPKNPTP
PRPAGDNATVAAGHATLREHLRDIKAENTDANFYVCPPPTGATVVQFEQPRRCPTRPEGQNYTEGIAVVFKENIAPYKFK
ATMYYKDVTVSQVWFGHRYSQFMGIFEDRAPVPFEEVIDKINAKGVCRSTAKYVRNNLETTAFHRDDHETDMELKPANAA
TRTSRGWHTTDLKYNPSRVEAFHRYGTTVNCIVEEVDARSVYPYDEFVLATGDFVYMSPFYGYREGSHTEHTSYAADRFK
QVDGFYARDLTTKARATAPTTRNLLTTPKFTVAWDWVPKRPSVCTMTKWQEVDEMLRSEYGGSFRFSSDAISTTFTTNLT
EYPLSRVDLGDCIGKDARDAMDRIFARRYNATHIKVGQPQYYLANGGFLIAYQPLLSNTLAELYVREHLREQSRKPPNPT
PPPPGASANASVERIKTTSSIEFARLQFTYNHIQRPVNDMLGRVAIAWCEEQNHELTLWNEARKLNPNAIASVTVGRRVS
ARMLGDVMAVSTCVPVAADNVIVQNSMRISSRPGACYSRPLVSFRYEDQGPLVEGQLGENNELRLTRDAIEPCTVGHRRY
FTFGGGYVYFEEYAYSHQLSRADITTVSTFIDLNITMLEDHEFVPLEVYTRHEIKDSGLLDYTEVQRRNQLHDLRFADID
TVIHADANGSGYIPEAPRDGQAYVRKDGEWVLLSTFLGRSLEVLFQGPGHHHHHHHHSAWSHPQFEKGGGSGGGGSGGSA
WSHPQFEK
;
E,F,G
2 'polypeptide(L)'
;QVQLKESGPGLVAPSQSLSITCTVSGFSLTTYGVTWVRQPPGKGLEWLGVIWGDGSTNYHSDLISRLSITKDNSKSQVFL
KLSSLQADDTATYYCVSYYGYFDHWGQGTTLTVSSASTTPPSVYPLAPGSAAQTNSMVTLGCLVKGYFPEPVTVTWNSGS
LSSGVHTFPAVLQSDLYTLSSSVTVPSSTWPSETVTCNVAHPASSTKVDKKIVPRDCG
;
H,I,J
3 'polypeptide(L)'
;DIQMTQSPSSLSASLGERVSLTCRASQDIGSSLNWLQQKPDGTIKRLIYATSSLDSGVPKRFSGSRSGSDYSLTISSLES
EDFVDYYCLQYASSPPTFGGGTKLEIKRTDAAPTVSIFPPSSEQLTSGGASVVCFLNNFYPKDINVKWKIDGSERQNGVL
NSWTDQDSKDSTYSMSSTLTLTKDEYERHNSYTCEATHKTSTSPIVKSFNRNEC
;
L,M,N
#
loop_
_chem_comp.id
_chem_comp.type
_chem_comp.name
_chem_comp.formula
BMA D-saccharide, beta linking beta-D-mannopyranose 'C6 H12 O6'
NAG D-saccharide, beta linking 2-acetamido-2-deoxy-beta-D-glucopyranose 'C8 H15 N O6'
#
# COMPACT_ATOMS: atom_id res chain seq x y z
N THR A 109 -20.05 -23.51 -2.80
CA THR A 109 -19.64 -23.36 -1.37
C THR A 109 -20.10 -22.02 -0.82
N ASP A 110 -20.23 -21.95 0.51
CA ASP A 110 -20.67 -20.74 1.20
C ASP A 110 -19.81 -20.52 2.43
N ALA A 111 -19.40 -19.27 2.65
CA ALA A 111 -18.59 -18.92 3.80
C ALA A 111 -19.48 -18.57 4.98
N ASN A 112 -18.96 -18.80 6.18
CA ASN A 112 -19.71 -18.51 7.38
C ASN A 112 -19.77 -17.01 7.63
N PHE A 113 -20.91 -16.56 8.16
CA PHE A 113 -21.10 -15.16 8.49
C PHE A 113 -20.46 -14.87 9.84
N TYR A 114 -20.23 -13.59 10.12
CA TYR A 114 -19.60 -13.18 11.36
C TYR A 114 -20.30 -11.96 11.95
N VAL A 115 -20.56 -12.01 13.25
CA VAL A 115 -21.18 -10.91 13.99
C VAL A 115 -20.11 -10.42 14.97
N CYS A 116 -19.28 -9.49 14.50
CA CYS A 116 -18.17 -8.95 15.26
C CYS A 116 -18.64 -7.94 16.30
N PRO A 117 -18.45 -8.16 17.60
CA PRO A 117 -18.87 -7.16 18.58
C PRO A 117 -17.85 -6.05 18.68
N PRO A 118 -18.21 -4.92 19.29
CA PRO A 118 -17.26 -3.82 19.41
C PRO A 118 -16.26 -4.08 20.53
N PRO A 119 -14.95 -4.03 20.28
CA PRO A 119 -14.00 -4.27 21.37
C PRO A 119 -14.09 -3.19 22.43
N THR A 120 -13.91 -3.60 23.68
CA THR A 120 -13.97 -2.68 24.81
C THR A 120 -12.61 -2.14 25.23
N GLY A 121 -11.53 -2.83 24.87
CA GLY A 121 -10.19 -2.42 25.22
C GLY A 121 -9.43 -3.38 26.12
N ALA A 122 -9.96 -4.58 26.36
CA ALA A 122 -9.24 -5.53 27.21
C ALA A 122 -7.92 -5.94 26.59
N THR A 123 -7.86 -6.01 25.26
CA THR A 123 -6.65 -6.37 24.53
C THR A 123 -6.28 -5.22 23.61
N VAL A 124 -5.15 -4.56 23.88
CA VAL A 124 -4.68 -3.41 23.06
C VAL A 124 -3.33 -3.80 22.45
N VAL A 125 -3.20 -3.73 21.13
CA VAL A 125 -1.95 -4.13 20.43
C VAL A 125 -1.32 -2.89 19.80
N GLN A 126 -0.19 -2.43 20.34
CA GLN A 126 0.55 -1.28 19.74
C GLN A 126 1.19 -1.86 18.49
N PHE A 127 1.63 -1.03 17.55
CA PHE A 127 2.13 -1.55 16.26
C PHE A 127 3.40 -0.78 15.89
N GLU A 128 4.39 -1.43 15.27
CA GLU A 128 5.72 -0.83 15.01
C GLU A 128 5.67 0.45 14.16
N GLN A 129 6.76 1.25 14.19
CA GLN A 129 6.84 2.52 13.42
C GLN A 129 8.16 2.55 12.63
N PRO A 130 8.32 3.46 11.64
CA PRO A 130 9.54 3.53 10.83
C PRO A 130 10.82 3.77 11.61
N ARG A 131 11.98 3.60 10.97
CA ARG A 131 13.29 3.78 11.66
C ARG A 131 14.19 4.73 10.86
N ARG A 132 15.36 5.09 11.42
CA ARG A 132 16.30 5.98 10.74
C ARG A 132 17.39 5.13 10.12
N CYS A 133 17.18 4.75 8.87
CA CYS A 133 18.18 3.93 8.17
C CYS A 133 19.40 4.79 7.84
N PRO A 134 20.61 4.25 7.99
CA PRO A 134 21.80 5.06 7.66
C PRO A 134 21.96 5.24 6.16
N THR A 135 22.34 6.45 5.76
CA THR A 135 22.53 6.72 4.35
C THR A 135 23.67 5.91 3.76
N ARG A 136 24.73 5.68 4.55
CA ARG A 136 25.89 4.90 4.15
C ARG A 136 26.19 3.92 5.27
N PRO A 137 26.73 2.74 4.97
CA PRO A 137 27.03 1.78 6.04
C PRO A 137 28.15 2.28 6.95
N GLU A 138 27.98 2.02 8.26
CA GLU A 138 28.96 2.42 9.26
C GLU A 138 29.27 1.35 10.28
N GLY A 139 28.51 0.25 10.31
CA GLY A 139 28.78 -0.80 11.28
C GLY A 139 30.08 -1.53 10.97
N GLN A 140 30.72 -2.01 12.03
CA GLN A 140 31.98 -2.74 11.93
C GLN A 140 31.76 -4.21 12.28
N ASN A 141 32.66 -5.05 11.76
CA ASN A 141 32.62 -6.50 11.98
C ASN A 141 31.28 -7.09 11.54
N TYR A 142 30.95 -6.87 10.27
CA TYR A 142 29.71 -7.40 9.72
C TYR A 142 29.84 -8.92 9.55
N THR A 143 28.73 -9.62 9.75
CA THR A 143 28.74 -11.07 9.60
C THR A 143 27.31 -11.59 9.57
N GLU A 144 27.09 -12.63 8.77
CA GLU A 144 25.79 -13.26 8.64
C GLU A 144 25.73 -14.53 9.50
N GLY A 145 24.52 -14.95 9.82
CA GLY A 145 24.36 -16.13 10.64
C GLY A 145 22.90 -16.40 10.95
N ILE A 146 22.67 -17.56 11.55
CA ILE A 146 21.34 -18.00 11.95
C ILE A 146 21.05 -17.43 13.32
N ALA A 147 19.78 -17.16 13.61
CA ALA A 147 19.39 -16.61 14.89
C ALA A 147 18.00 -17.07 15.29
N VAL A 148 17.80 -17.14 16.60
CA VAL A 148 16.53 -17.54 17.21
C VAL A 148 16.27 -16.58 18.35
N VAL A 149 15.24 -15.76 18.23
CA VAL A 149 14.88 -14.75 19.22
C VAL A 149 13.79 -15.32 20.12
N PHE A 150 13.95 -15.11 21.43
CA PHE A 150 13.01 -15.57 22.45
C PHE A 150 12.37 -14.38 23.14
N LYS A 151 11.07 -14.49 23.39
CA LYS A 151 10.30 -13.46 24.07
C LYS A 151 9.98 -13.90 25.49
N GLU A 152 9.76 -12.92 26.37
CA GLU A 152 9.44 -13.23 27.75
C GLU A 152 8.07 -13.91 27.80
N ASN A 153 8.02 -15.08 28.43
CA ASN A 153 6.77 -15.83 28.53
C ASN A 153 5.83 -15.11 29.48
N ILE A 154 4.87 -14.37 28.92
CA ILE A 154 3.92 -13.63 29.74
C ILE A 154 2.96 -14.56 30.49
N ALA A 155 2.80 -15.79 30.02
CA ALA A 155 1.93 -16.78 30.65
C ALA A 155 0.51 -16.26 30.86
N PRO A 156 -0.28 -16.10 29.80
CA PRO A 156 -1.64 -15.60 29.95
C PRO A 156 -2.56 -16.66 30.55
N TYR A 157 -3.24 -16.30 31.64
CA TYR A 157 -4.16 -17.19 32.33
C TYR A 157 -5.57 -16.68 32.07
N LYS A 158 -6.38 -17.47 31.38
CA LYS A 158 -7.75 -17.12 31.02
C LYS A 158 -8.74 -17.93 31.83
N PHE A 159 -9.82 -17.28 32.24
CA PHE A 159 -10.89 -17.91 33.00
C PHE A 159 -12.15 -17.08 32.85
N LYS A 160 -13.29 -17.69 33.17
CA LYS A 160 -14.60 -17.05 33.07
C LYS A 160 -15.04 -16.59 34.46
N ALA A 161 -15.53 -15.36 34.54
CA ALA A 161 -16.01 -14.77 35.77
C ALA A 161 -17.41 -14.21 35.59
N THR A 162 -18.21 -14.30 36.64
CA THR A 162 -19.59 -13.83 36.65
C THR A 162 -19.63 -12.44 37.29
N MET A 163 -20.34 -11.52 36.65
CA MET A 163 -20.48 -10.14 37.11
C MET A 163 -21.93 -9.88 37.50
N TYR A 164 -22.13 -9.18 38.62
CA TYR A 164 -23.45 -8.84 39.13
C TYR A 164 -23.51 -7.35 39.41
N TYR A 165 -24.65 -6.74 39.11
CA TYR A 165 -24.86 -5.31 39.36
C TYR A 165 -26.33 -4.99 39.16
N LYS A 166 -26.73 -3.82 39.66
CA LYS A 166 -28.11 -3.34 39.58
C LYS A 166 -28.15 -1.93 39.01
N ASP A 167 -29.31 -1.57 38.46
CA ASP A 167 -29.56 -0.25 37.88
C ASP A 167 -30.74 0.38 38.60
N VAL A 168 -30.66 1.68 38.83
CA VAL A 168 -31.71 2.43 39.51
C VAL A 168 -31.90 3.76 38.78
N THR A 169 -33.16 4.15 38.58
CA THR A 169 -33.49 5.40 37.89
C THR A 169 -34.76 5.98 38.48
N VAL A 170 -35.00 7.26 38.19
CA VAL A 170 -36.17 7.99 38.65
C VAL A 170 -37.11 8.17 37.46
N SER A 171 -38.40 7.96 37.69
CA SER A 171 -39.39 8.06 36.62
C SER A 171 -39.66 9.48 36.15
N GLN A 172 -39.41 10.49 36.99
CA GLN A 172 -39.66 11.86 36.57
C GLN A 172 -38.77 12.25 35.39
N VAL A 173 -39.36 13.00 34.46
CA VAL A 173 -38.66 13.45 33.26
C VAL A 173 -39.11 14.87 32.92
N ILE A 185 -34.09 10.98 35.23
CA ILE A 185 -33.11 11.80 36.01
C ILE A 185 -32.43 10.93 37.08
N PHE A 186 -31.18 11.27 37.38
CA PHE A 186 -30.41 10.54 38.38
C PHE A 186 -30.32 9.05 38.08
N GLU A 187 -29.60 8.69 37.02
CA GLU A 187 -29.43 7.29 36.61
C GLU A 187 -28.01 6.88 36.91
N ASP A 188 -27.85 5.80 37.67
CA ASP A 188 -26.52 5.31 38.03
C ASP A 188 -26.59 3.80 38.28
N ARG A 189 -25.42 3.21 38.46
CA ARG A 189 -25.26 1.77 38.69
C ARG A 189 -24.63 1.52 40.06
N ALA A 190 -24.98 0.38 40.66
CA ALA A 190 -24.47 -0.01 41.97
C ALA A 190 -24.35 -1.53 42.02
N PRO A 191 -23.51 -2.07 42.89
CA PRO A 191 -23.37 -3.53 42.99
C PRO A 191 -24.47 -4.14 43.85
N VAL A 192 -24.37 -5.45 44.02
CA VAL A 192 -25.32 -6.23 44.81
C VAL A 192 -24.56 -6.88 45.97
N PRO A 193 -25.12 -6.91 47.18
CA PRO A 193 -24.39 -7.55 48.29
C PRO A 193 -24.12 -9.03 48.07
N PHE A 194 -23.32 -9.60 48.97
CA PHE A 194 -22.95 -11.01 48.88
C PHE A 194 -24.11 -11.93 49.25
N GLU A 195 -24.80 -11.64 50.36
CA GLU A 195 -25.90 -12.51 50.79
C GLU A 195 -26.99 -12.63 49.72
N GLU A 196 -27.23 -11.58 48.94
CA GLU A 196 -28.25 -11.67 47.91
C GLU A 196 -27.82 -12.58 46.76
N VAL A 197 -26.52 -12.58 46.43
CA VAL A 197 -26.02 -13.41 45.34
C VAL A 197 -26.05 -14.88 45.71
N ILE A 198 -25.61 -15.22 46.92
CA ILE A 198 -25.55 -16.62 47.33
C ILE A 198 -26.88 -17.18 47.82
N ASP A 199 -27.84 -16.35 48.19
CA ASP A 199 -29.14 -16.84 48.69
C ASP A 199 -30.28 -16.63 47.70
N LYS A 200 -30.46 -15.40 47.22
CA LYS A 200 -31.54 -15.12 46.30
C LYS A 200 -31.23 -15.58 44.88
N ILE A 201 -30.06 -15.23 44.37
CA ILE A 201 -29.70 -15.59 43.00
C ILE A 201 -29.22 -17.03 42.89
N ASN A 202 -28.30 -17.46 43.76
CA ASN A 202 -27.79 -18.81 43.66
C ASN A 202 -28.80 -19.87 44.07
N ALA A 203 -29.53 -19.65 45.16
CA ALA A 203 -30.48 -20.67 45.62
C ALA A 203 -31.80 -20.65 44.86
N LYS A 204 -32.27 -19.48 44.40
CA LYS A 204 -33.54 -19.38 43.70
C LYS A 204 -33.51 -18.61 42.39
N GLY A 205 -32.39 -18.01 42.02
CA GLY A 205 -32.36 -17.27 40.77
C GLY A 205 -33.27 -16.06 40.76
N VAL A 206 -33.31 -15.30 41.85
CA VAL A 206 -34.14 -14.11 41.97
C VAL A 206 -33.30 -12.99 42.57
N CYS A 207 -33.71 -11.76 42.30
CA CYS A 207 -33.04 -10.57 42.80
C CYS A 207 -33.97 -9.78 43.70
N ARG A 208 -33.40 -9.18 44.74
CA ARG A 208 -34.20 -8.40 45.67
C ARG A 208 -34.69 -7.13 44.97
N SER A 209 -35.95 -6.79 45.17
CA SER A 209 -36.52 -5.61 44.52
C SER A 209 -35.84 -4.33 44.98
N THR A 210 -35.69 -4.16 46.30
CA THR A 210 -35.07 -2.95 46.81
C THR A 210 -33.59 -2.90 46.44
N ALA A 211 -33.09 -1.67 46.29
CA ALA A 211 -31.69 -1.43 45.96
C ALA A 211 -31.21 -0.25 46.78
N LYS A 212 -29.93 -0.27 47.15
CA LYS A 212 -29.31 0.78 47.94
C LYS A 212 -28.23 1.47 47.11
N TYR A 213 -28.10 2.77 47.31
CA TYR A 213 -27.12 3.57 46.59
C TYR A 213 -26.90 4.86 47.36
N VAL A 214 -25.97 5.68 46.86
CA VAL A 214 -25.63 6.96 47.47
C VAL A 214 -26.07 8.07 46.52
N ARG A 215 -26.86 9.01 47.04
CA ARG A 215 -27.37 10.13 46.26
C ARG A 215 -26.99 11.42 46.98
N ASN A 216 -26.29 12.30 46.26
CA ASN A 216 -25.85 13.58 46.80
C ASN A 216 -25.03 13.37 48.08
N ASN A 217 -24.18 12.34 48.06
CA ASN A 217 -23.34 12.00 49.20
C ASN A 217 -24.17 11.64 50.43
N LEU A 218 -25.30 10.96 50.21
CA LEU A 218 -26.19 10.54 51.28
C LEU A 218 -26.80 9.18 50.94
N GLU A 219 -27.02 8.37 51.97
CA GLU A 219 -27.60 7.05 51.77
C GLU A 219 -29.03 7.19 51.26
N THR A 220 -29.39 6.34 50.29
CA THR A 220 -30.72 6.37 49.70
C THR A 220 -31.09 4.96 49.25
N THR A 221 -32.40 4.74 49.09
CA THR A 221 -32.94 3.45 48.67
C THR A 221 -33.92 3.67 47.53
N ALA A 222 -34.38 2.57 46.94
CA ALA A 222 -35.33 2.63 45.84
C ALA A 222 -36.03 1.28 45.73
N PHE A 223 -37.12 1.26 44.96
CA PHE A 223 -37.91 0.07 44.74
C PHE A 223 -38.40 0.06 43.31
N HIS A 224 -38.70 -1.14 42.80
CA HIS A 224 -39.18 -1.27 41.43
C HIS A 224 -40.63 -0.80 41.36
N ARG A 225 -40.86 0.33 40.68
CA ARG A 225 -42.19 0.93 40.55
C ARG A 225 -42.76 1.34 41.90
N ASP A 226 -41.91 1.43 42.93
CA ASP A 226 -42.31 1.81 44.28
C ASP A 226 -43.40 0.90 44.84
N ASP A 227 -43.54 -0.31 44.31
CA ASP A 227 -44.59 -1.23 44.77
C ASP A 227 -44.39 -1.70 46.21
N HIS A 228 -43.38 -2.53 46.46
CA HIS A 228 -43.10 -3.09 47.78
C HIS A 228 -41.80 -3.89 47.70
N GLU A 229 -41.37 -4.39 48.87
CA GLU A 229 -40.18 -5.22 48.97
C GLU A 229 -40.56 -6.63 48.52
N THR A 230 -40.12 -7.03 47.33
CA THR A 230 -40.45 -8.34 46.81
C THR A 230 -39.25 -8.89 46.05
N ASP A 231 -39.42 -10.08 45.47
CA ASP A 231 -38.40 -10.76 44.70
C ASP A 231 -38.95 -11.14 43.33
N MET A 232 -38.08 -11.07 42.32
CA MET A 232 -38.45 -11.42 40.95
C MET A 232 -37.34 -12.27 40.35
N GLU A 233 -37.71 -13.16 39.44
CA GLU A 233 -36.76 -14.05 38.79
C GLU A 233 -36.06 -13.34 37.64
N LEU A 234 -34.89 -13.87 37.29
CA LEU A 234 -34.09 -13.32 36.20
C LEU A 234 -34.40 -14.09 34.91
N LYS A 235 -34.32 -13.39 33.78
CA LYS A 235 -34.57 -13.97 32.47
C LYS A 235 -33.35 -13.81 31.58
N PRO A 236 -33.15 -14.72 30.62
CA PRO A 236 -31.97 -14.60 29.75
C PRO A 236 -32.02 -13.37 28.86
N ALA A 237 -30.84 -12.90 28.48
CA ALA A 237 -30.74 -11.73 27.62
C ALA A 237 -31.39 -12.02 26.27
N ASN A 238 -31.98 -10.98 25.67
CA ASN A 238 -32.66 -11.14 24.39
C ASN A 238 -31.74 -11.58 23.26
N ALA A 239 -30.58 -10.94 23.06
CA ALA A 239 -29.68 -11.33 21.99
C ALA A 239 -28.38 -11.91 22.50
N ALA A 240 -27.58 -11.08 23.20
CA ALA A 240 -26.29 -11.46 23.76
C ALA A 240 -25.48 -12.35 22.81
N THR A 241 -24.74 -13.33 23.32
CA THR A 241 -23.98 -14.26 22.51
C THR A 241 -24.02 -15.62 23.20
N ARG A 242 -23.81 -16.67 22.42
CA ARG A 242 -23.83 -18.01 23.00
C ARG A 242 -22.69 -18.24 23.98
N THR A 243 -21.58 -17.51 23.83
CA THR A 243 -20.42 -17.64 24.70
C THR A 243 -20.34 -16.56 25.77
N SER A 244 -21.29 -15.61 25.80
CA SER A 244 -21.33 -14.53 26.78
C SER A 244 -22.74 -14.39 27.34
N ARG A 245 -23.29 -15.51 27.80
CA ARG A 245 -24.63 -15.56 28.34
C ARG A 245 -24.83 -14.52 29.44
N GLY A 246 -25.99 -13.87 29.41
CA GLY A 246 -26.34 -12.86 30.39
C GLY A 246 -27.81 -12.96 30.74
N TRP A 247 -28.14 -12.45 31.92
CA TRP A 247 -29.50 -12.47 32.42
C TRP A 247 -29.86 -11.13 33.05
N HIS A 248 -31.17 -10.85 33.10
CA HIS A 248 -31.67 -9.62 33.67
C HIS A 248 -33.10 -9.84 34.14
N THR A 249 -33.56 -8.94 35.03
CA THR A 249 -34.92 -9.03 35.55
C THR A 249 -35.95 -8.33 34.66
N THR A 250 -35.53 -7.34 33.88
CA THR A 250 -36.45 -6.62 33.01
C THR A 250 -35.70 -6.20 31.76
N ASP A 251 -36.34 -6.35 30.61
CA ASP A 251 -35.74 -6.00 29.34
C ASP A 251 -35.62 -4.49 29.20
N THR A 267 -39.95 5.13 40.52
CA THR A 267 -38.55 4.65 40.29
C THR A 267 -38.56 3.27 39.64
N THR A 268 -37.52 2.99 38.86
CA THR A 268 -37.35 1.72 38.16
C THR A 268 -36.02 1.10 38.57
N VAL A 269 -36.06 -0.17 38.95
CA VAL A 269 -34.89 -0.91 39.37
C VAL A 269 -34.78 -2.18 38.53
N ASN A 270 -33.57 -2.52 38.12
CA ASN A 270 -33.30 -3.70 37.30
C ASN A 270 -32.05 -4.40 37.80
N CYS A 271 -32.14 -5.73 37.91
CA CYS A 271 -31.03 -6.58 38.35
C CYS A 271 -30.45 -7.26 37.12
N ILE A 272 -29.13 -7.23 36.99
CA ILE A 272 -28.45 -7.81 35.84
C ILE A 272 -27.31 -8.71 36.31
N VAL A 273 -27.18 -9.86 35.66
CA VAL A 273 -26.13 -10.84 35.94
C VAL A 273 -25.56 -11.27 34.60
N GLU A 274 -24.23 -11.25 34.47
CA GLU A 274 -23.57 -11.61 33.23
C GLU A 274 -22.33 -12.45 33.48
N GLU A 275 -22.04 -13.33 32.53
CA GLU A 275 -20.88 -14.20 32.56
C GLU A 275 -19.93 -13.73 31.48
N VAL A 276 -18.76 -13.25 31.87
CA VAL A 276 -17.77 -12.73 30.94
C VAL A 276 -16.42 -13.40 31.16
N ASP A 277 -15.55 -13.27 30.17
CA ASP A 277 -14.22 -13.84 30.24
C ASP A 277 -13.27 -12.90 30.98
N ALA A 278 -12.20 -13.48 31.52
CA ALA A 278 -11.19 -12.73 32.26
C ALA A 278 -9.82 -13.26 31.87
N ARG A 279 -8.82 -12.40 31.99
CA ARG A 279 -7.44 -12.77 31.65
C ARG A 279 -6.47 -12.14 32.63
N SER A 280 -5.39 -12.86 32.91
CA SER A 280 -4.35 -12.41 33.81
C SER A 280 -3.00 -12.76 33.20
N VAL A 281 -1.99 -11.95 33.53
CA VAL A 281 -0.63 -12.14 33.02
C VAL A 281 0.24 -12.66 34.16
N TYR A 282 1.48 -13.06 33.81
CA TYR A 282 2.47 -13.63 34.72
C TYR A 282 2.51 -13.02 36.11
N PRO A 283 2.49 -11.69 36.27
CA PRO A 283 2.51 -11.14 37.64
C PRO A 283 1.33 -11.61 38.47
N TYR A 284 0.19 -11.87 37.85
CA TYR A 284 -1.01 -12.34 38.54
C TYR A 284 -1.48 -11.36 39.61
N ASP A 285 -1.14 -10.08 39.46
CA ASP A 285 -1.57 -9.07 40.43
C ASP A 285 -2.92 -8.48 40.07
N GLU A 286 -3.29 -8.51 38.79
CA GLU A 286 -4.56 -7.96 38.33
C GLU A 286 -5.08 -8.82 37.19
N PHE A 287 -6.39 -8.75 36.96
CA PHE A 287 -7.03 -9.48 35.88
C PHE A 287 -8.09 -8.58 35.27
N VAL A 288 -8.07 -8.49 33.95
CA VAL A 288 -8.98 -7.64 33.19
C VAL A 288 -10.17 -8.47 32.72
N LEU A 289 -11.36 -7.90 32.83
CA LEU A 289 -12.58 -8.55 32.41
C LEU A 289 -12.86 -8.24 30.94
N ALA A 290 -13.84 -8.95 30.37
CA ALA A 290 -14.18 -8.72 28.98
C ALA A 290 -14.72 -7.31 28.74
N THR A 291 -15.27 -6.66 29.77
CA THR A 291 -15.80 -5.32 29.63
C THR A 291 -14.72 -4.25 29.57
N GLY A 292 -13.45 -4.61 29.77
CA GLY A 292 -12.36 -3.66 29.75
C GLY A 292 -11.99 -3.09 31.11
N ASP A 293 -12.82 -3.32 32.13
CA ASP A 293 -12.52 -2.81 33.46
C ASP A 293 -11.58 -3.76 34.18
N PHE A 294 -10.52 -3.19 34.76
CA PHE A 294 -9.54 -3.97 35.48
C PHE A 294 -9.97 -4.21 36.92
N VAL A 295 -9.52 -5.33 37.48
CA VAL A 295 -9.80 -5.71 38.85
C VAL A 295 -8.46 -5.84 39.54
N TYR A 296 -8.10 -4.83 40.33
CA TYR A 296 -6.81 -4.81 41.04
C TYR A 296 -6.82 -5.82 42.18
N MET A 297 -6.64 -7.08 41.81
CA MET A 297 -6.62 -8.18 42.76
C MET A 297 -6.14 -9.44 42.04
N SER A 298 -5.39 -10.26 42.75
CA SER A 298 -4.88 -11.49 42.16
C SER A 298 -6.01 -12.51 42.01
N PRO A 299 -6.12 -13.18 40.85
CA PRO A 299 -7.20 -14.16 40.71
C PRO A 299 -7.06 -15.38 41.61
N PHE A 300 -5.87 -15.64 42.13
CA PHE A 300 -5.63 -16.79 43.00
C PHE A 300 -5.76 -16.47 44.48
N TYR A 301 -6.15 -15.24 44.84
CA TYR A 301 -6.28 -14.88 46.24
C TYR A 301 -7.41 -15.68 46.88
N GLY A 302 -7.23 -16.02 48.15
CA GLY A 302 -8.22 -16.79 48.87
C GLY A 302 -7.71 -17.17 50.25
N TYR A 303 -8.51 -18.01 50.92
CA TYR A 303 -8.20 -18.48 52.27
C TYR A 303 -8.11 -19.99 52.38
N ARG A 304 -8.52 -20.74 51.34
CA ARG A 304 -8.52 -22.19 51.42
C ARG A 304 -7.12 -22.77 51.55
N GLU A 305 -6.20 -22.40 50.66
CA GLU A 305 -4.85 -22.95 50.64
C GLU A 305 -3.80 -21.90 50.99
N GLY A 306 -4.08 -21.11 52.02
CA GLY A 306 -3.14 -20.10 52.46
C GLY A 306 -2.73 -19.09 51.40
N SER A 307 -3.67 -18.64 50.56
CA SER A 307 -3.38 -17.67 49.52
C SER A 307 -3.47 -16.24 50.01
N HIS A 308 -3.32 -16.01 51.32
CA HIS A 308 -3.39 -14.65 51.85
C HIS A 308 -2.24 -13.79 51.37
N THR A 309 -1.09 -14.39 51.03
CA THR A 309 0.05 -13.64 50.55
C THR A 309 -0.14 -13.07 49.16
N GLU A 310 -1.19 -13.48 48.44
CA GLU A 310 -1.42 -12.96 47.11
C GLU A 310 -1.77 -11.47 47.16
N HIS A 311 -1.41 -10.77 46.09
CA HIS A 311 -1.66 -9.33 46.03
C HIS A 311 -3.15 -9.03 46.04
N THR A 312 -3.51 -7.92 46.69
CA THR A 312 -4.89 -7.48 46.79
C THR A 312 -4.89 -6.00 47.16
N SER A 313 -5.86 -5.27 46.63
CA SER A 313 -5.99 -3.84 46.87
C SER A 313 -7.37 -3.44 47.38
N TYR A 314 -8.15 -4.39 47.91
CA TYR A 314 -9.48 -4.13 48.43
C TYR A 314 -9.54 -4.54 49.90
N ALA A 315 -10.39 -3.83 50.66
CA ALA A 315 -10.53 -4.13 52.08
C ALA A 315 -11.05 -5.54 52.30
N ALA A 316 -10.81 -6.07 53.50
CA ALA A 316 -11.24 -7.42 53.83
C ALA A 316 -12.76 -7.56 53.77
N ASP A 317 -13.48 -6.50 54.13
CA ASP A 317 -14.94 -6.53 54.11
C ASP A 317 -15.52 -6.55 52.70
N ARG A 318 -14.70 -6.31 51.68
CA ARG A 318 -15.15 -6.30 50.29
C ARG A 318 -14.90 -7.62 49.57
N PHE A 319 -14.53 -8.68 50.29
CA PHE A 319 -14.26 -9.98 49.69
C PHE A 319 -14.80 -11.09 50.57
N LYS A 320 -15.26 -12.16 49.92
CA LYS A 320 -15.80 -13.32 50.61
C LYS A 320 -15.58 -14.56 49.74
N GLN A 321 -15.28 -15.68 50.41
CA GLN A 321 -15.05 -16.96 49.76
C GLN A 321 -16.00 -17.97 50.39
N VAL A 322 -16.58 -18.83 49.56
CA VAL A 322 -17.54 -19.84 50.00
C VAL A 322 -17.00 -21.22 49.67
N ASP A 323 -16.99 -22.10 50.67
CA ASP A 323 -16.54 -23.47 50.49
C ASP A 323 -17.75 -24.37 50.26
N GLY A 324 -17.59 -25.35 49.38
CA GLY A 324 -18.71 -26.23 49.08
C GLY A 324 -19.79 -25.57 48.27
N PHE A 325 -19.47 -24.47 47.58
CA PHE A 325 -20.44 -23.74 46.79
C PHE A 325 -20.92 -24.57 45.59
N TYR A 326 -22.20 -24.46 45.29
CA TYR A 326 -22.84 -25.14 44.17
C TYR A 326 -23.37 -24.11 43.17
N ALA A 327 -23.04 -24.30 41.90
CA ALA A 327 -23.49 -23.38 40.87
C ALA A 327 -24.90 -23.76 40.40
N ARG A 328 -25.53 -22.83 39.68
CA ARG A 328 -26.87 -23.03 39.16
C ARG A 328 -26.99 -22.22 37.86
N ASP A 329 -27.09 -22.93 36.73
CA ASP A 329 -27.25 -22.26 35.45
C ASP A 329 -28.65 -21.67 35.40
N LEU A 330 -28.75 -20.34 35.39
CA LEU A 330 -30.05 -19.69 35.37
C LEU A 330 -30.89 -20.07 34.16
N THR A 331 -30.26 -20.48 33.05
CA THR A 331 -31.03 -20.86 31.87
C THR A 331 -31.83 -22.14 32.10
N THR A 332 -31.33 -23.04 32.96
CA THR A 332 -32.00 -24.30 33.25
C THR A 332 -32.35 -24.52 34.71
N LYS A 333 -31.65 -23.88 35.65
CA LYS A 333 -31.90 -24.04 37.08
C LYS A 333 -31.78 -25.49 37.52
N ALA A 334 -30.83 -26.23 36.94
CA ALA A 334 -30.65 -27.64 37.28
C ALA A 334 -29.69 -27.87 38.43
N ARG A 335 -29.03 -26.82 38.95
CA ARG A 335 -28.10 -26.93 40.07
C ARG A 335 -26.85 -27.71 39.68
N ALA A 336 -25.72 -27.36 40.28
CA ALA A 336 -24.47 -28.04 39.98
C ALA A 336 -24.46 -29.45 40.55
N THR A 337 -23.58 -30.29 40.01
CA THR A 337 -23.49 -31.68 40.47
C THR A 337 -22.43 -31.88 41.54
N ALA A 338 -21.34 -31.12 41.50
CA ALA A 338 -20.26 -31.24 42.47
C ALA A 338 -19.88 -29.85 42.97
N PRO A 339 -19.30 -29.74 44.18
CA PRO A 339 -18.92 -28.42 44.68
C PRO A 339 -17.73 -27.82 43.95
N THR A 340 -17.59 -26.50 44.11
CA THR A 340 -16.50 -25.72 43.53
C THR A 340 -16.38 -24.46 44.37
N THR A 341 -15.27 -24.29 45.08
CA THR A 341 -15.11 -23.10 45.91
C THR A 341 -15.21 -21.85 45.04
N ARG A 342 -16.05 -20.91 45.48
CA ARG A 342 -16.32 -19.69 44.75
C ARG A 342 -15.81 -18.47 45.51
N ASN A 343 -15.24 -17.52 44.78
CA ASN A 343 -14.75 -16.27 45.33
C ASN A 343 -15.74 -15.17 44.98
N LEU A 344 -15.79 -14.14 45.81
CA LEU A 344 -16.70 -13.03 45.61
C LEU A 344 -16.03 -11.72 45.99
N LEU A 345 -16.05 -10.76 45.06
CA LEU A 345 -15.46 -9.44 45.24
C LEU A 345 -16.50 -8.40 44.88
N THR A 346 -16.50 -7.29 45.62
CA THR A 346 -17.44 -6.19 45.41
C THR A 346 -16.66 -4.93 45.07
N THR A 347 -16.67 -4.56 43.79
CA THR A 347 -15.98 -3.38 43.32
C THR A 347 -16.91 -2.18 43.49
N PRO A 348 -16.41 -0.96 43.31
CA PRO A 348 -17.29 0.21 43.45
C PRO A 348 -18.45 0.26 42.47
N LYS A 349 -18.37 -0.47 41.35
CA LYS A 349 -19.41 -0.48 40.33
C LYS A 349 -20.12 -1.81 40.16
N PHE A 350 -19.52 -2.93 40.54
CA PHE A 350 -20.18 -4.22 40.36
C PHE A 350 -19.54 -5.27 41.24
N THR A 351 -20.21 -6.42 41.32
CA THR A 351 -19.75 -7.56 42.08
C THR A 351 -19.28 -8.64 41.12
N VAL A 352 -18.07 -9.14 41.34
CA VAL A 352 -17.45 -10.16 40.49
C VAL A 352 -17.26 -11.42 41.31
N ALA A 353 -17.51 -12.57 40.68
CA ALA A 353 -17.35 -13.87 41.32
C ALA A 353 -16.75 -14.84 40.32
N TRP A 354 -15.79 -15.64 40.78
CA TRP A 354 -15.13 -16.62 39.94
C TRP A 354 -14.69 -17.80 40.79
N ASP A 355 -14.54 -18.95 40.14
CA ASP A 355 -14.11 -20.16 40.84
C ASP A 355 -12.63 -20.07 41.17
N TRP A 356 -12.28 -20.36 42.42
CA TRP A 356 -10.89 -20.32 42.83
C TRP A 356 -10.21 -21.63 42.44
N VAL A 357 -9.21 -21.52 41.55
CA VAL A 357 -8.46 -22.68 41.06
C VAL A 357 -7.02 -22.52 41.53
N PRO A 358 -6.36 -23.56 42.05
CA PRO A 358 -4.97 -23.39 42.49
C PRO A 358 -4.06 -23.02 41.32
N LYS A 359 -3.01 -22.26 41.63
CA LYS A 359 -2.07 -21.82 40.61
C LYS A 359 -1.34 -23.02 40.01
N ARG A 360 -1.36 -23.11 38.69
CA ARG A 360 -0.70 -24.21 38.01
C ARG A 360 0.82 -24.04 38.13
N PRO A 361 1.60 -25.12 38.01
CA PRO A 361 3.06 -24.98 38.10
C PRO A 361 3.58 -24.05 36.99
N SER A 362 4.61 -23.29 37.32
CA SER A 362 5.18 -22.35 36.36
C SER A 362 5.92 -23.04 35.23
N VAL A 363 5.55 -22.68 34.00
CA VAL A 363 6.17 -23.21 32.78
C VAL A 363 7.44 -22.39 32.50
N CYS A 364 8.20 -22.81 31.48
CA CYS A 364 9.44 -22.12 31.11
C CYS A 364 9.23 -20.61 31.02
N THR A 365 10.23 -19.87 31.49
CA THR A 365 10.17 -18.40 31.53
C THR A 365 10.30 -17.72 30.17
N MET A 366 10.77 -18.41 29.13
CA MET A 366 10.93 -17.82 27.81
C MET A 366 10.33 -18.75 26.76
N THR A 367 9.86 -18.16 25.67
CA THR A 367 9.24 -18.89 24.57
C THR A 367 9.80 -18.42 23.24
N LYS A 368 9.88 -19.35 22.29
CA LYS A 368 10.39 -19.03 20.95
C LYS A 368 9.44 -18.08 20.24
N TRP A 369 9.93 -16.88 19.92
CA TRP A 369 9.09 -15.91 19.23
C TRP A 369 9.09 -16.15 17.72
N GLN A 370 10.27 -16.39 17.15
CA GLN A 370 10.36 -16.62 15.71
C GLN A 370 11.75 -17.12 15.35
N GLU A 371 11.81 -18.13 14.48
CA GLU A 371 13.08 -18.67 14.02
C GLU A 371 13.53 -17.88 12.79
N VAL A 372 14.55 -17.06 12.95
CA VAL A 372 15.07 -16.22 11.88
C VAL A 372 15.91 -17.09 10.95
N ASP A 373 15.56 -17.06 9.66
CA ASP A 373 16.29 -17.84 8.67
C ASP A 373 17.64 -17.21 8.34
N GLU A 374 17.74 -15.88 8.44
CA GLU A 374 18.99 -15.19 8.14
C GLU A 374 18.98 -13.89 8.92
N MET A 375 20.06 -13.62 9.66
CA MET A 375 20.17 -12.40 10.46
C MET A 375 21.61 -11.91 10.39
N LEU A 376 21.78 -10.61 10.15
CA LEU A 376 23.10 -10.00 10.06
C LEU A 376 23.43 -9.31 11.37
N ARG A 377 24.68 -9.45 11.82
CA ARG A 377 25.16 -8.85 13.05
C ARG A 377 26.22 -7.81 12.72
N SER A 378 26.10 -6.64 13.34
CA SER A 378 27.04 -5.54 13.14
C SER A 378 27.38 -4.92 14.48
N GLU A 379 28.62 -4.43 14.58
CA GLU A 379 29.13 -3.80 15.79
C GLU A 379 29.31 -2.31 15.53
N TYR A 380 28.70 -1.48 16.38
CA TYR A 380 28.79 -0.04 16.24
C TYR A 380 28.45 0.63 17.56
N GLY A 381 29.24 1.65 17.90
CA GLY A 381 29.03 2.38 19.14
C GLY A 381 29.06 1.52 20.38
N GLY A 382 29.97 0.56 20.46
CA GLY A 382 30.05 -0.30 21.62
C GLY A 382 28.81 -1.13 21.85
N SER A 383 28.08 -1.49 20.80
CA SER A 383 26.86 -2.26 20.93
C SER A 383 26.56 -2.96 19.60
N PHE A 384 26.22 -4.24 19.69
CA PHE A 384 25.91 -4.99 18.48
C PHE A 384 24.58 -4.50 17.90
N ARG A 385 24.34 -4.85 16.64
CA ARG A 385 23.12 -4.46 15.94
C ARG A 385 22.68 -5.62 15.05
N PHE A 386 21.59 -6.26 15.43
CA PHE A 386 21.03 -7.38 14.68
C PHE A 386 19.90 -6.90 13.79
N SER A 387 19.87 -7.38 12.55
CA SER A 387 18.84 -6.99 11.61
C SER A 387 18.47 -8.20 10.77
N SER A 388 17.20 -8.22 10.35
CA SER A 388 16.67 -9.32 9.54
C SER A 388 15.69 -8.75 8.52
N ASP A 389 15.23 -9.61 7.63
CA ASP A 389 14.30 -9.20 6.58
C ASP A 389 12.85 -9.46 6.97
N ALA A 390 12.62 -10.42 7.89
CA ALA A 390 11.26 -10.75 8.29
C ALA A 390 10.86 -10.10 9.61
N ILE A 391 11.80 -9.91 10.53
CA ILE A 391 11.45 -9.32 11.82
C ILE A 391 11.06 -7.85 11.67
N SER A 392 11.71 -7.10 10.80
CA SER A 392 11.43 -5.68 10.58
C SER A 392 11.75 -4.83 11.81
N THR A 393 12.65 -5.32 12.67
CA THR A 393 13.06 -4.61 13.87
C THR A 393 14.54 -4.88 14.11
N THR A 394 15.25 -3.86 14.60
CA THR A 394 16.67 -3.94 14.88
C THR A 394 16.87 -4.07 16.39
N PHE A 395 17.69 -5.04 16.79
CA PHE A 395 17.99 -5.30 18.19
C PHE A 395 19.38 -4.79 18.52
N THR A 396 19.57 -4.37 19.77
CA THR A 396 20.85 -3.85 20.25
C THR A 396 21.24 -4.56 21.54
N THR A 397 22.51 -4.97 21.64
CA THR A 397 23.03 -5.66 22.81
C THR A 397 24.27 -4.93 23.30
N ASN A 398 24.76 -5.36 24.47
CA ASN A 398 25.93 -4.76 25.12
C ASN A 398 27.25 -5.44 24.77
N LEU A 399 27.32 -6.17 23.66
CA LEU A 399 28.53 -6.85 23.21
C LEU A 399 29.00 -7.98 24.12
N THR A 400 28.27 -8.28 25.19
CA THR A 400 28.67 -9.34 26.09
C THR A 400 27.62 -10.44 26.11
N GLU A 401 28.06 -11.67 25.87
CA GLU A 401 27.14 -12.80 25.86
C GLU A 401 26.51 -12.99 27.22
N TYR A 402 25.19 -13.13 27.23
CA TYR A 402 24.49 -13.34 28.48
C TYR A 402 24.85 -14.71 29.04
N PRO A 403 25.28 -14.82 30.31
CA PRO A 403 25.62 -16.17 30.80
C PRO A 403 24.39 -17.05 30.99
N LEU A 404 23.94 -17.64 29.87
CA LEU A 404 22.77 -18.52 29.91
C LEU A 404 23.00 -19.69 30.86
N SER A 405 24.24 -20.16 30.97
CA SER A 405 24.54 -21.26 31.87
C SER A 405 24.30 -20.89 33.34
N ARG A 406 24.28 -19.60 33.65
CA ARG A 406 24.03 -19.15 35.02
C ARG A 406 22.66 -19.57 35.53
N VAL A 407 21.70 -19.80 34.64
CA VAL A 407 20.34 -20.21 35.00
C VAL A 407 20.16 -21.66 34.56
N ASP A 408 19.41 -22.42 35.35
CA ASP A 408 19.16 -23.82 35.02
C ASP A 408 18.14 -23.97 33.89
N LEU A 409 17.58 -22.88 33.38
CA LEU A 409 16.60 -22.94 32.31
C LEU A 409 17.25 -23.21 30.95
N GLY A 410 18.56 -23.42 30.92
CA GLY A 410 19.26 -23.70 29.68
C GLY A 410 18.70 -24.94 29.01
N ASP A 411 18.22 -25.89 29.82
CA ASP A 411 17.62 -27.11 29.28
C ASP A 411 16.37 -26.82 28.46
N CYS A 412 15.73 -25.67 28.68
CA CYS A 412 14.52 -25.28 27.94
C CYS A 412 14.86 -24.36 26.78
N ILE A 413 15.82 -23.45 26.99
CA ILE A 413 16.20 -22.51 25.94
C ILE A 413 17.41 -23.03 25.16
N GLY A 414 18.44 -23.48 25.87
CA GLY A 414 19.61 -24.00 25.18
C GLY A 414 19.30 -25.21 24.33
N LYS A 415 18.37 -26.05 24.79
CA LYS A 415 17.99 -27.23 24.04
C LYS A 415 17.17 -26.83 22.80
N ASP A 416 16.13 -26.03 23.01
CA ASP A 416 15.30 -25.59 21.89
C ASP A 416 16.07 -24.72 20.92
N ALA A 417 16.93 -23.84 21.42
CA ALA A 417 17.71 -22.96 20.54
C ALA A 417 18.65 -23.76 19.66
N ARG A 418 19.54 -24.55 20.28
CA ARG A 418 20.51 -25.34 19.51
C ARG A 418 19.83 -26.27 18.52
N ASP A 419 18.67 -26.83 18.89
CA ASP A 419 17.98 -27.72 17.97
C ASP A 419 17.52 -26.96 16.73
N ALA A 420 17.22 -25.67 16.88
CA ALA A 420 16.77 -24.88 15.73
C ALA A 420 17.95 -24.45 14.85
N MET A 421 19.13 -24.24 15.45
CA MET A 421 20.29 -23.84 14.66
C MET A 421 20.65 -24.89 13.62
N ASP A 422 20.73 -26.16 14.04
CA ASP A 422 21.07 -27.22 13.11
C ASP A 422 19.97 -27.43 12.08
N ARG A 423 18.71 -27.31 12.48
CA ARG A 423 17.61 -27.49 11.54
C ARG A 423 17.65 -26.44 10.44
N ILE A 424 17.87 -25.18 10.82
CA ILE A 424 17.94 -24.11 9.82
C ILE A 424 19.20 -24.26 8.98
N PHE A 425 20.32 -24.61 9.62
CA PHE A 425 21.58 -24.77 8.90
C PHE A 425 21.50 -25.91 7.89
N ALA A 426 20.91 -27.03 8.29
CA ALA A 426 20.81 -28.16 7.39
C ALA A 426 19.81 -27.90 6.26
N ARG A 427 18.91 -26.94 6.44
CA ARG A 427 17.92 -26.66 5.41
C ARG A 427 18.53 -25.99 4.19
N ARG A 428 19.35 -24.95 4.40
CA ARG A 428 19.95 -24.22 3.28
C ARG A 428 21.43 -23.86 3.42
N TYR A 429 21.98 -23.79 4.63
CA TYR A 429 23.38 -23.39 4.80
C TYR A 429 24.37 -24.54 4.83
N ASN A 430 23.92 -25.80 4.80
CA ASN A 430 24.89 -26.90 4.85
C ASN A 430 25.68 -27.03 3.55
N ALA A 431 25.12 -26.59 2.42
CA ALA A 431 25.80 -26.73 1.14
C ALA A 431 26.60 -25.50 0.72
N THR A 432 26.50 -24.38 1.43
CA THR A 432 27.25 -23.18 1.02
C THR A 432 27.97 -22.44 2.15
N HIS A 433 27.58 -22.67 3.41
CA HIS A 433 28.19 -21.99 4.54
C HIS A 433 28.77 -22.98 5.55
N ILE A 434 29.56 -22.44 6.46
CA ILE A 434 30.22 -23.20 7.53
C ILE A 434 30.00 -22.46 8.84
N LYS A 435 29.79 -23.21 9.91
CA LYS A 435 29.57 -22.63 11.23
C LYS A 435 30.88 -22.07 11.78
N VAL A 436 30.79 -20.94 12.48
CA VAL A 436 31.97 -20.28 13.06
C VAL A 436 31.82 -20.35 14.57
N GLY A 437 32.44 -21.36 15.17
CA GLY A 437 32.39 -21.53 16.60
C GLY A 437 31.03 -21.97 17.12
N GLN A 438 30.91 -21.93 18.45
CA GLN A 438 29.69 -22.32 19.11
C GLN A 438 28.66 -21.18 19.06
N PRO A 439 27.38 -21.47 19.32
CA PRO A 439 26.38 -20.40 19.30
C PRO A 439 26.65 -19.36 20.39
N GLN A 440 25.89 -18.26 20.33
CA GLN A 440 26.00 -17.17 21.28
C GLN A 440 24.62 -16.66 21.65
N TYR A 441 24.50 -16.15 22.87
CA TYR A 441 23.24 -15.61 23.39
C TYR A 441 23.47 -14.19 23.87
N TYR A 442 22.53 -13.30 23.57
CA TYR A 442 22.62 -11.89 23.96
C TYR A 442 21.26 -11.36 24.35
N LEU A 443 21.23 -10.50 25.36
CA LEU A 443 19.99 -9.87 25.80
C LEU A 443 19.85 -8.53 25.08
N ALA A 444 18.80 -8.40 24.30
CA ALA A 444 18.54 -7.19 23.52
C ALA A 444 17.55 -6.28 24.24
N ASN A 445 17.57 -5.01 23.83
CA ASN A 445 16.67 -4.03 24.41
C ASN A 445 15.23 -4.41 24.09
N GLY A 446 14.35 -4.27 25.08
CA GLY A 446 12.96 -4.61 24.94
C GLY A 446 12.55 -5.93 25.57
N GLY A 447 13.50 -6.67 26.14
CA GLY A 447 13.20 -7.94 26.78
C GLY A 447 13.40 -9.17 25.93
N PHE A 448 14.08 -9.05 24.78
CA PHE A 448 14.31 -10.19 23.92
C PHE A 448 15.67 -10.83 24.16
N LEU A 449 15.71 -12.15 24.06
CA LEU A 449 16.91 -12.96 24.18
C LEU A 449 17.18 -13.52 22.80
N ILE A 450 18.29 -13.13 22.19
CA ILE A 450 18.64 -13.53 20.83
C ILE A 450 19.76 -14.54 20.84
N ALA A 451 19.48 -15.74 20.33
CA ALA A 451 20.48 -16.77 20.18
C ALA A 451 21.11 -16.56 18.81
N TYR A 452 22.42 -16.74 18.71
CA TYR A 452 23.10 -16.50 17.44
C TYR A 452 24.05 -17.63 17.09
N GLN A 453 24.33 -17.74 15.80
CA GLN A 453 25.24 -18.76 15.25
C GLN A 453 25.89 -18.09 14.04
N PRO A 454 27.02 -17.41 14.22
CA PRO A 454 27.65 -16.73 13.07
C PRO A 454 28.06 -17.72 11.98
N LEU A 455 27.91 -17.28 10.73
CA LEU A 455 28.23 -18.06 9.55
C LEU A 455 28.99 -17.22 8.55
N LEU A 456 29.67 -17.90 7.62
CA LEU A 456 30.42 -17.25 6.56
C LEU A 456 30.37 -18.16 5.34
N SER A 457 30.27 -17.54 4.16
CA SER A 457 30.19 -18.29 2.93
C SER A 457 31.49 -19.02 2.63
N ASN A 458 31.39 -20.02 1.75
CA ASN A 458 32.57 -20.80 1.37
C ASN A 458 33.60 -19.92 0.68
N THR A 459 33.17 -18.97 -0.15
CA THR A 459 34.10 -18.09 -0.83
C THR A 459 34.91 -17.29 0.19
N LEU A 460 34.24 -16.77 1.22
CA LEU A 460 34.95 -16.02 2.26
C LEU A 460 35.87 -16.94 3.05
N ALA A 461 35.47 -18.21 3.22
CA ALA A 461 36.31 -19.16 3.94
C ALA A 461 37.61 -19.40 3.20
N GLU A 462 37.55 -19.47 1.87
CA GLU A 462 38.76 -19.68 1.08
C GLU A 462 39.75 -18.55 1.29
N LEU A 463 39.25 -17.31 1.38
CA LEU A 463 40.14 -16.17 1.58
C LEU A 463 40.81 -16.24 2.95
N TYR A 464 40.08 -16.65 3.99
CA TYR A 464 40.66 -16.73 5.32
C TYR A 464 41.72 -17.83 5.39
N VAL A 465 41.40 -19.04 4.90
CA VAL A 465 42.37 -20.11 4.94
C VAL A 465 43.56 -19.79 4.05
N ARG A 466 43.31 -19.16 2.89
CA ARG A 466 44.41 -18.80 2.01
C ARG A 466 45.32 -17.78 2.68
N GLU A 467 44.73 -16.78 3.34
CA GLU A 467 45.53 -15.78 4.03
C GLU A 467 46.22 -16.40 5.24
N HIS A 468 45.54 -17.32 5.93
CA HIS A 468 46.15 -17.98 7.08
C HIS A 468 47.37 -18.79 6.65
N LEU A 469 47.30 -19.43 5.49
CA LEU A 469 48.45 -20.21 5.01
C LEU A 469 49.65 -19.29 4.79
N ARG A 470 49.41 -18.08 4.29
CA ARG A 470 50.51 -17.14 4.09
C ARG A 470 51.14 -16.78 5.43
N GLU A 471 50.32 -16.56 6.45
CA GLU A 471 50.84 -16.24 7.77
C GLU A 471 51.56 -17.43 8.38
N GLN A 472 51.18 -18.65 7.99
CA GLN A 472 51.82 -19.84 8.52
C GLN A 472 53.31 -19.91 8.18
N SER A 473 53.71 -19.26 7.09
CA SER A 473 55.11 -19.26 6.68
C SER A 473 55.99 -18.59 7.73
N ILE A 501 42.54 -23.57 9.94
CA ILE A 501 41.37 -24.48 10.07
C ILE A 501 40.37 -23.92 11.08
N GLU A 502 40.86 -23.23 12.10
CA GLU A 502 40.01 -22.65 13.12
C GLU A 502 39.56 -21.27 12.68
N PHE A 503 38.28 -21.14 12.30
CA PHE A 503 37.75 -19.86 11.89
C PHE A 503 37.55 -18.93 13.08
N ALA A 504 37.32 -19.47 14.26
CA ALA A 504 37.17 -18.64 15.45
C ALA A 504 38.50 -17.96 15.74
N ARG A 505 38.44 -16.82 16.41
CA ARG A 505 39.60 -16.00 16.76
C ARG A 505 40.45 -15.64 15.54
N LEU A 506 39.85 -15.74 14.35
CA LEU A 506 40.53 -15.39 13.10
C LEU A 506 39.71 -14.40 12.31
N GLN A 507 38.38 -14.51 12.41
CA GLN A 507 37.49 -13.60 11.73
C GLN A 507 37.70 -12.18 12.26
N PHE A 508 37.56 -11.19 11.37
CA PHE A 508 37.75 -9.78 11.69
C PHE A 508 39.23 -9.44 11.93
N THR A 509 40.13 -10.41 11.76
CA THR A 509 41.55 -10.13 11.96
C THR A 509 42.17 -9.48 10.73
N TYR A 510 41.92 -10.06 9.56
CA TYR A 510 42.44 -9.54 8.30
C TYR A 510 41.55 -8.37 7.89
N ASN A 511 42.03 -7.15 8.14
CA ASN A 511 41.26 -5.96 7.82
C ASN A 511 41.00 -5.85 6.32
N HIS A 512 42.01 -6.15 5.50
CA HIS A 512 41.83 -6.06 4.05
C HIS A 512 40.74 -7.01 3.56
N ILE A 513 40.55 -8.15 4.24
CA ILE A 513 39.51 -9.08 3.84
C ILE A 513 38.17 -8.66 4.43
N GLN A 514 38.18 -7.97 5.57
CA GLN A 514 36.93 -7.54 6.20
C GLN A 514 36.40 -6.25 5.57
N ARG A 515 37.25 -5.49 4.89
CA ARG A 515 36.80 -4.25 4.28
C ARG A 515 35.74 -4.46 3.21
N PRO A 516 35.88 -5.37 2.24
CA PRO A 516 34.81 -5.53 1.25
C PRO A 516 33.55 -6.17 1.79
N VAL A 517 33.67 -7.12 2.71
CA VAL A 517 32.46 -7.77 3.24
C VAL A 517 31.64 -6.77 4.05
N ASN A 518 32.30 -5.82 4.73
CA ASN A 518 31.56 -4.82 5.49
C ASN A 518 30.70 -3.97 4.58
N ASP A 519 31.25 -3.60 3.42
CA ASP A 519 30.49 -2.79 2.47
C ASP A 519 29.42 -3.63 1.78
N MET A 520 29.74 -4.88 1.45
CA MET A 520 28.77 -5.76 0.79
C MET A 520 27.55 -5.98 1.66
N LEU A 521 27.75 -6.52 2.86
CA LEU A 521 26.63 -6.76 3.76
C LEU A 521 25.98 -5.45 4.19
N GLY A 522 26.71 -4.33 4.13
CA GLY A 522 26.13 -3.05 4.50
C GLY A 522 24.95 -2.68 3.61
N ARG A 523 25.08 -2.92 2.31
CA ARG A 523 24.00 -2.61 1.39
C ARG A 523 22.77 -3.47 1.69
N VAL A 524 23.00 -4.73 2.02
CA VAL A 524 21.89 -5.64 2.33
C VAL A 524 21.13 -5.15 3.55
N ALA A 525 21.86 -4.77 4.61
CA ALA A 525 21.20 -4.27 5.81
C ALA A 525 20.45 -2.98 5.53
N ILE A 526 21.06 -2.07 4.76
CA ILE A 526 20.40 -0.81 4.43
C ILE A 526 19.21 -1.06 3.51
N ALA A 527 19.34 -2.02 2.59
CA ALA A 527 18.24 -2.31 1.68
C ALA A 527 17.02 -2.82 2.45
N TRP A 528 17.23 -3.69 3.43
CA TRP A 528 16.12 -4.21 4.21
C TRP A 528 15.46 -3.09 5.01
N CYS A 529 16.27 -2.20 5.58
CA CYS A 529 15.72 -1.10 6.38
C CYS A 529 14.86 -0.19 5.52
N GLU A 530 15.33 0.17 4.32
CA GLU A 530 14.56 1.04 3.45
C GLU A 530 13.27 0.35 2.99
N GLU A 531 13.38 -0.93 2.63
CA GLU A 531 12.19 -1.66 2.19
C GLU A 531 11.17 -1.80 3.32
N GLN A 532 11.66 -2.08 4.54
CA GLN A 532 10.75 -2.21 5.67
C GLN A 532 10.03 -0.91 5.98
N ASN A 533 10.74 0.23 5.88
CA ASN A 533 10.10 1.52 6.13
C ASN A 533 9.01 1.76 5.10
N HIS A 534 9.25 1.33 3.86
CA HIS A 534 8.27 1.51 2.79
C HIS A 534 7.00 0.71 3.09
N GLU A 535 7.15 -0.50 3.61
CA GLU A 535 6.00 -1.33 3.92
C GLU A 535 5.32 -0.90 5.21
N LEU A 536 6.10 -0.50 6.21
CA LEU A 536 5.52 -0.09 7.49
C LEU A 536 4.62 1.12 7.34
N THR A 537 5.08 2.14 6.61
CA THR A 537 4.26 3.34 6.43
C THR A 537 2.99 3.04 5.64
N LEU A 538 3.04 2.14 4.66
CA LEU A 538 1.86 1.81 3.90
C LEU A 538 0.91 0.95 4.72
N TRP A 539 1.46 0.01 5.49
CA TRP A 539 0.63 -0.86 6.32
C TRP A 539 -0.08 -0.06 7.41
N ASN A 540 0.62 0.88 8.04
CA ASN A 540 0.02 1.68 9.09
C ASN A 540 -1.13 2.54 8.57
N GLU A 541 -1.01 3.05 7.34
CA GLU A 541 -2.09 3.88 6.79
C GLU A 541 -3.34 3.04 6.53
N ALA A 542 -3.16 1.85 5.95
CA ALA A 542 -4.31 0.99 5.70
C ALA A 542 -4.93 0.52 7.01
N ARG A 543 -4.13 0.41 8.06
CA ARG A 543 -4.64 -0.01 9.36
C ARG A 543 -5.67 0.98 9.88
N LYS A 544 -5.39 2.28 9.72
CA LYS A 544 -6.32 3.31 10.16
C LYS A 544 -7.54 3.36 9.25
N LEU A 545 -7.34 3.03 7.97
CA LEU A 545 -8.45 3.07 7.01
C LEU A 545 -9.42 1.91 7.21
N ASN A 546 -8.94 0.78 7.71
CA ASN A 546 -9.81 -0.39 7.92
C ASN A 546 -9.12 -1.34 8.88
N PRO A 547 -9.23 -1.09 10.19
CA PRO A 547 -8.56 -1.99 11.15
C PRO A 547 -9.11 -3.41 11.13
N ASN A 548 -10.36 -3.62 10.73
CA ASN A 548 -10.92 -4.97 10.73
C ASN A 548 -10.18 -5.89 9.75
N ALA A 549 -9.94 -5.42 8.52
CA ALA A 549 -9.24 -6.26 7.55
C ALA A 549 -7.77 -6.44 7.91
N ILE A 550 -7.12 -5.35 8.33
CA ILE A 550 -5.70 -5.44 8.68
C ILE A 550 -5.50 -6.27 9.94
N ALA A 551 -6.41 -6.16 10.91
CA ALA A 551 -6.27 -6.94 12.13
C ALA A 551 -6.53 -8.42 11.87
N SER A 552 -7.48 -8.72 11.00
CA SER A 552 -7.81 -10.12 10.71
C SER A 552 -6.67 -10.85 10.02
N VAL A 553 -6.02 -10.21 9.03
CA VAL A 553 -4.93 -10.88 8.31
C VAL A 553 -3.70 -11.02 9.20
N THR A 554 -3.44 -10.04 10.07
CA THR A 554 -2.27 -10.10 10.93
C THR A 554 -2.32 -11.22 11.96
N VAL A 555 -3.51 -11.78 12.22
CA VAL A 555 -3.68 -12.85 13.19
C VAL A 555 -4.11 -14.17 12.56
N GLY A 556 -4.52 -14.16 11.28
CA GLY A 556 -4.92 -15.38 10.61
C GLY A 556 -6.35 -15.81 10.81
N ARG A 557 -7.18 -15.01 11.50
CA ARG A 557 -8.58 -15.36 11.73
C ARG A 557 -9.39 -14.08 11.75
N ARG A 558 -10.68 -14.19 11.45
CA ARG A 558 -11.55 -13.02 11.46
C ARG A 558 -11.55 -12.42 12.86
N VAL A 559 -11.35 -11.11 12.92
CA VAL A 559 -11.24 -10.41 14.19
C VAL A 559 -11.76 -8.99 14.08
N SER A 560 -12.28 -8.47 15.19
CA SER A 560 -12.82 -7.12 15.27
C SER A 560 -11.76 -6.21 15.89
N ALA A 561 -11.73 -4.95 15.46
CA ALA A 561 -10.75 -4.03 16.01
C ALA A 561 -11.09 -2.60 15.63
N ARG A 562 -10.67 -1.68 16.48
CA ARG A 562 -10.87 -0.25 16.26
C ARG A 562 -9.73 0.48 16.95
N MET A 563 -9.49 1.72 16.51
CA MET A 563 -8.39 2.52 17.04
C MET A 563 -8.85 3.35 18.23
N LEU A 564 -8.24 3.12 19.39
CA LEU A 564 -8.53 3.87 20.61
C LEU A 564 -7.50 5.00 20.72
N GLY A 565 -7.47 5.84 19.68
CA GLY A 565 -6.53 6.94 19.62
C GLY A 565 -5.34 6.53 18.81
N ASP A 566 -4.20 6.28 19.48
CA ASP A 566 -2.98 5.85 18.81
C ASP A 566 -2.68 4.37 19.05
N VAL A 567 -3.60 3.64 19.68
CA VAL A 567 -3.45 2.21 19.96
C VAL A 567 -4.71 1.53 19.43
N MET A 568 -4.58 0.29 18.99
CA MET A 568 -5.67 -0.47 18.42
C MET A 568 -6.20 -1.53 19.37
N ALA A 569 -7.48 -1.42 19.73
CA ALA A 569 -8.14 -2.39 20.58
C ALA A 569 -8.63 -3.51 19.68
N VAL A 570 -8.57 -4.74 20.18
CA VAL A 570 -8.95 -5.90 19.39
C VAL A 570 -9.80 -6.87 20.20
N SER A 571 -10.69 -7.59 19.50
CA SER A 571 -11.57 -8.57 20.12
C SER A 571 -11.92 -9.62 19.07
N THR A 572 -12.38 -10.78 19.55
CA THR A 572 -12.74 -11.88 18.65
C THR A 572 -14.17 -11.76 18.18
N CYS A 573 -14.45 -12.35 17.02
CA CYS A 573 -15.77 -12.35 16.40
C CYS A 573 -16.44 -13.71 16.58
N VAL A 574 -17.77 -13.70 16.58
CA VAL A 574 -18.58 -14.90 16.75
C VAL A 574 -19.08 -15.34 15.37
N PRO A 575 -18.76 -16.57 14.92
CA PRO A 575 -19.25 -16.98 13.60
C PRO A 575 -20.66 -17.56 13.67
N VAL A 576 -21.39 -17.44 12.57
CA VAL A 576 -22.75 -17.94 12.44
C VAL A 576 -22.91 -18.56 11.06
N ALA A 577 -23.58 -19.70 10.99
CA ALA A 577 -23.77 -20.38 9.72
C ALA A 577 -24.62 -19.56 8.76
N ALA A 578 -24.47 -19.85 7.46
CA ALA A 578 -25.22 -19.13 6.44
C ALA A 578 -26.68 -19.53 6.39
N ASP A 579 -27.02 -20.75 6.82
CA ASP A 579 -28.41 -21.18 6.79
C ASP A 579 -29.25 -20.55 7.91
N ASN A 580 -28.61 -19.82 8.82
CA ASN A 580 -29.30 -19.18 9.94
C ASN A 580 -29.51 -17.69 9.74
N VAL A 581 -29.35 -17.16 8.52
CA VAL A 581 -29.52 -15.75 8.24
C VAL A 581 -30.44 -15.58 7.04
N ILE A 582 -31.30 -14.56 7.11
CA ILE A 582 -32.26 -14.25 6.06
C ILE A 582 -32.12 -12.77 5.72
N VAL A 583 -32.27 -12.43 4.44
CA VAL A 583 -32.14 -11.06 3.97
C VAL A 583 -33.52 -10.56 3.57
N GLN A 584 -33.85 -9.34 4.00
CA GLN A 584 -35.16 -8.77 3.68
C GLN A 584 -35.24 -8.46 2.20
N ASN A 585 -36.47 -8.50 1.66
CA ASN A 585 -36.70 -8.23 0.25
C ASN A 585 -36.58 -6.75 -0.12
N SER A 586 -36.63 -5.84 0.85
CA SER A 586 -36.53 -4.42 0.57
C SER A 586 -35.65 -3.73 1.61
N MET A 587 -34.99 -2.66 1.18
CA MET A 587 -34.11 -1.87 2.03
C MET A 587 -34.65 -0.46 2.24
N ARG A 588 -35.90 -0.21 1.85
CA ARG A 588 -36.51 1.10 2.02
C ARG A 588 -37.26 1.13 3.35
N ILE A 589 -37.23 2.28 4.03
CA ILE A 589 -37.88 2.44 5.32
C ILE A 589 -39.17 3.23 5.05
N SER A 590 -40.30 2.68 5.49
CA SER A 590 -41.58 3.35 5.25
C SER A 590 -41.89 4.42 6.29
N SER A 591 -41.14 4.47 7.39
CA SER A 591 -41.41 5.46 8.42
C SER A 591 -41.19 6.89 7.94
N ARG A 592 -40.28 7.11 7.00
CA ARG A 592 -40.04 8.46 6.49
C ARG A 592 -39.56 8.42 5.03
N PRO A 593 -40.34 8.92 4.07
CA PRO A 593 -39.88 8.90 2.68
C PRO A 593 -38.65 9.77 2.50
N GLY A 594 -37.84 9.43 1.49
CA GLY A 594 -36.62 10.16 1.20
C GLY A 594 -35.38 9.58 1.83
N ALA A 595 -35.51 8.60 2.72
CA ALA A 595 -34.39 7.96 3.38
C ALA A 595 -34.53 6.45 3.26
N CYS A 596 -33.39 5.78 3.07
CA CYS A 596 -33.39 4.33 2.93
C CYS A 596 -32.02 3.80 3.33
N TYR A 597 -32.01 2.56 3.81
CA TYR A 597 -30.79 1.92 4.25
C TYR A 597 -29.83 1.74 3.08
N SER A 598 -28.54 1.97 3.34
CA SER A 598 -27.52 1.83 2.31
C SER A 598 -27.12 0.37 2.06
N ARG A 599 -27.45 -0.54 2.97
CA ARG A 599 -27.13 -1.95 2.83
C ARG A 599 -28.36 -2.76 3.17
N PRO A 600 -28.48 -3.99 2.66
CA PRO A 600 -29.68 -4.79 2.94
C PRO A 600 -29.83 -5.14 4.42
N LEU A 601 -31.08 -5.24 4.86
CA LEU A 601 -31.37 -5.61 6.23
C LEU A 601 -31.38 -7.13 6.32
N VAL A 602 -31.01 -7.66 7.50
CA VAL A 602 -30.95 -9.10 7.70
C VAL A 602 -31.48 -9.47 9.08
N SER A 603 -32.00 -10.70 9.16
CA SER A 603 -32.53 -11.29 10.37
C SER A 603 -31.87 -12.66 10.50
N PHE A 604 -31.33 -12.97 11.66
CA PHE A 604 -30.64 -14.23 11.85
C PHE A 604 -30.79 -14.72 13.29
N ARG A 605 -30.21 -15.90 13.53
CA ARG A 605 -30.21 -16.55 14.83
C ARG A 605 -28.79 -17.06 15.07
N TYR A 606 -28.31 -16.91 16.31
CA TYR A 606 -26.96 -17.34 16.63
C TYR A 606 -26.77 -18.84 16.44
N GLU A 607 -27.83 -19.63 16.62
CA GLU A 607 -27.74 -21.07 16.46
C GLU A 607 -29.07 -21.60 15.94
N ASP A 608 -29.04 -22.82 15.42
CA ASP A 608 -30.25 -23.44 14.89
C ASP A 608 -31.32 -23.54 15.97
N GLN A 609 -32.56 -23.23 15.58
CA GLN A 609 -33.74 -23.25 16.44
C GLN A 609 -33.71 -22.14 17.50
N GLY A 610 -32.65 -21.34 17.54
CA GLY A 610 -32.55 -20.27 18.52
C GLY A 610 -33.42 -19.09 18.15
N PRO A 611 -33.52 -18.12 19.05
CA PRO A 611 -34.35 -16.94 18.78
C PRO A 611 -33.77 -16.11 17.64
N LEU A 612 -34.66 -15.44 16.91
CA LEU A 612 -34.25 -14.60 15.80
C LEU A 612 -33.92 -13.19 16.28
N VAL A 613 -32.89 -12.59 15.68
CA VAL A 613 -32.44 -11.25 16.02
C VAL A 613 -32.43 -10.39 14.76
N GLU A 614 -32.53 -9.08 14.95
CA GLU A 614 -32.55 -8.11 13.86
C GLU A 614 -31.17 -7.47 13.72
N GLY A 615 -30.75 -7.24 12.48
CA GLY A 615 -29.46 -6.65 12.20
C GLY A 615 -29.36 -6.12 10.79
N GLN A 616 -28.15 -5.71 10.39
CA GLN A 616 -27.89 -5.20 9.06
C GLN A 616 -26.68 -5.90 8.48
N LEU A 617 -26.64 -6.03 7.15
CA LEU A 617 -25.54 -6.69 6.47
C LEU A 617 -24.37 -5.72 6.31
N GLY A 618 -23.20 -6.14 6.76
CA GLY A 618 -22.00 -5.34 6.67
C GLY A 618 -21.13 -5.75 5.50
N GLU A 619 -19.84 -5.44 5.62
CA GLU A 619 -18.88 -5.77 4.59
C GLU A 619 -18.18 -7.08 4.90
N ASN A 620 -17.98 -7.88 3.85
CA ASN A 620 -17.31 -9.18 3.96
C ASN A 620 -18.08 -10.12 4.87
N ASN A 621 -19.36 -10.30 4.56
CA ASN A 621 -20.27 -11.18 5.30
C ASN A 621 -20.41 -10.79 6.77
N GLU A 622 -20.07 -9.54 7.12
CA GLU A 622 -20.20 -9.10 8.50
C GLU A 622 -21.66 -8.77 8.81
N LEU A 623 -22.09 -9.13 10.02
CA LEU A 623 -23.45 -8.88 10.48
C LEU A 623 -23.42 -7.80 11.56
N ARG A 624 -24.09 -6.68 11.30
CA ARG A 624 -24.15 -5.57 12.23
C ARG A 624 -25.45 -5.65 13.01
N LEU A 625 -25.35 -5.49 14.33
CA LEU A 625 -26.52 -5.56 15.21
C LEU A 625 -27.32 -4.27 15.26
N THR A 626 -26.84 -3.18 14.68
CA THR A 626 -27.52 -1.90 14.68
C THR A 626 -27.87 -1.50 13.26
N ARG A 627 -29.14 -1.15 13.03
CA ARG A 627 -29.62 -0.72 11.72
C ARG A 627 -29.57 0.79 11.68
N ASP A 628 -28.42 1.34 11.30
CA ASP A 628 -28.24 2.79 11.23
C ASP A 628 -27.58 3.26 9.95
N ALA A 629 -27.20 2.38 9.03
CA ALA A 629 -26.57 2.78 7.79
C ALA A 629 -27.62 3.30 6.81
N ILE A 630 -28.11 4.52 7.04
CA ILE A 630 -29.18 5.13 6.20
C ILE A 630 -28.55 6.23 5.34
N GLU A 631 -29.20 6.60 4.22
CA GLU A 631 -28.65 7.62 3.30
C GLU A 631 -29.80 8.26 2.49
N PRO A 632 -29.65 9.49 1.97
CA PRO A 632 -30.68 10.07 1.13
C PRO A 632 -30.78 9.15 -0.05
N CYS A 633 -32.00 8.81 -0.51
CA CYS A 633 -32.18 7.82 -1.60
C CYS A 633 -32.02 8.47 -2.97
N THR A 634 -31.72 7.69 -4.01
CA THR A 634 -31.47 8.20 -5.38
C THR A 634 -32.24 7.40 -6.39
N VAL A 635 -32.24 7.85 -7.65
CA VAL A 635 -32.91 7.13 -8.77
C VAL A 635 -31.88 6.15 -9.35
N GLY A 636 -32.29 5.28 -10.28
CA GLY A 636 -31.36 4.34 -10.93
C GLY A 636 -30.36 3.78 -9.95
N HIS A 637 -30.82 3.11 -8.89
CA HIS A 637 -29.95 2.46 -7.87
C HIS A 637 -29.58 1.06 -8.37
N ARG A 638 -28.33 0.63 -8.20
CA ARG A 638 -27.87 -0.71 -8.57
C ARG A 638 -26.66 -1.03 -7.73
N ARG A 639 -26.74 -2.08 -6.91
CA ARG A 639 -25.63 -2.43 -6.05
C ARG A 639 -25.56 -3.94 -5.84
N TYR A 640 -24.34 -4.41 -5.60
CA TYR A 640 -24.03 -5.81 -5.32
C TYR A 640 -23.44 -5.88 -3.92
N PHE A 641 -23.99 -6.76 -3.09
CA PHE A 641 -23.51 -6.93 -1.71
C PHE A 641 -23.10 -8.38 -1.50
N THR A 642 -21.97 -8.56 -0.81
CA THR A 642 -21.49 -9.91 -0.53
C THR A 642 -22.45 -10.59 0.43
N PHE A 643 -22.89 -11.80 0.08
CA PHE A 643 -23.82 -12.55 0.91
C PHE A 643 -23.41 -14.02 0.85
N GLY A 644 -22.76 -14.49 1.91
CA GLY A 644 -22.33 -15.88 1.92
C GLY A 644 -21.32 -16.13 0.84
N GLY A 645 -21.48 -17.24 0.12
CA GLY A 645 -20.55 -17.57 -0.94
C GLY A 645 -20.66 -16.64 -2.13
N GLY A 646 -21.89 -16.36 -2.56
CA GLY A 646 -22.14 -15.50 -3.70
C GLY A 646 -22.44 -14.06 -3.34
N TYR A 647 -23.21 -13.41 -4.21
CA TYR A 647 -23.61 -12.01 -4.06
C TYR A 647 -25.12 -11.89 -4.16
N VAL A 648 -25.65 -10.83 -3.56
CA VAL A 648 -27.07 -10.51 -3.59
C VAL A 648 -27.21 -9.19 -4.35
N TYR A 649 -28.03 -9.19 -5.38
CA TYR A 649 -28.23 -8.02 -6.24
C TYR A 649 -29.47 -7.24 -5.84
N PHE A 650 -29.33 -5.93 -5.72
CA PHE A 650 -30.40 -5.02 -5.35
C PHE A 650 -30.44 -3.87 -6.36
N GLU A 651 -31.65 -3.51 -6.77
CA GLU A 651 -31.85 -2.41 -7.71
C GLU A 651 -33.08 -1.62 -7.29
N GLU A 652 -32.93 -0.30 -7.28
CA GLU A 652 -34.01 0.60 -6.87
C GLU A 652 -34.45 0.29 -5.44
N TYR A 653 -33.48 -0.05 -4.60
CA TYR A 653 -33.70 -0.39 -3.19
C TYR A 653 -34.68 -1.55 -3.04
N ALA A 654 -34.60 -2.53 -3.93
CA ALA A 654 -35.47 -3.70 -3.91
C ALA A 654 -34.67 -4.94 -4.26
N TYR A 655 -34.95 -6.04 -3.57
CA TYR A 655 -34.25 -7.29 -3.80
C TYR A 655 -34.60 -7.81 -5.20
N SER A 656 -33.58 -8.05 -6.03
CA SER A 656 -33.80 -8.54 -7.39
C SER A 656 -33.56 -10.05 -7.47
N HIS A 657 -32.34 -10.48 -7.14
CA HIS A 657 -32.01 -11.90 -7.19
C HIS A 657 -30.64 -12.11 -6.56
N GLN A 658 -30.21 -13.36 -6.52
CA GLN A 658 -28.93 -13.77 -5.96
C GLN A 658 -28.11 -14.47 -7.04
N LEU A 659 -26.80 -14.26 -7.02
CA LEU A 659 -25.89 -14.85 -7.98
C LEU A 659 -24.68 -15.41 -7.25
N SER A 660 -24.02 -16.37 -7.89
CA SER A 660 -22.86 -17.03 -7.32
C SER A 660 -21.59 -16.18 -7.48
N ARG A 661 -20.52 -16.65 -6.84
CA ARG A 661 -19.24 -15.95 -6.89
C ARG A 661 -18.56 -16.11 -8.25
N ALA A 662 -18.82 -17.21 -8.95
CA ALA A 662 -18.19 -17.44 -10.25
C ALA A 662 -18.92 -16.79 -11.41
N ASP A 663 -20.00 -16.06 -11.15
CA ASP A 663 -20.76 -15.40 -12.21
C ASP A 663 -20.28 -13.98 -12.50
N ILE A 664 -19.11 -13.58 -12.01
CA ILE A 664 -18.57 -12.23 -12.22
C ILE A 664 -17.12 -12.37 -12.63
N THR A 665 -16.68 -11.50 -13.55
CA THR A 665 -15.31 -11.52 -14.04
C THR A 665 -14.34 -11.26 -12.89
N THR A 666 -13.29 -12.07 -12.82
CA THR A 666 -12.27 -11.98 -11.79
C THR A 666 -10.96 -11.48 -12.40
N VAL A 667 -10.24 -10.66 -11.65
CA VAL A 667 -8.97 -10.07 -12.06
C VAL A 667 -7.88 -10.45 -11.07
N SER A 668 -7.91 -11.71 -10.60
CA SER A 668 -6.95 -12.22 -9.62
C SER A 668 -5.52 -11.80 -9.95
N THR A 669 -5.11 -11.93 -11.21
CA THR A 669 -3.75 -11.54 -11.58
C THR A 669 -3.59 -10.03 -11.42
N PHE A 670 -2.34 -9.58 -11.32
CA PHE A 670 -2.07 -8.16 -11.14
C PHE A 670 -2.58 -7.31 -12.30
N ILE A 671 -2.32 -7.74 -13.53
CA ILE A 671 -2.73 -7.01 -14.72
C ILE A 671 -3.46 -7.94 -15.68
N ASP A 672 -4.67 -7.54 -16.10
CA ASP A 672 -5.50 -8.32 -17.01
C ASP A 672 -5.96 -7.37 -18.11
N LEU A 673 -5.44 -7.57 -19.33
CA LEU A 673 -5.80 -6.72 -20.46
C LEU A 673 -6.94 -7.26 -21.30
N ASN A 674 -7.46 -8.45 -20.97
CA ASN A 674 -8.53 -9.06 -21.76
C ASN A 674 -9.93 -8.71 -21.26
N ILE A 675 -10.12 -7.55 -20.62
CA ILE A 675 -11.45 -7.19 -20.15
C ILE A 675 -12.26 -6.68 -21.33
N THR A 676 -13.36 -7.38 -21.63
CA THR A 676 -14.25 -7.01 -22.74
C THR A 676 -15.25 -5.96 -22.30
N MET A 677 -14.73 -4.76 -22.02
CA MET A 677 -15.52 -3.63 -21.56
C MET A 677 -16.11 -2.87 -22.75
N LEU A 678 -17.03 -1.95 -22.45
CA LEU A 678 -17.69 -1.16 -23.48
C LEU A 678 -17.98 0.24 -22.92
N GLU A 679 -18.13 1.21 -23.82
CA GLU A 679 -18.39 2.60 -23.45
C GLU A 679 -19.82 2.71 -22.93
N ASP A 680 -19.94 2.79 -21.61
CA ASP A 680 -21.25 2.90 -20.97
C ASP A 680 -21.88 4.25 -21.25
N HIS A 681 -23.18 4.24 -21.51
CA HIS A 681 -23.97 5.44 -21.79
C HIS A 681 -24.87 5.67 -20.60
N GLU A 682 -24.66 6.77 -19.88
CA GLU A 682 -25.46 7.06 -18.70
C GLU A 682 -26.94 7.21 -19.07
N PHE A 683 -27.78 6.52 -18.30
CA PHE A 683 -29.23 6.53 -18.48
C PHE A 683 -29.85 6.96 -17.16
N VAL A 684 -30.34 8.18 -17.11
CA VAL A 684 -30.93 8.77 -15.91
C VAL A 684 -32.45 8.85 -16.09
N PRO A 685 -33.26 8.55 -15.08
CA PRO A 685 -34.71 8.69 -15.25
C PRO A 685 -35.07 10.17 -15.40
N LEU A 686 -36.19 10.43 -16.07
CA LEU A 686 -36.61 11.82 -16.28
C LEU A 686 -36.98 12.52 -14.98
N GLU A 687 -37.25 11.80 -13.90
CA GLU A 687 -37.60 12.47 -12.64
C GLU A 687 -36.45 13.29 -12.08
N VAL A 688 -35.20 12.98 -12.47
CA VAL A 688 -34.06 13.74 -11.97
C VAL A 688 -34.14 15.19 -12.41
N TYR A 689 -34.76 15.44 -13.58
CA TYR A 689 -34.89 16.80 -14.10
C TYR A 689 -36.18 17.47 -13.66
N THR A 690 -37.31 16.77 -13.78
CA THR A 690 -38.60 17.34 -13.42
C THR A 690 -38.85 17.40 -11.91
N ARG A 691 -38.29 16.47 -11.13
CA ARG A 691 -38.46 16.47 -9.68
C ARG A 691 -37.21 16.87 -8.92
N HIS A 692 -36.07 17.04 -9.61
CA HIS A 692 -34.82 17.46 -8.99
C HIS A 692 -34.40 16.56 -7.84
N GLU A 693 -34.50 15.25 -8.05
CA GLU A 693 -34.09 14.26 -7.06
C GLU A 693 -32.77 13.64 -7.50
N ILE A 694 -31.78 13.69 -6.60
CA ILE A 694 -30.43 13.21 -6.86
C ILE A 694 -30.42 11.83 -7.49
N LYS A 695 -29.45 11.60 -8.36
CA LYS A 695 -29.27 10.33 -9.05
C LYS A 695 -28.19 9.51 -8.35
N ASP A 696 -28.28 8.19 -8.46
CA ASP A 696 -27.30 7.31 -7.83
C ASP A 696 -25.91 7.54 -8.40
N SER A 697 -24.90 7.39 -7.53
CA SER A 697 -23.51 7.57 -7.92
C SER A 697 -22.57 6.52 -7.33
N GLY A 698 -23.10 5.39 -6.87
CA GLY A 698 -22.23 4.37 -6.31
C GLY A 698 -21.63 4.85 -4.99
N LEU A 699 -20.69 4.05 -4.48
CA LEU A 699 -20.03 4.43 -3.24
C LEU A 699 -19.18 5.68 -3.49
N LEU A 700 -18.94 6.41 -2.41
CA LEU A 700 -18.19 7.66 -2.50
C LEU A 700 -16.70 7.43 -2.68
N ASP A 701 -16.14 8.04 -3.73
CA ASP A 701 -14.71 7.97 -3.99
C ASP A 701 -14.02 8.83 -2.94
N TYR A 702 -12.70 8.69 -2.79
CA TYR A 702 -12.00 9.49 -1.79
C TYR A 702 -12.20 10.98 -2.05
N THR A 703 -12.15 11.39 -3.32
CA THR A 703 -12.37 12.80 -3.63
C THR A 703 -13.82 13.19 -3.39
N GLU A 704 -14.75 12.27 -3.65
CA GLU A 704 -16.17 12.57 -3.43
C GLU A 704 -16.44 12.86 -1.96
N VAL A 705 -15.94 12.02 -1.05
CA VAL A 705 -16.14 12.27 0.36
C VAL A 705 -15.40 13.54 0.76
N GLN A 706 -14.24 13.77 0.14
CA GLN A 706 -13.48 14.99 0.41
C GLN A 706 -14.20 16.19 -0.18
N ARG A 707 -14.96 15.97 -1.25
CA ARG A 707 -15.69 17.06 -1.89
C ARG A 707 -17.08 17.20 -1.26
N ARG A 708 -17.66 16.10 -0.78
CA ARG A 708 -18.98 16.15 -0.19
C ARG A 708 -18.98 17.00 1.08
N ASN A 709 -17.98 16.83 1.94
CA ASN A 709 -17.94 17.63 3.16
C ASN A 709 -17.73 19.11 2.87
N GLN A 710 -17.12 19.44 1.72
CA GLN A 710 -16.95 20.85 1.37
C GLN A 710 -18.30 21.51 1.21
N LEU A 711 -19.25 20.80 0.60
CA LEU A 711 -20.60 21.34 0.44
C LEU A 711 -21.24 21.57 1.80
N HIS A 712 -21.01 20.66 2.74
CA HIS A 712 -21.58 20.81 4.08
C HIS A 712 -21.11 22.11 4.71
N ASP A 713 -19.85 22.48 4.51
CA ASP A 713 -19.35 23.73 5.05
C ASP A 713 -20.10 24.90 4.43
N LEU A 714 -20.39 24.82 3.13
CA LEU A 714 -21.14 25.87 2.47
C LEU A 714 -22.56 25.94 3.01
N ARG A 715 -23.19 24.78 3.23
CA ARG A 715 -24.54 24.76 3.77
C ARG A 715 -24.56 25.37 5.17
N PHE A 716 -23.56 25.05 6.01
CA PHE A 716 -23.53 25.63 7.34
C PHE A 716 -23.37 27.13 7.26
N ALA A 717 -22.53 27.62 6.33
CA ALA A 717 -22.37 29.06 6.16
C ALA A 717 -23.68 29.69 5.73
N ASP A 718 -24.43 29.01 4.86
CA ASP A 718 -25.72 29.53 4.42
C ASP A 718 -26.68 29.62 5.59
N ILE A 719 -26.68 28.60 6.45
CA ILE A 719 -27.55 28.61 7.62
C ILE A 719 -27.12 29.72 8.57
N ASP A 720 -25.81 29.89 8.74
CA ASP A 720 -25.26 30.93 9.61
C ASP A 720 -25.56 32.33 9.11
N THR A 721 -25.87 32.50 7.82
CA THR A 721 -26.17 33.81 7.27
C THR A 721 -27.48 34.34 7.83
N THR B 109 13.80 5.45 27.25
CA THR B 109 14.15 6.52 26.28
C THR B 109 12.90 7.31 25.88
N ASP B 110 13.12 8.55 25.43
CA ASP B 110 12.03 9.42 25.00
C ASP B 110 12.42 10.13 23.71
N ALA B 111 11.48 10.22 22.78
CA ALA B 111 11.73 10.88 21.51
C ALA B 111 11.38 12.36 21.61
N ASN B 112 12.07 13.16 20.80
CA ASN B 112 11.84 14.59 20.81
C ASN B 112 10.50 14.94 20.15
N PHE B 113 9.84 15.95 20.68
CA PHE B 113 8.58 16.41 20.12
C PHE B 113 8.87 17.32 18.93
N TYR B 114 7.85 17.54 18.11
CA TYR B 114 7.99 18.38 16.92
C TYR B 114 6.79 19.29 16.75
N VAL B 115 7.05 20.55 16.46
CA VAL B 115 6.03 21.56 16.22
C VAL B 115 6.18 21.96 14.75
N CYS B 116 5.50 21.22 13.88
CA CYS B 116 5.58 21.41 12.44
C CYS B 116 4.74 22.61 11.99
N PRO B 117 5.34 23.65 11.40
CA PRO B 117 4.52 24.78 10.95
C PRO B 117 3.88 24.46 9.60
N PRO B 118 2.88 25.23 9.19
CA PRO B 118 2.23 24.96 7.90
C PRO B 118 3.09 25.48 6.75
N PRO B 119 3.42 24.64 5.76
CA PRO B 119 4.22 25.15 4.64
C PRO B 119 3.47 26.20 3.84
N THR B 120 4.21 27.20 3.37
CA THR B 120 3.62 28.28 2.58
C THR B 120 3.70 28.05 1.08
N GLY B 121 4.60 27.19 0.63
CA GLY B 121 4.77 26.90 -0.78
C GLY B 121 6.12 27.28 -1.36
N ALA B 122 7.09 27.67 -0.54
CA ALA B 122 8.41 28.03 -1.06
C ALA B 122 9.08 26.84 -1.73
N THR B 123 8.84 25.63 -1.22
CA THR B 123 9.41 24.41 -1.76
C THR B 123 8.26 23.49 -2.17
N VAL B 124 8.13 23.25 -3.48
CA VAL B 124 7.03 22.37 -4.01
C VAL B 124 7.71 21.18 -4.71
N VAL B 125 7.37 19.96 -4.31
CA VAL B 125 7.98 18.73 -4.88
C VAL B 125 6.92 17.95 -5.66
N GLN B 126 7.01 17.94 -6.99
CA GLN B 126 6.08 17.14 -7.83
C GLN B 126 6.53 15.70 -7.60
N PHE B 127 5.69 14.72 -7.93
CA PHE B 127 6.03 13.31 -7.61
C PHE B 127 5.67 12.45 -8.82
N GLU B 128 6.45 11.40 -9.12
CA GLU B 128 6.30 10.58 -10.35
C GLU B 128 4.92 9.93 -10.49
N GLN B 129 4.56 9.50 -11.71
CA GLN B 129 3.25 8.85 -12.00
C GLN B 129 3.48 7.55 -12.79
N PRO B 130 2.47 6.66 -12.89
CA PRO B 130 2.64 5.38 -13.58
C PRO B 130 3.03 5.50 -15.05
N ARG B 131 3.44 4.38 -15.67
CA ARG B 131 3.89 4.39 -17.09
C ARG B 131 3.13 3.32 -17.90
N ARG B 132 3.34 3.29 -19.22
CA ARG B 132 2.69 2.31 -20.09
C ARG B 132 3.68 1.20 -20.39
N CYS B 133 3.66 0.17 -19.55
CA CYS B 133 4.57 -0.95 -19.75
C CYS B 133 4.13 -1.77 -20.97
N PRO B 134 5.07 -2.24 -21.80
CA PRO B 134 4.66 -3.02 -22.97
C PRO B 134 4.19 -4.40 -22.57
N THR B 135 3.12 -4.87 -23.22
CA THR B 135 2.59 -6.19 -22.92
C THR B 135 3.58 -7.29 -23.29
N ARG B 136 4.35 -7.09 -24.37
CA ARG B 136 5.36 -8.03 -24.83
C ARG B 136 6.62 -7.24 -25.13
N PRO B 137 7.81 -7.83 -24.96
CA PRO B 137 9.03 -7.08 -25.23
C PRO B 137 9.18 -6.76 -26.71
N GLU B 138 9.66 -5.55 -27.00
CA GLU B 138 9.88 -5.10 -28.36
C GLU B 138 11.22 -4.40 -28.59
N GLY B 139 11.97 -4.09 -27.53
CA GLY B 139 13.24 -3.43 -27.70
C GLY B 139 14.27 -4.34 -28.34
N GLN B 140 15.18 -3.74 -29.08
CA GLN B 140 16.25 -4.45 -29.77
C GLN B 140 17.59 -4.13 -29.13
N ASN B 141 18.54 -5.06 -29.30
CA ASN B 141 19.90 -4.93 -28.76
C ASN B 141 19.87 -4.74 -27.25
N TYR B 142 19.25 -5.69 -26.56
CA TYR B 142 19.18 -5.63 -25.10
C TYR B 142 20.55 -5.93 -24.51
N THR B 143 20.86 -5.29 -23.39
CA THR B 143 22.15 -5.51 -22.74
C THR B 143 22.13 -4.90 -21.34
N GLU B 144 22.80 -5.57 -20.42
CA GLU B 144 22.90 -5.13 -19.04
C GLU B 144 24.23 -4.41 -18.81
N GLY B 145 24.28 -3.58 -17.78
CA GLY B 145 25.50 -2.87 -17.49
C GLY B 145 25.32 -1.92 -16.31
N ILE B 146 26.44 -1.36 -15.88
CA ILE B 146 26.48 -0.42 -14.77
C ILE B 146 26.20 0.97 -15.32
N ALA B 147 25.59 1.83 -14.51
CA ALA B 147 25.26 3.18 -14.94
C ALA B 147 25.31 4.14 -13.77
N VAL B 148 25.62 5.39 -14.10
CA VAL B 148 25.70 6.50 -13.14
C VAL B 148 25.00 7.69 -13.79
N VAL B 149 23.88 8.10 -13.23
CA VAL B 149 23.08 9.21 -13.75
C VAL B 149 23.44 10.48 -12.99
N PHE B 150 23.63 11.57 -13.74
CA PHE B 150 23.98 12.87 -13.18
C PHE B 150 22.85 13.86 -13.43
N LYS B 151 22.55 14.68 -12.42
CA LYS B 151 21.52 15.70 -12.49
C LYS B 151 22.16 17.07 -12.63
N GLU B 152 21.40 18.00 -13.20
CA GLU B 152 21.91 19.36 -13.36
C GLU B 152 22.07 20.00 -11.98
N ASN B 153 23.26 20.51 -11.71
CA ASN B 153 23.55 21.13 -10.42
C ASN B 153 22.80 22.45 -10.34
N ILE B 154 21.66 22.45 -9.63
CA ILE B 154 20.87 23.66 -9.48
C ILE B 154 21.57 24.70 -8.61
N ALA B 155 22.52 24.29 -7.78
CA ALA B 155 23.27 25.20 -6.92
C ALA B 155 22.36 26.08 -6.06
N PRO B 156 21.69 25.51 -5.06
CA PRO B 156 20.81 26.31 -4.22
C PRO B 156 21.60 27.20 -3.26
N TYR B 157 21.31 28.50 -3.29
CA TYR B 157 21.96 29.49 -2.45
C TYR B 157 20.96 29.95 -1.40
N LYS B 158 21.24 29.65 -0.14
CA LYS B 158 20.37 30.00 0.98
C LYS B 158 20.96 31.13 1.81
N PHE B 159 20.10 32.03 2.26
CA PHE B 159 20.50 33.16 3.08
C PHE B 159 19.27 33.66 3.83
N LYS B 160 19.51 34.44 4.89
CA LYS B 160 18.46 35.00 5.72
C LYS B 160 18.23 36.45 5.35
N ALA B 161 16.95 36.82 5.21
CA ALA B 161 16.55 38.17 4.85
C ALA B 161 15.52 38.70 5.84
N THR B 162 15.59 40.01 6.11
CA THR B 162 14.69 40.67 7.03
C THR B 162 13.57 41.33 6.24
N MET B 163 12.34 41.16 6.70
CA MET B 163 11.15 41.72 6.05
C MET B 163 10.51 42.75 6.97
N TYR B 164 10.08 43.87 6.39
CA TYR B 164 9.44 44.96 7.14
C TYR B 164 8.14 45.33 6.45
N TYR B 165 7.11 45.62 7.26
CA TYR B 165 5.81 46.03 6.73
C TYR B 165 4.97 46.56 7.88
N LYS B 166 3.89 47.25 7.52
CA LYS B 166 2.97 47.85 8.48
C LYS B 166 1.54 47.45 8.16
N ASP B 167 0.68 47.53 9.17
CA ASP B 167 -0.74 47.21 9.06
C ASP B 167 -1.55 48.43 9.49
N VAL B 168 -2.65 48.69 8.79
CA VAL B 168 -3.53 49.81 9.06
C VAL B 168 -4.97 49.34 8.95
N THR B 169 -5.80 49.77 9.91
CA THR B 169 -7.20 49.39 9.94
C THR B 169 -8.04 50.54 10.50
N VAL B 170 -9.35 50.46 10.28
CA VAL B 170 -10.30 51.46 10.75
C VAL B 170 -11.07 50.86 11.92
N SER B 171 -11.27 51.65 12.98
CA SER B 171 -11.96 51.17 14.17
C SER B 171 -13.45 50.97 13.99
N GLN B 172 -14.08 51.64 13.03
CA GLN B 172 -15.51 51.48 12.83
C GLN B 172 -15.85 50.04 12.42
N VAL B 173 -16.95 49.55 12.97
CA VAL B 173 -17.42 48.19 12.69
C VAL B 173 -18.94 48.18 12.61
N ILE B 185 -13.14 47.65 9.18
CA ILE B 185 -13.35 47.93 7.73
C ILE B 185 -12.09 48.51 7.11
N PHE B 186 -11.87 48.22 5.83
CA PHE B 186 -10.71 48.71 5.10
C PHE B 186 -9.40 48.30 5.77
N GLU B 187 -9.08 47.01 5.75
CA GLU B 187 -7.86 46.50 6.36
C GLU B 187 -6.92 46.06 5.24
N ASP B 188 -5.70 46.60 5.25
CA ASP B 188 -4.72 46.27 4.22
C ASP B 188 -3.32 46.42 4.81
N ARG B 189 -2.33 46.00 4.02
CA ARG B 189 -0.92 46.05 4.39
C ARG B 189 -0.15 46.96 3.44
N ALA B 190 0.91 47.57 3.95
CA ALA B 190 1.76 48.47 3.17
C ALA B 190 3.19 48.37 3.68
N PRO B 191 4.19 48.72 2.86
CA PRO B 191 5.58 48.65 3.32
C PRO B 191 5.97 49.88 4.12
N VAL B 192 7.24 49.91 4.52
CA VAL B 192 7.81 51.00 5.30
C VAL B 192 8.94 51.63 4.49
N PRO B 193 9.07 52.96 4.47
CA PRO B 193 10.15 53.57 3.69
C PRO B 193 11.54 53.16 4.17
N PHE B 194 12.55 53.54 3.38
CA PHE B 194 13.94 53.21 3.71
C PHE B 194 14.48 54.02 4.89
N GLU B 195 14.23 55.34 4.90
CA GLU B 195 14.76 56.17 5.98
C GLU B 195 14.24 55.73 7.34
N GLU B 196 13.01 55.21 7.42
CA GLU B 196 12.49 54.77 8.69
C GLU B 196 13.19 53.50 9.18
N VAL B 197 13.55 52.62 8.25
CA VAL B 197 14.21 51.37 8.62
C VAL B 197 15.63 51.62 9.11
N ILE B 198 16.38 52.46 8.40
CA ILE B 198 17.78 52.71 8.77
C ILE B 198 17.95 53.72 9.90
N ASP B 199 16.95 54.55 10.19
CA ASP B 199 17.07 55.56 11.26
C ASP B 199 16.26 55.23 12.49
N LYS B 200 14.97 54.96 12.32
CA LYS B 200 14.11 54.67 13.47
C LYS B 200 14.30 53.25 13.97
N ILE B 201 14.26 52.27 13.06
CA ILE B 201 14.37 50.88 13.48
C ILE B 201 15.82 50.47 13.73
N ASN B 202 16.73 50.78 12.80
CA ASN B 202 18.11 50.37 12.98
C ASN B 202 18.83 51.14 14.09
N ALA B 203 18.64 52.46 14.15
CA ALA B 203 19.36 53.24 15.17
C ALA B 203 18.71 53.19 16.54
N LYS B 204 17.38 53.06 16.62
CA LYS B 204 16.68 53.04 17.90
C LYS B 204 15.68 51.92 18.08
N GLY B 205 15.42 51.11 17.07
CA GLY B 205 14.45 50.03 17.24
C GLY B 205 13.04 50.52 17.49
N VAL B 206 12.60 51.55 16.77
CA VAL B 206 11.27 52.11 16.90
C VAL B 206 10.68 52.32 15.52
N CYS B 207 9.36 52.34 15.45
CA CYS B 207 8.63 52.54 14.20
C CYS B 207 7.81 53.83 14.29
N ARG B 208 7.71 54.52 13.15
CA ARG B 208 6.95 55.76 13.10
C ARG B 208 5.47 55.44 13.26
N SER B 209 4.77 56.23 14.08
CA SER B 209 3.36 55.99 14.32
C SER B 209 2.53 56.16 13.05
N THR B 210 2.75 57.25 12.32
CA THR B 210 1.98 57.49 11.10
C THR B 210 2.35 56.49 10.02
N ALA B 211 1.38 56.19 9.17
CA ALA B 211 1.55 55.27 8.06
C ALA B 211 0.84 55.85 6.85
N LYS B 212 1.39 55.56 5.67
CA LYS B 212 0.84 56.04 4.41
C LYS B 212 0.38 54.86 3.57
N TYR B 213 -0.71 55.05 2.83
CA TYR B 213 -1.29 54.01 2.00
C TYR B 213 -2.19 54.67 0.97
N VAL B 214 -2.73 53.84 0.07
CA VAL B 214 -3.64 54.29 -0.98
C VAL B 214 -5.02 53.73 -0.69
N ARG B 215 -6.02 54.61 -0.64
CA ARG B 215 -7.41 54.23 -0.39
C ARG B 215 -8.27 54.76 -1.51
N ASN B 216 -9.00 53.85 -2.15
CA ASN B 216 -9.89 54.21 -3.27
C ASN B 216 -9.11 54.94 -4.36
N ASN B 217 -7.89 54.47 -4.62
CA ASN B 217 -7.02 55.07 -5.62
C ASN B 217 -6.68 56.52 -5.28
N LEU B 218 -6.49 56.81 -4.00
CA LEU B 218 -6.16 58.14 -3.53
C LEU B 218 -5.21 58.04 -2.33
N GLU B 219 -4.31 59.00 -2.23
CA GLU B 219 -3.35 59.02 -1.12
C GLU B 219 -4.08 59.23 0.19
N THR B 220 -3.67 58.50 1.22
CA THR B 220 -4.29 58.60 2.54
C THR B 220 -3.25 58.28 3.60
N THR B 221 -3.53 58.74 4.82
CA THR B 221 -2.65 58.54 5.96
C THR B 221 -3.47 58.01 7.14
N ALA B 222 -2.77 57.63 8.21
CA ALA B 222 -3.40 57.10 9.41
C ALA B 222 -2.45 57.24 10.58
N PHE B 223 -3.00 57.08 11.78
CA PHE B 223 -2.24 57.18 13.02
C PHE B 223 -2.73 56.13 14.00
N HIS B 224 -1.87 55.74 14.93
CA HIS B 224 -2.24 54.76 15.93
C HIS B 224 -3.18 55.41 16.94
N ARG B 225 -4.44 54.97 16.94
CA ARG B 225 -5.49 55.51 17.83
C ARG B 225 -5.72 57.00 17.59
N ASP B 226 -5.28 57.51 16.43
CA ASP B 226 -5.43 58.92 16.07
C ASP B 226 -4.83 59.86 17.11
N ASP B 227 -3.91 59.38 17.95
CA ASP B 227 -3.33 60.22 18.98
C ASP B 227 -2.49 61.38 18.45
N HIS B 228 -1.33 61.08 17.86
CA HIS B 228 -0.40 62.07 17.34
C HIS B 228 0.76 61.36 16.64
N GLU B 229 1.64 62.15 16.02
CA GLU B 229 2.82 61.64 15.35
C GLU B 229 3.86 61.34 16.42
N THR B 230 4.09 60.06 16.71
CA THR B 230 5.04 59.67 17.73
C THR B 230 5.77 58.41 17.28
N ASP B 231 6.65 57.91 18.16
CA ASP B 231 7.43 56.71 17.91
C ASP B 231 7.26 55.73 19.06
N MET B 232 7.25 54.44 18.73
CA MET B 232 7.11 53.38 19.72
C MET B 232 8.11 52.28 19.41
N GLU B 233 8.57 51.60 20.46
CA GLU B 233 9.55 50.53 20.30
C GLU B 233 8.87 49.22 19.90
N LEU B 234 9.66 48.34 19.29
CA LEU B 234 9.17 47.03 18.86
C LEU B 234 9.45 46.01 19.94
N LYS B 235 8.57 45.00 20.04
CA LYS B 235 8.69 43.93 21.02
C LYS B 235 8.76 42.59 20.31
N PRO B 236 9.41 41.58 20.91
CA PRO B 236 9.51 40.28 20.24
C PRO B 236 8.15 39.60 20.13
N ALA B 237 8.04 38.73 19.12
CA ALA B 237 6.80 37.99 18.91
C ALA B 237 6.51 37.09 20.09
N ASN B 238 5.23 36.90 20.38
CA ASN B 238 4.82 36.07 21.52
C ASN B 238 5.27 34.62 21.41
N ALA B 239 5.03 33.95 20.27
CA ALA B 239 5.43 32.55 20.13
C ALA B 239 6.53 32.37 19.10
N ALA B 240 6.22 32.67 17.82
CA ALA B 240 7.15 32.54 16.70
C ALA B 240 7.98 31.27 16.79
N THR B 241 9.25 31.33 16.39
CA THR B 241 10.17 30.19 16.47
C THR B 241 11.55 30.74 16.78
N ARG B 242 12.39 29.89 17.37
CA ARG B 242 13.74 30.34 17.71
C ARG B 242 14.58 30.65 16.48
N THR B 243 14.25 30.05 15.34
CA THR B 243 14.98 30.27 14.09
C THR B 243 14.29 31.25 13.15
N SER B 244 13.12 31.77 13.52
CA SER B 244 12.35 32.71 12.70
C SER B 244 11.88 33.88 13.59
N ARG B 245 12.83 34.47 14.31
CA ARG B 245 12.53 35.57 15.21
C ARG B 245 11.79 36.69 14.50
N GLY B 246 10.80 37.25 15.20
CA GLY B 246 9.99 38.33 14.67
C GLY B 246 9.68 39.32 15.76
N TRP B 247 9.38 40.55 15.35
CA TRP B 247 9.05 41.63 16.27
C TRP B 247 7.87 42.42 15.77
N HIS B 248 7.18 43.09 16.69
CA HIS B 248 6.03 43.91 16.36
C HIS B 248 5.85 44.97 17.44
N THR B 249 5.08 46.02 17.08
CA THR B 249 4.84 47.11 18.02
C THR B 249 3.64 46.85 18.93
N THR B 250 2.68 46.04 18.48
CA THR B 250 1.50 45.73 19.28
C THR B 250 1.09 44.30 18.99
N ASP B 251 0.72 43.58 20.05
CA ASP B 251 0.30 42.18 19.93
C ASP B 251 -1.07 42.10 19.25
N THR B 267 -8.54 54.70 14.27
CA THR B 267 -7.69 53.81 13.43
C THR B 267 -6.60 53.16 14.26
N THR B 268 -6.18 51.97 13.83
CA THR B 268 -5.14 51.20 14.50
C THR B 268 -4.02 50.90 13.51
N VAL B 269 -2.78 51.17 13.92
CA VAL B 269 -1.60 50.97 13.10
C VAL B 269 -0.62 50.10 13.88
N ASN B 270 0.01 49.14 13.18
CA ASN B 270 0.96 48.23 13.78
C ASN B 270 2.16 48.05 12.86
N CYS B 271 3.36 48.11 13.42
CA CYS B 271 4.60 47.93 12.69
C CYS B 271 5.13 46.53 13.00
N ILE B 272 5.52 45.80 11.97
CA ILE B 272 6.01 44.43 12.11
C ILE B 272 7.32 44.27 11.36
N VAL B 273 8.26 43.55 11.99
CA VAL B 273 9.57 43.26 11.44
C VAL B 273 9.83 41.78 11.68
N GLU B 274 10.23 41.06 10.63
CA GLU B 274 10.49 39.63 10.75
C GLU B 274 11.73 39.23 9.97
N GLU B 275 12.41 38.21 10.49
CA GLU B 275 13.61 37.64 9.88
C GLU B 275 13.23 36.26 9.36
N VAL B 276 13.30 36.10 8.03
CA VAL B 276 12.94 34.85 7.38
C VAL B 276 14.06 34.38 6.46
N ASP B 277 14.00 33.10 6.11
CA ASP B 277 14.99 32.51 5.22
C ASP B 277 14.64 32.79 3.77
N ALA B 278 15.66 32.73 2.91
CA ALA B 278 15.50 32.95 1.48
C ALA B 278 16.36 31.94 0.74
N ARG B 279 15.95 31.63 -0.49
CA ARG B 279 16.67 30.68 -1.31
C ARG B 279 16.67 31.13 -2.76
N SER B 280 17.75 30.83 -3.47
CA SER B 280 17.92 31.17 -4.87
C SER B 280 18.56 29.98 -5.58
N VAL B 281 18.25 29.85 -6.88
CA VAL B 281 18.76 28.76 -7.70
C VAL B 281 19.79 29.33 -8.66
N TYR B 282 20.50 28.42 -9.36
CA TYR B 282 21.58 28.73 -10.30
C TYR B 282 21.37 29.98 -11.15
N PRO B 283 20.19 30.21 -11.74
CA PRO B 283 20.03 31.44 -12.53
C PRO B 283 20.25 32.70 -11.72
N TYR B 284 19.95 32.66 -10.42
CA TYR B 284 20.14 33.81 -9.52
C TYR B 284 19.35 35.03 -9.98
N ASP B 285 18.27 34.81 -10.71
CA ASP B 285 17.44 35.92 -11.17
C ASP B 285 16.34 36.27 -10.17
N GLU B 286 15.93 35.32 -9.34
CA GLU B 286 14.90 35.53 -8.34
C GLU B 286 15.22 34.71 -7.11
N PHE B 287 14.66 35.12 -5.98
CA PHE B 287 14.85 34.43 -4.71
C PHE B 287 13.52 34.43 -3.98
N VAL B 288 13.12 33.25 -3.51
CA VAL B 288 11.86 33.06 -2.81
C VAL B 288 12.09 33.15 -1.31
N LEU B 289 11.19 33.84 -0.61
CA LEU B 289 11.27 34.00 0.83
C LEU B 289 10.54 32.84 1.51
N ALA B 290 10.70 32.75 2.83
CA ALA B 290 10.04 31.70 3.58
C ALA B 290 8.53 31.82 3.54
N THR B 291 8.00 33.02 3.30
CA THR B 291 6.56 33.22 3.24
C THR B 291 5.94 32.75 1.93
N GLY B 292 6.75 32.30 0.97
CA GLY B 292 6.25 31.84 -0.31
C GLY B 292 6.20 32.89 -1.38
N ASP B 293 6.37 34.17 -1.03
CA ASP B 293 6.33 35.24 -2.01
C ASP B 293 7.69 35.38 -2.69
N PHE B 294 7.66 35.43 -4.02
CA PHE B 294 8.89 35.57 -4.79
C PHE B 294 9.30 37.02 -4.91
N VAL B 295 10.61 37.24 -5.04
CA VAL B 295 11.20 38.57 -5.21
C VAL B 295 11.93 38.54 -6.53
N TYR B 296 11.34 39.14 -7.56
CA TYR B 296 11.93 39.16 -8.89
C TYR B 296 13.12 40.12 -8.93
N MET B 297 14.23 39.62 -8.40
CA MET B 297 15.47 40.39 -8.36
C MET B 297 16.59 39.45 -7.93
N SER B 298 17.77 39.68 -8.50
CA SER B 298 18.92 38.85 -8.17
C SER B 298 19.42 39.18 -6.76
N PRO B 299 19.71 38.17 -5.93
CA PRO B 299 20.20 38.48 -4.57
C PRO B 299 21.57 39.14 -4.55
N PHE B 300 22.35 39.03 -5.63
CA PHE B 300 23.68 39.62 -5.70
C PHE B 300 23.70 41.00 -6.31
N TYR B 301 22.55 41.57 -6.65
CA TYR B 301 22.50 42.90 -7.24
C TYR B 301 23.01 43.94 -6.26
N GLY B 302 23.68 44.95 -6.77
CA GLY B 302 24.22 46.01 -5.93
C GLY B 302 25.07 46.97 -6.74
N TYR B 303 25.72 47.88 -6.01
CA TYR B 303 26.58 48.90 -6.61
C TYR B 303 28.02 48.86 -6.10
N ARG B 304 28.29 48.09 -5.04
CA ARG B 304 29.64 48.08 -4.47
C ARG B 304 30.68 47.51 -5.43
N GLU B 305 30.44 46.30 -5.97
CA GLU B 305 31.39 45.63 -6.85
C GLU B 305 30.88 45.53 -8.28
N GLY B 306 30.31 46.61 -8.79
CA GLY B 306 29.82 46.61 -10.15
C GLY B 306 28.79 45.55 -10.47
N SER B 307 27.86 45.28 -9.57
CA SER B 307 26.83 44.28 -9.78
C SER B 307 25.60 44.85 -10.51
N HIS B 308 25.76 45.94 -11.24
CA HIS B 308 24.64 46.54 -11.96
C HIS B 308 24.13 45.62 -13.06
N THR B 309 24.99 44.76 -13.61
CA THR B 309 24.59 43.85 -14.67
C THR B 309 23.67 42.74 -14.19
N GLU B 310 23.51 42.57 -12.88
CA GLU B 310 22.63 41.52 -12.36
C GLU B 310 21.18 41.82 -12.73
N HIS B 311 20.40 40.76 -12.87
CA HIS B 311 18.99 40.90 -13.24
C HIS B 311 18.22 41.63 -12.14
N THR B 312 17.24 42.43 -12.58
CA THR B 312 16.39 43.19 -11.68
C THR B 312 15.15 43.60 -12.43
N SER B 313 14.01 43.63 -11.73
CA SER B 313 12.73 43.98 -12.31
C SER B 313 12.02 45.11 -11.55
N TYR B 314 12.75 45.88 -10.74
CA TYR B 314 12.18 46.97 -9.97
C TYR B 314 12.89 48.28 -10.33
N ALA B 315 12.15 49.38 -10.24
CA ALA B 315 12.70 50.68 -10.57
C ALA B 315 13.86 51.03 -9.65
N ALA B 316 14.71 51.95 -10.11
CA ALA B 316 15.87 52.36 -9.33
C ALA B 316 15.46 53.01 -8.01
N ASP B 317 14.34 53.72 -8.01
CA ASP B 317 13.87 54.37 -6.79
C ASP B 317 13.36 53.40 -5.74
N ARG B 318 13.16 52.13 -6.10
CA ARG B 318 12.67 51.11 -5.18
C ARG B 318 13.79 50.29 -4.55
N PHE B 319 15.05 50.69 -4.71
CA PHE B 319 16.17 49.94 -4.15
C PHE B 319 17.21 50.91 -3.59
N LYS B 320 17.86 50.49 -2.52
CA LYS B 320 18.90 51.27 -1.86
C LYS B 320 19.89 50.34 -1.19
N GLN B 321 21.17 50.72 -1.25
CA GLN B 321 22.25 49.96 -0.64
C GLN B 321 23.00 50.89 0.31
N VAL B 322 23.39 50.37 1.47
CA VAL B 322 24.08 51.15 2.49
C VAL B 322 25.44 50.52 2.75
N ASP B 323 26.48 51.35 2.71
CA ASP B 323 27.83 50.90 2.98
C ASP B 323 28.18 51.21 4.44
N GLY B 324 28.91 50.29 5.06
CA GLY B 324 29.26 50.49 6.45
C GLY B 324 28.09 50.32 7.40
N PHE B 325 27.05 49.63 6.96
CA PHE B 325 25.85 49.42 7.78
C PHE B 325 26.15 48.53 8.97
N TYR B 326 25.54 48.87 10.11
CA TYR B 326 25.67 48.14 11.36
C TYR B 326 24.32 47.57 11.75
N ALA B 327 24.29 46.29 12.08
CA ALA B 327 23.05 45.63 12.48
C ALA B 327 22.81 45.85 13.98
N ARG B 328 21.57 45.57 14.39
CA ARG B 328 21.16 45.71 15.79
C ARG B 328 20.10 44.67 16.08
N ASP B 329 20.42 43.68 16.90
CA ASP B 329 19.45 42.66 17.27
C ASP B 329 18.42 43.30 18.19
N LEU B 330 17.18 43.42 17.72
CA LEU B 330 16.14 44.05 18.52
C LEU B 330 15.90 43.34 19.85
N THR B 331 16.23 42.05 19.95
CA THR B 331 16.01 41.34 21.21
C THR B 331 16.96 41.83 22.29
N THR B 332 18.16 42.32 21.92
CA THR B 332 19.15 42.80 22.87
C THR B 332 19.58 44.24 22.67
N LYS B 333 19.47 44.78 21.45
CA LYS B 333 19.87 46.15 21.15
C LYS B 333 21.33 46.40 21.47
N ALA B 334 22.19 45.40 21.23
CA ALA B 334 23.61 45.52 21.54
C ALA B 334 24.42 46.10 20.38
N ARG B 335 23.82 46.30 19.21
CA ARG B 335 24.52 46.85 18.03
C ARG B 335 25.55 45.88 17.50
N ALA B 336 25.77 45.91 16.18
CA ALA B 336 26.74 45.02 15.56
C ALA B 336 28.16 45.44 15.92
N THR B 337 29.09 44.50 15.76
CA THR B 337 30.49 44.77 16.09
C THR B 337 31.30 45.22 14.87
N ALA B 338 30.97 44.72 13.67
CA ALA B 338 31.69 45.08 12.45
C ALA B 338 30.68 45.43 11.36
N PRO B 339 31.07 46.22 10.37
CA PRO B 339 30.11 46.58 9.31
C PRO B 339 29.80 45.42 8.37
N THR B 340 28.69 45.57 7.66
CA THR B 340 28.21 44.59 6.67
C THR B 340 27.31 45.36 5.72
N THR B 341 27.71 45.49 4.45
CA THR B 341 26.88 46.21 3.49
C THR B 341 25.50 45.57 3.41
N ARG B 342 24.47 46.40 3.53
CA ARG B 342 23.08 45.95 3.54
C ARG B 342 22.34 46.47 2.31
N ASN B 343 21.50 45.61 1.75
CA ASN B 343 20.66 45.96 0.61
C ASN B 343 19.24 46.17 1.10
N LEU B 344 18.49 46.99 0.38
CA LEU B 344 17.12 47.30 0.75
C LEU B 344 16.25 47.39 -0.49
N LEU B 345 15.15 46.64 -0.50
CA LEU B 345 14.19 46.61 -1.60
C LEU B 345 12.81 46.84 -1.04
N THR B 346 11.98 47.56 -1.78
CA THR B 346 10.61 47.87 -1.39
C THR B 346 9.64 47.28 -2.42
N THR B 347 9.00 46.18 -2.05
CA THR B 347 8.04 45.53 -2.92
C THR B 347 6.67 46.17 -2.72
N PRO B 348 5.69 45.86 -3.56
CA PRO B 348 4.37 46.47 -3.38
C PRO B 348 3.70 46.12 -2.06
N LYS B 349 4.12 45.06 -1.38
CA LYS B 349 3.51 44.65 -0.12
C LYS B 349 4.44 44.75 1.09
N PHE B 350 5.76 44.74 0.90
CA PHE B 350 6.65 44.81 2.05
C PHE B 350 8.05 45.23 1.61
N THR B 351 8.88 45.53 2.61
CA THR B 351 10.27 45.93 2.39
C THR B 351 11.17 44.79 2.84
N VAL B 352 12.09 44.38 1.96
CA VAL B 352 13.02 43.30 2.23
C VAL B 352 14.43 43.85 2.26
N ALA B 353 15.24 43.34 3.20
CA ALA B 353 16.62 43.76 3.35
C ALA B 353 17.46 42.54 3.66
N TRP B 354 18.63 42.45 3.03
CA TRP B 354 19.54 41.34 3.23
C TRP B 354 20.97 41.81 3.01
N ASP B 355 21.91 41.10 3.63
CA ASP B 355 23.32 41.45 3.49
C ASP B 355 23.83 41.06 2.12
N TRP B 356 24.52 41.99 1.45
CA TRP B 356 25.06 41.70 0.13
C TRP B 356 26.37 40.95 0.27
N VAL B 357 26.41 39.72 -0.23
CA VAL B 357 27.59 38.87 -0.17
C VAL B 357 28.05 38.61 -1.60
N PRO B 358 29.35 38.70 -1.92
CA PRO B 358 29.77 38.46 -3.30
C PRO B 358 29.48 37.03 -3.72
N LYS B 359 29.21 36.86 -5.01
CA LYS B 359 28.89 35.55 -5.56
C LYS B 359 30.07 34.61 -5.42
N ARG B 360 29.83 33.44 -4.84
CA ARG B 360 30.90 32.47 -4.66
C ARG B 360 31.29 31.88 -6.01
N PRO B 361 32.51 31.35 -6.15
CA PRO B 361 32.90 30.75 -7.44
C PRO B 361 31.97 29.60 -7.80
N SER B 362 31.71 29.45 -9.09
CA SER B 362 30.82 28.40 -9.56
C SER B 362 31.43 27.01 -9.42
N VAL B 363 30.68 26.11 -8.79
CA VAL B 363 31.07 24.72 -8.58
C VAL B 363 30.69 23.93 -9.84
N CYS B 364 31.09 22.66 -9.89
CA CYS B 364 30.80 21.80 -11.03
C CYS B 364 29.34 21.90 -11.45
N THR B 365 29.10 21.90 -12.76
CA THR B 365 27.77 22.05 -13.33
C THR B 365 26.87 20.82 -13.17
N MET B 366 27.41 19.65 -12.85
CA MET B 366 26.61 18.45 -12.70
C MET B 366 26.99 17.74 -11.41
N THR B 367 26.03 17.02 -10.83
CA THR B 367 26.22 16.30 -9.58
C THR B 367 25.66 14.90 -9.70
N LYS B 368 26.29 13.95 -8.99
CA LYS B 368 25.86 12.56 -9.00
C LYS B 368 24.50 12.43 -8.34
N TRP B 369 23.49 11.99 -9.10
CA TRP B 369 22.16 11.84 -8.55
C TRP B 369 22.02 10.49 -7.85
N GLN B 370 22.50 9.42 -8.47
CA GLN B 370 22.39 8.09 -7.88
C GLN B 370 23.23 7.09 -8.66
N GLU B 371 23.95 6.24 -7.95
CA GLU B 371 24.77 5.21 -8.58
C GLU B 371 23.92 3.97 -8.78
N VAL B 372 23.55 3.68 -10.02
CA VAL B 372 22.71 2.54 -10.35
C VAL B 372 23.55 1.28 -10.31
N ASP B 373 23.10 0.30 -9.52
CA ASP B 373 23.82 -0.95 -9.39
C ASP B 373 23.63 -1.83 -10.62
N GLU B 374 22.49 -1.72 -11.29
CA GLU B 374 22.21 -2.52 -12.49
C GLU B 374 21.21 -1.75 -13.34
N MET B 375 21.51 -1.58 -14.62
CA MET B 375 20.64 -0.85 -15.53
C MET B 375 20.67 -1.55 -16.88
N LEU B 376 19.49 -1.75 -17.46
CA LEU B 376 19.36 -2.41 -18.76
C LEU B 376 19.16 -1.37 -19.85
N ARG B 377 19.83 -1.56 -20.98
CA ARG B 377 19.74 -0.66 -22.13
C ARG B 377 19.09 -1.38 -23.29
N SER B 378 18.12 -0.71 -23.92
CA SER B 378 17.39 -1.26 -25.06
C SER B 378 17.27 -0.19 -26.14
N GLU B 379 17.28 -0.65 -27.39
CA GLU B 379 17.17 0.22 -28.56
C GLU B 379 15.82 -0.01 -29.21
N TYR B 380 15.07 1.08 -29.39
CA TYR B 380 13.74 1.00 -30.01
C TYR B 380 13.34 2.36 -30.53
N GLY B 381 12.77 2.36 -31.74
CA GLY B 381 12.34 3.60 -32.37
C GLY B 381 13.43 4.63 -32.54
N GLY B 382 14.63 4.22 -32.91
CA GLY B 382 15.72 5.16 -33.08
C GLY B 382 16.10 5.90 -31.83
N SER B 383 15.93 5.27 -30.66
CA SER B 383 16.25 5.91 -29.39
C SER B 383 16.46 4.83 -28.34
N PHE B 384 17.52 4.98 -27.56
CA PHE B 384 17.80 4.02 -26.50
C PHE B 384 16.76 4.16 -25.39
N ARG B 385 16.70 3.13 -24.55
CA ARG B 385 15.77 3.11 -23.43
C ARG B 385 16.44 2.46 -22.23
N PHE B 386 16.75 3.26 -21.23
CA PHE B 386 17.39 2.79 -20.01
C PHE B 386 16.35 2.56 -18.92
N SER B 387 16.49 1.44 -18.21
CA SER B 387 15.54 1.10 -17.15
C SER B 387 16.31 0.46 -15.99
N SER B 388 15.81 0.68 -14.79
CA SER B 388 16.42 0.15 -13.58
C SER B 388 15.32 -0.25 -12.61
N ASP B 389 15.74 -0.90 -11.51
CA ASP B 389 14.79 -1.35 -10.50
C ASP B 389 14.63 -0.35 -9.37
N ALA B 390 15.63 0.51 -9.16
CA ALA B 390 15.58 1.48 -8.07
C ALA B 390 15.16 2.86 -8.53
N ILE B 391 15.54 3.25 -9.75
CA ILE B 391 15.18 4.59 -10.23
C ILE B 391 13.69 4.73 -10.46
N SER B 392 13.02 3.69 -10.96
CA SER B 392 11.58 3.72 -11.22
C SER B 392 11.22 4.71 -12.32
N THR B 393 12.17 5.03 -13.20
CA THR B 393 11.96 5.94 -14.32
C THR B 393 12.76 5.45 -15.51
N THR B 394 12.20 5.62 -16.70
CA THR B 394 12.83 5.20 -17.96
C THR B 394 13.37 6.43 -18.67
N PHE B 395 14.63 6.35 -19.09
CA PHE B 395 15.31 7.43 -19.80
C PHE B 395 15.40 7.10 -21.28
N THR B 396 15.39 8.14 -22.11
CA THR B 396 15.47 8.01 -23.56
C THR B 396 16.55 8.92 -24.11
N THR B 397 17.38 8.39 -25.01
CA THR B 397 18.48 9.14 -25.62
C THR B 397 18.36 9.05 -27.12
N ASN B 398 19.20 9.83 -27.83
CA ASN B 398 19.20 9.89 -29.28
C ASN B 398 20.19 8.93 -29.94
N LEU B 399 20.61 7.87 -29.25
CA LEU B 399 21.53 6.86 -29.78
C LEU B 399 22.94 7.37 -30.06
N THR B 400 23.22 8.65 -29.78
CA THR B 400 24.54 9.20 -30.03
C THR B 400 25.18 9.63 -28.71
N GLU B 401 26.40 9.15 -28.48
CA GLU B 401 27.10 9.49 -27.25
C GLU B 401 27.38 10.98 -27.19
N TYR B 402 27.07 11.59 -26.06
CA TYR B 402 27.32 13.01 -25.91
C TYR B 402 28.82 13.25 -25.86
N PRO B 403 29.38 14.17 -26.68
CA PRO B 403 30.84 14.36 -26.60
C PRO B 403 31.26 15.04 -25.29
N LEU B 404 31.38 14.23 -24.24
CA LEU B 404 31.79 14.76 -22.93
C LEU B 404 33.15 15.42 -23.01
N SER B 405 34.04 14.92 -23.88
CA SER B 405 35.36 15.51 -24.03
C SER B 405 35.29 16.92 -24.57
N ARG B 406 34.18 17.31 -25.21
CA ARG B 406 34.02 18.65 -25.75
C ARG B 406 34.06 19.71 -24.67
N VAL B 407 33.72 19.36 -23.43
CA VAL B 407 33.72 20.27 -22.29
C VAL B 407 34.86 19.88 -21.36
N ASP B 408 35.49 20.89 -20.75
CA ASP B 408 36.60 20.63 -19.83
C ASP B 408 36.12 20.09 -18.48
N LEU B 409 34.80 19.98 -18.28
CA LEU B 409 34.27 19.47 -17.02
C LEU B 409 34.40 17.96 -16.90
N GLY B 410 35.05 17.30 -17.87
CA GLY B 410 35.24 15.86 -17.82
C GLY B 410 36.01 15.46 -16.59
N ASP B 411 36.90 16.35 -16.12
CA ASP B 411 37.68 16.07 -14.92
C ASP B 411 36.79 15.95 -13.68
N CYS B 412 35.58 16.51 -13.72
CA CYS B 412 34.64 16.45 -12.61
C CYS B 412 33.63 15.32 -12.80
N ILE B 413 33.18 15.10 -14.03
CA ILE B 413 32.20 14.06 -14.32
C ILE B 413 32.90 12.78 -14.77
N GLY B 414 33.83 12.89 -15.72
CA GLY B 414 34.54 11.71 -16.19
C GLY B 414 35.33 11.04 -15.08
N LYS B 415 35.89 11.83 -14.16
CA LYS B 415 36.64 11.26 -13.06
C LYS B 415 35.71 10.57 -12.07
N ASP B 416 34.67 11.29 -11.63
CA ASP B 416 33.72 10.72 -10.68
C ASP B 416 32.95 9.55 -11.28
N ALA B 417 32.58 9.65 -12.56
CA ALA B 417 31.83 8.57 -13.20
C ALA B 417 32.67 7.30 -13.29
N ARG B 418 33.83 7.38 -13.93
CA ARG B 418 34.69 6.21 -14.09
C ARG B 418 35.06 5.59 -12.75
N ASP B 419 35.27 6.42 -11.73
CA ASP B 419 35.61 5.88 -10.41
C ASP B 419 34.47 5.04 -9.85
N ALA B 420 33.24 5.39 -10.20
CA ALA B 420 32.08 4.63 -9.72
C ALA B 420 31.89 3.34 -10.50
N MET B 421 32.25 3.32 -11.78
CA MET B 421 32.09 2.12 -12.59
C MET B 421 32.91 0.97 -12.03
N ASP B 422 34.19 1.23 -11.74
CA ASP B 422 35.05 0.18 -11.21
C ASP B 422 34.61 -0.24 -9.80
N ARG B 423 34.17 0.71 -8.98
CA ARG B 423 33.74 0.37 -7.63
C ARG B 423 32.53 -0.55 -7.65
N ILE B 424 31.55 -0.25 -8.51
CA ILE B 424 30.36 -1.09 -8.61
C ILE B 424 30.72 -2.43 -9.24
N PHE B 425 31.57 -2.40 -10.27
CA PHE B 425 31.98 -3.62 -10.94
C PHE B 425 32.74 -4.55 -10.01
N ALA B 426 33.66 -3.99 -9.21
CA ALA B 426 34.43 -4.82 -8.30
C ALA B 426 33.59 -5.33 -7.15
N ARG B 427 32.44 -4.69 -6.88
CA ARG B 427 31.61 -5.12 -5.77
C ARG B 427 30.91 -6.44 -6.05
N ARG B 428 30.29 -6.59 -7.24
CA ARG B 428 29.56 -7.81 -7.58
C ARG B 428 29.78 -8.34 -8.99
N TYR B 429 30.19 -7.53 -9.97
CA TYR B 429 30.34 -8.00 -11.34
C TYR B 429 31.74 -8.52 -11.69
N ASN B 430 32.72 -8.41 -10.79
CA ASN B 430 34.06 -8.88 -11.14
C ASN B 430 34.13 -10.40 -11.21
N ALA B 431 33.28 -11.11 -10.48
CA ALA B 431 33.33 -12.57 -10.47
C ALA B 431 32.39 -13.24 -11.46
N THR B 432 31.50 -12.49 -12.13
CA THR B 432 30.56 -13.13 -13.07
C THR B 432 30.42 -12.42 -14.41
N HIS B 433 30.80 -11.14 -14.51
CA HIS B 433 30.66 -10.38 -15.75
C HIS B 433 31.99 -9.82 -16.20
N ILE B 434 32.00 -9.35 -17.45
CA ILE B 434 33.17 -8.76 -18.10
C ILE B 434 32.74 -7.45 -18.76
N LYS B 435 33.62 -6.46 -18.70
CA LYS B 435 33.32 -5.15 -19.30
C LYS B 435 33.40 -5.24 -20.82
N VAL B 436 32.50 -4.51 -21.49
CA VAL B 436 32.45 -4.52 -22.96
C VAL B 436 32.83 -3.11 -23.41
N GLY B 437 34.10 -2.93 -23.74
CA GLY B 437 34.59 -1.65 -24.20
C GLY B 437 34.65 -0.59 -23.12
N GLN B 438 34.89 0.64 -23.58
CA GLN B 438 34.99 1.77 -22.68
C GLN B 438 33.59 2.27 -22.30
N PRO B 439 33.48 3.08 -21.24
CA PRO B 439 32.16 3.59 -20.85
C PRO B 439 31.56 4.49 -21.93
N GLN B 440 30.30 4.86 -21.74
CA GLN B 440 29.58 5.71 -22.67
C GLN B 440 28.74 6.71 -21.90
N TYR B 441 28.52 7.88 -22.50
CA TYR B 441 27.73 8.95 -21.90
C TYR B 441 26.63 9.36 -22.88
N TYR B 442 25.43 9.59 -22.35
CA TYR B 442 24.29 9.97 -23.17
C TYR B 442 23.43 10.98 -22.42
N LEU B 443 22.87 11.94 -23.17
CA LEU B 443 21.98 12.94 -22.59
C LEU B 443 20.56 12.46 -22.75
N ALA B 444 19.88 12.26 -21.62
CA ALA B 444 18.51 11.77 -21.60
C ALA B 444 17.51 12.91 -21.46
N ASN B 445 16.27 12.62 -21.83
CA ASN B 445 15.21 13.61 -21.74
C ASN B 445 14.99 13.97 -20.27
N GLY B 446 14.80 15.26 -20.01
CA GLY B 446 14.60 15.76 -18.68
C GLY B 446 15.81 16.44 -18.05
N GLY B 447 16.94 16.45 -18.74
CA GLY B 447 18.15 17.08 -18.24
C GLY B 447 19.13 16.15 -17.55
N PHE B 448 18.98 14.84 -17.69
CA PHE B 448 19.89 13.90 -17.06
C PHE B 448 20.99 13.44 -18.01
N LEU B 449 22.18 13.25 -17.44
CA LEU B 449 23.34 12.75 -18.15
C LEU B 449 23.62 11.37 -17.57
N ILE B 450 23.50 10.34 -18.40
CA ILE B 450 23.65 8.96 -17.97
C ILE B 450 24.96 8.39 -18.48
N ALA B 451 25.82 7.98 -17.55
CA ALA B 451 27.07 7.33 -17.88
C ALA B 451 26.76 5.84 -17.92
N TYR B 452 27.33 5.13 -18.88
CA TYR B 452 27.04 3.70 -19.03
C TYR B 452 28.31 2.89 -19.19
N GLN B 453 28.21 1.61 -18.87
CA GLN B 453 29.30 0.65 -18.97
C GLN B 453 28.63 -0.68 -19.28
N PRO B 454 28.43 -1.02 -20.57
CA PRO B 454 27.76 -2.28 -20.89
C PRO B 454 28.53 -3.49 -20.38
N LEU B 455 27.77 -4.50 -19.95
CA LEU B 455 28.32 -5.74 -19.41
C LEU B 455 27.55 -6.93 -19.98
N LEU B 456 28.18 -8.10 -19.89
CA LEU B 456 27.60 -9.35 -20.34
C LEU B 456 28.11 -10.46 -19.43
N SER B 457 27.23 -11.41 -19.14
CA SER B 457 27.59 -12.51 -18.25
C SER B 457 28.62 -13.42 -18.90
N ASN B 458 29.29 -14.22 -18.05
CA ASN B 458 30.30 -15.15 -18.55
C ASN B 458 29.69 -16.18 -19.47
N THR B 459 28.47 -16.66 -19.17
CA THR B 459 27.83 -17.63 -20.04
C THR B 459 27.62 -17.07 -21.44
N LEU B 460 27.18 -15.81 -21.52
CA LEU B 460 26.99 -15.19 -22.82
C LEU B 460 28.33 -14.96 -23.51
N ALA B 461 29.39 -14.72 -22.73
CA ALA B 461 30.71 -14.52 -23.31
C ALA B 461 31.19 -15.79 -23.98
N GLU B 462 30.91 -16.94 -23.38
CA GLU B 462 31.32 -18.21 -23.95
C GLU B 462 30.69 -18.42 -25.31
N LEU B 463 29.42 -18.03 -25.45
CA LEU B 463 28.74 -18.19 -26.73
C LEU B 463 29.37 -17.31 -27.80
N TYR B 464 29.73 -16.07 -27.45
CA TYR B 464 30.32 -15.17 -28.43
C TYR B 464 31.70 -15.67 -28.87
N VAL B 465 32.57 -16.01 -27.91
CA VAL B 465 33.90 -16.50 -28.27
C VAL B 465 33.78 -17.83 -29.02
N ARG B 466 32.85 -18.70 -28.61
CA ARG B 466 32.68 -19.97 -29.30
C ARG B 466 32.23 -19.73 -30.74
N GLU B 467 31.28 -18.81 -30.93
CA GLU B 467 30.81 -18.51 -32.28
C GLU B 467 31.90 -17.80 -33.07
N HIS B 468 32.68 -16.94 -32.41
CA HIS B 468 33.77 -16.24 -33.10
C HIS B 468 34.81 -17.23 -33.60
N LEU B 469 35.09 -18.26 -32.80
CA LEU B 469 36.06 -19.26 -33.22
C LEU B 469 35.59 -19.97 -34.49
N ARG B 470 34.29 -20.22 -34.60
CA ARG B 470 33.75 -20.86 -35.80
C ARG B 470 33.97 -19.95 -37.01
N GLU B 471 33.74 -18.65 -36.83
CA GLU B 471 33.94 -17.70 -37.93
C GLU B 471 35.42 -17.57 -38.27
N GLN B 472 36.30 -17.81 -37.31
CA GLN B 472 37.74 -17.71 -37.54
C GLN B 472 38.22 -18.71 -38.59
N SER B 473 37.51 -19.82 -38.75
CA SER B 473 37.88 -20.84 -39.73
C SER B 473 37.83 -20.27 -41.15
N ILE B 501 38.29 -12.38 -28.98
CA ILE B 501 38.76 -11.77 -27.70
C ILE B 501 38.14 -10.38 -27.51
N GLU B 502 37.94 -9.67 -28.62
CA GLU B 502 37.36 -8.33 -28.57
C GLU B 502 35.84 -8.42 -28.60
N PHE B 503 35.21 -8.16 -27.46
CA PHE B 503 33.77 -8.20 -27.39
C PHE B 503 33.13 -7.01 -28.09
N ALA B 504 33.84 -5.88 -28.14
CA ALA B 504 33.31 -4.72 -28.84
C ALA B 504 33.23 -5.04 -30.33
N ARG B 505 32.32 -4.34 -31.03
CA ARG B 505 32.07 -4.53 -32.46
C ARG B 505 31.73 -5.98 -32.80
N LEU B 506 31.32 -6.76 -31.80
CA LEU B 506 30.95 -8.15 -32.00
C LEU B 506 29.57 -8.42 -31.42
N GLN B 507 29.24 -7.71 -30.33
CA GLN B 507 27.94 -7.84 -29.69
C GLN B 507 26.86 -7.38 -30.67
N PHE B 508 25.70 -8.05 -30.61
CA PHE B 508 24.56 -7.77 -31.48
C PHE B 508 24.81 -8.22 -32.93
N THR B 509 25.95 -8.85 -33.20
CA THR B 509 26.24 -9.31 -34.54
C THR B 509 25.57 -10.64 -34.82
N TYR B 510 25.72 -11.61 -33.91
CA TYR B 510 25.12 -12.93 -34.05
C TYR B 510 23.65 -12.80 -33.64
N ASN B 511 22.78 -12.73 -34.64
CA ASN B 511 21.35 -12.59 -34.36
C ASN B 511 20.79 -13.79 -33.60
N HIS B 512 21.22 -15.00 -33.98
CA HIS B 512 20.72 -16.19 -33.28
C HIS B 512 21.09 -16.17 -31.81
N ILE B 513 22.22 -15.56 -31.46
CA ILE B 513 22.63 -15.48 -30.06
C ILE B 513 21.92 -14.31 -29.36
N GLN B 514 21.58 -13.27 -30.13
CA GLN B 514 20.91 -12.11 -29.54
C GLN B 514 19.42 -12.33 -29.38
N ARG B 515 18.85 -13.28 -30.13
CA ARG B 515 17.42 -13.54 -30.01
C ARG B 515 16.98 -14.00 -28.63
N PRO B 516 17.63 -14.98 -27.98
CA PRO B 516 17.15 -15.38 -26.65
C PRO B 516 17.45 -14.35 -25.57
N VAL B 517 18.59 -13.65 -25.64
CA VAL B 517 18.88 -12.66 -24.61
C VAL B 517 17.88 -11.49 -24.67
N ASN B 518 17.41 -11.14 -25.87
CA ASN B 518 16.44 -10.06 -25.99
C ASN B 518 15.15 -10.42 -25.27
N ASP B 519 14.72 -11.68 -25.40
CA ASP B 519 13.51 -12.12 -24.73
C ASP B 519 13.73 -12.28 -23.23
N MET B 520 14.90 -12.79 -22.85
CA MET B 520 15.20 -12.99 -21.44
C MET B 520 15.20 -11.66 -20.70
N LEU B 521 16.05 -10.73 -21.12
CA LEU B 521 16.10 -9.42 -20.46
C LEU B 521 14.79 -8.66 -20.64
N GLY B 522 14.02 -9.00 -21.68
CA GLY B 522 12.75 -8.31 -21.87
C GLY B 522 11.78 -8.53 -20.72
N ARG B 523 11.74 -9.76 -20.20
CA ARG B 523 10.85 -10.04 -19.08
C ARG B 523 11.29 -9.27 -17.84
N VAL B 524 12.61 -9.15 -17.63
CA VAL B 524 13.12 -8.42 -16.48
C VAL B 524 12.70 -6.96 -16.55
N ALA B 525 12.86 -6.34 -17.72
CA ALA B 525 12.48 -4.94 -17.87
C ALA B 525 10.98 -4.77 -17.68
N ILE B 526 10.18 -5.67 -18.25
CA ILE B 526 8.74 -5.58 -18.10
C ILE B 526 8.33 -5.85 -16.65
N ALA B 527 9.02 -6.78 -15.99
CA ALA B 527 8.69 -7.10 -14.61
C ALA B 527 8.92 -5.88 -13.71
N TRP B 528 10.03 -5.18 -13.91
CA TRP B 528 10.30 -3.99 -13.10
C TRP B 528 9.26 -2.91 -13.35
N CYS B 529 8.86 -2.73 -14.62
CA CYS B 529 7.87 -1.71 -14.94
C CYS B 529 6.53 -2.01 -14.26
N GLU B 530 6.08 -3.27 -14.32
CA GLU B 530 4.82 -3.62 -13.70
C GLU B 530 4.90 -3.48 -12.19
N GLU B 531 6.01 -3.91 -11.59
CA GLU B 531 6.16 -3.80 -10.14
C GLU B 531 6.22 -2.33 -9.71
N GLN B 532 6.92 -1.50 -10.47
CA GLN B 532 7.01 -0.08 -10.13
C GLN B 532 5.65 0.59 -10.21
N ASN B 533 4.84 0.25 -11.22
CA ASN B 533 3.51 0.84 -11.32
C ASN B 533 2.66 0.46 -10.12
N HIS B 534 2.83 -0.78 -9.64
CA HIS B 534 2.08 -1.25 -8.49
C HIS B 534 2.44 -0.45 -7.24
N GLU B 535 3.73 -0.14 -7.07
CA GLU B 535 4.17 0.62 -5.91
C GLU B 535 3.85 2.11 -6.05
N LEU B 536 4.00 2.66 -7.26
CA LEU B 536 3.74 4.07 -7.47
C LEU B 536 2.29 4.43 -7.17
N THR B 537 1.35 3.64 -7.68
CA THR B 537 -0.06 3.93 -7.43
C THR B 537 -0.42 3.81 -5.96
N LEU B 538 0.18 2.86 -5.24
CA LEU B 538 -0.11 2.72 -3.81
C LEU B 538 0.55 3.84 -3.02
N TRP B 539 1.77 4.20 -3.38
CA TRP B 539 2.48 5.27 -2.68
C TRP B 539 1.78 6.61 -2.87
N ASN B 540 1.32 6.89 -4.08
CA ASN B 540 0.64 8.16 -4.34
C ASN B 540 -0.67 8.27 -3.56
N GLU B 541 -1.38 7.17 -3.37
CA GLU B 541 -2.64 7.23 -2.61
C GLU B 541 -2.36 7.53 -1.14
N ALA B 542 -1.36 6.87 -0.56
CA ALA B 542 -1.03 7.12 0.84
C ALA B 542 -0.50 8.54 1.02
N ARG B 543 0.13 9.09 -0.02
CA ARG B 543 0.65 10.46 0.05
C ARG B 543 -0.48 11.45 0.27
N LYS B 544 -1.60 11.26 -0.43
CA LYS B 544 -2.75 12.14 -0.27
C LYS B 544 -3.43 11.90 1.07
N LEU B 545 -3.37 10.67 1.57
CA LEU B 545 -4.02 10.33 2.83
C LEU B 545 -3.25 10.89 4.02
N ASN B 546 -1.93 11.04 3.91
CA ASN B 546 -1.12 11.56 5.01
C ASN B 546 0.21 12.03 4.45
N PRO B 547 0.27 13.25 3.90
CA PRO B 547 1.54 13.74 3.36
C PRO B 547 2.64 13.89 4.39
N ASN B 548 2.30 14.09 5.67
CA ASN B 548 3.33 14.28 6.69
C ASN B 548 4.19 13.01 6.85
N ALA B 549 3.55 11.85 6.95
CA ALA B 549 4.31 10.61 7.13
C ALA B 549 5.06 10.25 5.85
N ILE B 550 4.41 10.37 4.70
CA ILE B 550 5.05 10.01 3.45
C ILE B 550 6.18 10.98 3.12
N ALA B 551 6.00 12.27 3.42
CA ALA B 551 7.06 13.24 3.13
C ALA B 551 8.25 13.05 4.06
N SER B 552 7.99 12.70 5.33
CA SER B 552 9.07 12.50 6.28
C SER B 552 9.97 11.32 5.93
N VAL B 553 9.38 10.19 5.54
CA VAL B 553 10.18 9.02 5.21
C VAL B 553 10.93 9.21 3.90
N THR B 554 10.34 9.92 2.94
CA THR B 554 11.00 10.12 1.66
C THR B 554 12.25 10.99 1.76
N VAL B 555 12.42 11.74 2.85
CA VAL B 555 13.57 12.61 3.04
C VAL B 555 14.46 12.17 4.19
N GLY B 556 14.01 11.24 5.03
CA GLY B 556 14.82 10.77 6.13
C GLY B 556 14.77 11.58 7.41
N ARG B 557 13.93 12.62 7.48
CA ARG B 557 13.82 13.44 8.68
C ARG B 557 12.38 13.92 8.80
N ARG B 558 11.98 14.25 10.02
CA ARG B 558 10.62 14.73 10.25
C ARG B 558 10.41 16.00 9.42
N VAL B 559 9.30 16.04 8.69
CA VAL B 559 9.01 17.16 7.81
C VAL B 559 7.51 17.38 7.69
N SER B 560 7.12 18.64 7.46
CA SER B 560 5.74 19.06 7.30
C SER B 560 5.43 19.15 5.82
N ALA B 561 4.19 18.84 5.44
CA ALA B 561 3.82 18.92 4.03
C ALA B 561 2.31 18.83 3.88
N ARG B 562 1.82 19.44 2.80
CA ARG B 562 0.41 19.43 2.47
C ARG B 562 0.29 19.55 0.96
N MET B 563 -0.85 19.12 0.43
CA MET B 563 -1.07 19.13 -1.02
C MET B 563 -1.70 20.45 -1.46
N LEU B 564 -0.99 21.17 -2.32
CA LEU B 564 -1.49 22.43 -2.89
C LEU B 564 -2.14 22.12 -4.24
N GLY B 565 -3.13 21.25 -4.20
CA GLY B 565 -3.83 20.82 -5.39
C GLY B 565 -3.24 19.52 -5.88
N ASP B 566 -2.47 19.57 -6.96
CA ASP B 566 -1.82 18.39 -7.53
C ASP B 566 -0.32 18.37 -7.26
N VAL B 567 0.18 19.31 -6.45
CA VAL B 567 1.59 19.40 -6.09
C VAL B 567 1.65 19.48 -4.57
N MET B 568 2.73 18.95 -3.99
CA MET B 568 2.90 18.91 -2.54
C MET B 568 3.91 19.94 -2.06
N ALA B 569 3.46 20.84 -1.20
CA ALA B 569 4.34 21.85 -0.61
C ALA B 569 4.96 21.21 0.62
N VAL B 570 6.21 21.56 0.88
CA VAL B 570 6.95 20.95 1.99
C VAL B 570 7.73 22.02 2.77
N SER B 571 7.92 21.77 4.06
CA SER B 571 8.66 22.66 4.95
C SER B 571 9.25 21.84 6.08
N THR B 572 10.25 22.40 6.75
CA THR B 572 10.92 21.71 7.85
C THR B 572 10.20 21.96 9.17
N CYS B 573 10.37 21.03 10.11
CA CYS B 573 9.76 21.11 11.43
C CYS B 573 10.81 21.49 12.47
N VAL B 574 10.35 22.10 13.55
CA VAL B 574 11.20 22.56 14.64
C VAL B 574 11.10 21.55 15.77
N PRO B 575 12.20 20.92 16.22
CA PRO B 575 12.10 19.96 17.32
C PRO B 575 12.18 20.64 18.68
N VAL B 576 11.53 20.01 19.66
CA VAL B 576 11.50 20.51 21.03
C VAL B 576 11.66 19.32 21.97
N ALA B 577 12.46 19.49 23.02
CA ALA B 577 12.71 18.42 23.97
C ALA B 577 11.44 18.02 24.71
N ALA B 578 11.44 16.79 25.23
CA ALA B 578 10.29 16.27 25.95
C ALA B 578 10.13 16.89 27.34
N ASP B 579 11.23 17.34 27.94
CA ASP B 579 11.14 17.95 29.27
C ASP B 579 10.55 19.35 29.24
N ASN B 580 10.33 19.93 28.06
CA ASN B 580 9.79 21.26 27.90
C ASN B 580 8.31 21.28 27.53
N VAL B 581 7.60 20.15 27.68
CA VAL B 581 6.18 20.07 27.34
C VAL B 581 5.42 19.44 28.51
N ILE B 582 4.23 19.97 28.77
CA ILE B 582 3.35 19.50 29.84
C ILE B 582 1.98 19.24 29.24
N VAL B 583 1.31 18.20 29.73
CA VAL B 583 -0.01 17.79 29.26
C VAL B 583 -1.03 18.11 30.34
N GLN B 584 -2.14 18.73 29.95
CA GLN B 584 -3.18 19.09 30.89
C GLN B 584 -3.86 17.83 31.43
N ASN B 585 -4.37 17.93 32.65
CA ASN B 585 -5.03 16.79 33.30
C ASN B 585 -6.42 16.51 32.75
N SER B 586 -7.02 17.44 32.01
CA SER B 586 -8.37 17.23 31.46
C SER B 586 -8.43 17.78 30.04
N MET B 587 -9.28 17.17 29.23
CA MET B 587 -9.49 17.55 27.84
C MET B 587 -10.91 18.08 27.62
N ARG B 588 -11.66 18.33 28.68
CA ARG B 588 -13.02 18.85 28.58
C ARG B 588 -12.97 20.36 28.64
N ILE B 589 -13.84 21.01 27.87
CA ILE B 589 -13.90 22.48 27.83
C ILE B 589 -15.12 22.88 28.65
N SER B 590 -14.91 23.76 29.64
CA SER B 590 -16.00 24.19 30.49
C SER B 590 -16.83 25.31 29.89
N SER B 591 -16.34 25.94 28.82
CA SER B 591 -17.09 27.04 28.20
C SER B 591 -18.44 26.61 27.64
N ARG B 592 -18.56 25.35 27.18
CA ARG B 592 -19.82 24.88 26.62
C ARG B 592 -19.97 23.37 26.84
N PRO B 593 -20.93 22.90 27.66
CA PRO B 593 -21.09 21.46 27.84
C PRO B 593 -21.51 20.78 26.54
N GLY B 594 -21.17 19.50 26.43
CA GLY B 594 -21.48 18.71 25.26
C GLY B 594 -20.38 18.66 24.22
N ALA B 595 -19.33 19.45 24.38
CA ALA B 595 -18.19 19.48 23.46
C ALA B 595 -16.90 19.34 24.25
N CYS B 596 -15.95 18.61 23.68
CA CYS B 596 -14.66 18.39 24.33
C CYS B 596 -13.62 18.08 23.27
N TYR B 597 -12.38 18.42 23.58
CA TYR B 597 -11.26 18.20 22.67
C TYR B 597 -11.07 16.71 22.42
N SER B 598 -10.76 16.35 21.18
CA SER B 598 -10.53 14.96 20.82
C SER B 598 -9.15 14.47 21.20
N ARG B 599 -8.20 15.37 21.47
CA ARG B 599 -6.84 15.01 21.85
C ARG B 599 -6.44 15.84 23.07
N PRO B 600 -5.49 15.37 23.86
CA PRO B 600 -5.11 16.12 25.06
C PRO B 600 -4.48 17.48 24.74
N LEU B 601 -4.72 18.44 25.63
CA LEU B 601 -4.15 19.77 25.47
C LEU B 601 -2.74 19.76 26.07
N VAL B 602 -1.85 20.59 25.51
CA VAL B 602 -0.47 20.66 25.98
C VAL B 602 0.01 22.10 26.01
N SER B 603 0.96 22.34 26.91
CA SER B 603 1.62 23.62 27.11
C SER B 603 3.11 23.33 27.08
N PHE B 604 3.86 24.11 26.29
CA PHE B 604 5.30 23.88 26.18
C PHE B 604 6.04 25.18 25.93
N ARG B 605 7.36 25.05 25.85
CA ARG B 605 8.27 26.16 25.60
C ARG B 605 9.28 25.69 24.55
N TYR B 606 9.60 26.57 23.60
CA TYR B 606 10.53 26.20 22.54
C TYR B 606 11.91 25.85 23.09
N GLU B 607 12.31 26.45 24.20
CA GLU B 607 13.61 26.18 24.79
C GLU B 607 13.51 26.31 26.31
N ASP B 608 14.51 25.76 27.00
CA ASP B 608 14.53 25.81 28.45
C ASP B 608 14.52 27.26 28.94
N GLN B 609 13.71 27.51 29.98
CA GLN B 609 13.54 28.82 30.61
C GLN B 609 12.80 29.81 29.71
N GLY B 610 12.44 29.40 28.48
CA GLY B 610 11.74 30.28 27.57
C GLY B 610 10.28 30.43 27.94
N PRO B 611 9.59 31.34 27.25
CA PRO B 611 8.16 31.54 27.55
C PRO B 611 7.33 30.32 27.20
N LEU B 612 6.24 30.14 27.93
CA LEU B 612 5.35 29.01 27.70
C LEU B 612 4.30 29.37 26.65
N VAL B 613 3.96 28.40 25.81
CA VAL B 613 2.98 28.57 24.75
C VAL B 613 1.90 27.50 24.89
N GLU B 614 0.72 27.79 24.35
CA GLU B 614 -0.42 26.90 24.40
C GLU B 614 -0.57 26.18 23.08
N GLY B 615 -0.94 24.90 23.14
CA GLY B 615 -1.12 24.10 21.93
C GLY B 615 -1.89 22.83 22.20
N GLN B 616 -1.94 21.94 21.21
CA GLN B 616 -2.65 20.67 21.32
C GLN B 616 -1.74 19.56 20.85
N LEU B 617 -1.93 18.36 21.41
CA LEU B 617 -1.11 17.20 21.06
C LEU B 617 -1.63 16.59 19.76
N GLY B 618 -0.74 16.41 18.80
CA GLY B 618 -1.08 15.82 17.52
C GLY B 618 -0.70 14.36 17.45
N GLU B 619 -0.51 13.89 16.22
CA GLU B 619 -0.14 12.50 15.99
C GLU B 619 1.37 12.37 15.83
N ASN B 620 1.91 11.31 16.42
CA ASN B 620 3.34 11.01 16.37
C ASN B 620 4.16 12.12 17.01
N ASN B 621 3.81 12.42 18.27
CA ASN B 621 4.48 13.45 19.07
C ASN B 621 4.43 14.83 18.43
N GLU B 622 3.49 15.07 17.51
CA GLU B 622 3.39 16.37 16.88
C GLU B 622 2.66 17.34 17.80
N LEU B 623 3.13 18.59 17.82
CA LEU B 623 2.54 19.64 18.64
C LEU B 623 1.85 20.64 17.74
N ARG B 624 0.54 20.80 17.93
CA ARG B 624 -0.27 21.71 17.14
C ARG B 624 -0.45 23.01 17.92
N LEU B 625 -0.25 24.14 17.25
CA LEU B 625 -0.36 25.45 17.88
C LEU B 625 -1.80 25.94 17.99
N THR B 626 -2.77 25.27 17.37
CA THR B 626 -4.16 25.67 17.40
C THR B 626 -4.99 24.60 18.09
N ARG B 627 -5.79 25.01 19.07
CA ARG B 627 -6.66 24.11 19.82
C ARG B 627 -8.03 24.15 19.16
N ASP B 628 -8.23 23.30 18.15
CA ASP B 628 -9.49 23.23 17.42
C ASP B 628 -10.02 21.82 17.20
N ALA B 629 -9.30 20.79 17.63
CA ALA B 629 -9.76 19.42 17.45
C ALA B 629 -10.82 19.08 18.49
N ILE B 630 -12.05 19.59 18.29
CA ILE B 630 -13.17 19.37 19.24
C ILE B 630 -14.16 18.39 18.62
N GLU B 631 -14.98 17.72 19.45
CA GLU B 631 -15.94 16.71 18.95
C GLU B 631 -17.11 16.57 19.94
N PRO B 632 -18.31 16.12 19.51
CA PRO B 632 -19.38 15.90 20.46
C PRO B 632 -18.87 14.84 21.41
N CYS B 633 -19.09 14.98 22.72
CA CYS B 633 -18.51 14.03 23.71
C CYS B 633 -19.38 12.79 23.87
N THR B 634 -18.82 11.69 24.36
CA THR B 634 -19.53 10.40 24.49
C THR B 634 -19.31 9.81 25.86
N VAL B 635 -20.03 8.72 26.17
CA VAL B 635 -19.87 8.00 27.47
C VAL B 635 -18.77 6.94 27.27
N GLY B 636 -18.35 6.26 28.33
CA GLY B 636 -17.33 5.20 28.22
C GLY B 636 -16.23 5.58 27.25
N HIS B 637 -15.53 6.69 27.48
CA HIS B 637 -14.40 7.13 26.62
C HIS B 637 -13.13 6.44 27.10
N ARG B 638 -12.26 5.99 26.19
CA ARG B 638 -10.99 5.35 26.52
C ARG B 638 -10.08 5.53 25.32
N ARG B 639 -8.95 6.22 25.50
CA ARG B 639 -8.04 6.44 24.38
C ARG B 639 -6.60 6.50 24.87
N TYR B 640 -5.69 6.12 23.97
CA TYR B 640 -4.25 6.14 24.20
C TYR B 640 -3.65 7.09 23.18
N PHE B 641 -2.83 8.04 23.64
CA PHE B 641 -2.19 9.02 22.78
C PHE B 641 -0.68 8.93 22.94
N THR B 642 0.04 9.00 21.83
CA THR B 642 1.50 8.95 21.89
C THR B 642 2.01 10.20 22.56
N PHE B 643 2.88 10.02 23.56
CA PHE B 643 3.45 11.14 24.30
C PHE B 643 4.91 10.81 24.60
N GLY B 644 5.82 11.41 23.85
CA GLY B 644 7.23 11.15 24.06
C GLY B 644 7.54 9.69 23.78
N GLY B 645 8.33 9.08 24.65
CA GLY B 645 8.68 7.68 24.45
C GLY B 645 7.51 6.74 24.64
N GLY B 646 6.73 6.95 25.70
CA GLY B 646 5.59 6.10 26.01
C GLY B 646 4.26 6.65 25.52
N TYR B 647 3.20 6.28 26.22
CA TYR B 647 1.84 6.69 25.91
C TYR B 647 1.19 7.31 27.12
N VAL B 648 0.17 8.14 26.88
CA VAL B 648 -0.61 8.80 27.93
C VAL B 648 -2.03 8.27 27.80
N TYR B 649 -2.57 7.74 28.88
CA TYR B 649 -3.89 7.14 28.90
C TYR B 649 -4.92 8.13 29.44
N PHE B 650 -6.04 8.24 28.72
CA PHE B 650 -7.15 9.12 29.08
C PHE B 650 -8.44 8.33 29.04
N GLU B 651 -9.29 8.53 30.05
CA GLU B 651 -10.58 7.86 30.14
C GLU B 651 -11.61 8.86 30.63
N GLU B 652 -12.77 8.87 29.96
CA GLU B 652 -13.86 9.80 30.31
C GLU B 652 -13.37 11.24 30.23
N TYR B 653 -12.53 11.52 29.23
CA TYR B 653 -11.96 12.84 29.00
C TYR B 653 -11.21 13.37 30.21
N ALA B 654 -10.50 12.49 30.91
CA ALA B 654 -9.73 12.83 32.09
C ALA B 654 -8.42 12.06 32.09
N TYR B 655 -7.34 12.75 32.49
CA TYR B 655 -6.03 12.14 32.54
C TYR B 655 -6.02 11.04 33.60
N SER B 656 -5.65 9.82 33.20
CA SER B 656 -5.61 8.68 34.13
C SER B 656 -4.17 8.41 34.59
N HIS B 657 -3.28 8.11 33.65
CA HIS B 657 -1.88 7.82 33.98
C HIS B 657 -1.09 7.74 32.68
N GLN B 658 0.21 7.49 32.85
CA GLN B 658 1.15 7.36 31.74
C GLN B 658 1.80 5.99 31.80
N LEU B 659 2.07 5.41 30.62
CA LEU B 659 2.68 4.10 30.52
C LEU B 659 3.78 4.15 29.46
N SER B 660 4.73 3.22 29.58
CA SER B 660 5.86 3.16 28.67
C SER B 660 5.48 2.47 27.35
N ARG B 661 6.42 2.51 26.41
CA ARG B 661 6.23 1.91 25.10
C ARG B 661 6.26 0.39 25.15
N ALA B 662 7.00 -0.18 26.10
CA ALA B 662 7.13 -1.62 26.21
C ALA B 662 5.99 -2.27 27.00
N ASP B 663 5.02 -1.50 27.48
CA ASP B 663 3.91 -2.05 28.24
C ASP B 663 2.71 -2.44 27.39
N ILE B 664 2.87 -2.52 26.07
CA ILE B 664 1.78 -2.88 25.16
C ILE B 664 2.30 -3.93 24.18
N THR B 665 1.43 -4.88 23.84
CA THR B 665 1.81 -5.96 22.93
C THR B 665 2.18 -5.38 21.56
N THR B 666 3.29 -5.86 21.01
CA THR B 666 3.80 -5.41 19.72
C THR B 666 3.65 -6.52 18.70
N VAL B 667 3.33 -6.16 17.46
CA VAL B 667 3.13 -7.08 16.35
C VAL B 667 4.09 -6.72 15.21
N SER B 668 5.34 -6.37 15.58
CA SER B 668 6.36 -5.99 14.61
C SER B 668 6.39 -6.91 13.39
N THR B 669 6.35 -8.22 13.62
CA THR B 669 6.36 -9.15 12.50
C THR B 669 5.09 -9.00 11.68
N PHE B 670 5.13 -9.47 10.43
CA PHE B 670 3.97 -9.34 9.55
C PHE B 670 2.75 -10.08 10.08
N ILE B 671 2.92 -11.32 10.54
CA ILE B 671 1.83 -12.14 11.05
C ILE B 671 2.20 -12.69 12.42
N ASP B 672 1.33 -12.48 13.40
CA ASP B 672 1.53 -12.95 14.78
C ASP B 672 0.24 -13.65 15.21
N LEU B 673 0.30 -14.98 15.34
CA LEU B 673 -0.86 -15.76 15.73
C LEU B 673 -0.95 -16.00 17.24
N ASN B 674 0.02 -15.55 18.03
CA ASN B 674 0.02 -15.78 19.46
C ASN B 674 -0.65 -14.66 20.27
N ILE B 675 -1.62 -13.94 19.68
CA ILE B 675 -2.29 -12.89 20.43
C ILE B 675 -3.31 -13.52 21.36
N THR B 676 -3.13 -13.33 22.66
CA THR B 676 -4.03 -13.87 23.68
C THR B 676 -5.23 -12.95 23.88
N MET B 677 -6.06 -12.87 22.85
CA MET B 677 -7.25 -12.03 22.85
C MET B 677 -8.42 -12.76 23.50
N LEU B 678 -9.50 -12.02 23.75
CA LEU B 678 -10.71 -12.56 24.37
C LEU B 678 -11.94 -11.85 23.81
N GLU B 679 -13.08 -12.53 23.89
CA GLU B 679 -14.34 -11.99 23.37
C GLU B 679 -14.81 -10.86 24.30
N ASP B 680 -14.61 -9.63 23.82
CA ASP B 680 -14.99 -8.45 24.59
C ASP B 680 -16.50 -8.32 24.65
N HIS B 681 -17.00 -7.96 25.83
CA HIS B 681 -18.42 -7.76 26.09
C HIS B 681 -18.65 -6.27 26.26
N GLU B 682 -19.41 -5.67 25.34
CA GLU B 682 -19.67 -4.24 25.40
C GLU B 682 -20.38 -3.87 26.69
N PHE B 683 -19.87 -2.84 27.36
CA PHE B 683 -20.42 -2.34 28.62
C PHE B 683 -20.70 -0.85 28.41
N VAL B 684 -21.96 -0.49 28.28
CA VAL B 684 -22.40 0.88 28.04
C VAL B 684 -23.05 1.42 29.31
N PRO B 685 -22.80 2.67 29.70
CA PRO B 685 -23.47 3.20 30.89
C PRO B 685 -24.97 3.33 30.64
N LEU B 686 -25.75 3.27 31.72
CA LEU B 686 -27.20 3.37 31.57
C LEU B 686 -27.66 4.73 31.05
N GLU B 687 -26.83 5.77 31.14
CA GLU B 687 -27.26 7.08 30.65
C GLU B 687 -27.47 7.09 29.14
N VAL B 688 -26.86 6.15 28.41
CA VAL B 688 -27.04 6.11 26.96
C VAL B 688 -28.49 5.83 26.61
N TYR B 689 -29.21 5.11 27.47
CA TYR B 689 -30.62 4.80 27.23
C TYR B 689 -31.57 5.82 27.84
N THR B 690 -31.34 6.21 29.09
CA THR B 690 -32.21 7.16 29.77
C THR B 690 -31.99 8.60 29.33
N ARG B 691 -30.76 8.98 28.95
CA ARG B 691 -30.47 10.34 28.51
C ARG B 691 -30.23 10.45 27.02
N HIS B 692 -30.15 9.32 26.29
CA HIS B 692 -29.96 9.32 24.84
C HIS B 692 -28.72 10.08 24.41
N GLU B 693 -27.61 9.86 25.13
CA GLU B 693 -26.33 10.50 24.80
C GLU B 693 -25.44 9.45 24.15
N ILE B 694 -24.92 9.79 22.97
CA ILE B 694 -24.09 8.89 22.16
C ILE B 694 -22.97 8.26 22.98
N LYS B 695 -22.64 7.02 22.63
CA LYS B 695 -21.60 6.26 23.29
C LYS B 695 -20.32 6.32 22.46
N ASP B 696 -19.17 6.19 23.12
CA ASP B 696 -17.89 6.24 22.44
C ASP B 696 -17.76 5.11 21.44
N SER B 697 -17.07 5.39 20.33
CA SER B 697 -16.86 4.40 19.27
C SER B 697 -15.44 4.43 18.71
N GLY B 698 -14.48 5.02 19.41
CA GLY B 698 -13.12 5.05 18.90
C GLY B 698 -13.03 5.96 17.68
N LEU B 699 -11.86 5.92 17.04
CA LEU B 699 -11.68 6.73 15.84
C LEU B 699 -12.59 6.20 14.74
N LEU B 700 -12.90 7.08 13.80
CA LEU B 700 -13.81 6.74 12.71
C LEU B 700 -13.13 5.87 11.66
N ASP B 701 -13.75 4.72 11.37
CA ASP B 701 -13.26 3.82 10.34
C ASP B 701 -13.55 4.49 9.00
N TYR B 702 -12.94 3.99 7.92
CA TYR B 702 -13.19 4.60 6.61
C TYR B 702 -14.67 4.56 6.26
N THR B 703 -15.34 3.43 6.57
CA THR B 703 -16.76 3.35 6.28
C THR B 703 -17.56 4.25 7.21
N GLU B 704 -17.10 4.40 8.45
CA GLU B 704 -17.81 5.27 9.39
C GLU B 704 -17.80 6.71 8.91
N VAL B 705 -16.65 7.22 8.48
CA VAL B 705 -16.60 8.59 7.97
C VAL B 705 -17.41 8.66 6.69
N GLN B 706 -17.37 7.61 5.89
CA GLN B 706 -18.15 7.57 4.66
C GLN B 706 -19.64 7.44 4.98
N ARG B 707 -19.96 6.83 6.13
CA ARG B 707 -21.35 6.68 6.53
C ARG B 707 -21.81 7.88 7.36
N ARG B 708 -20.88 8.51 8.09
CA ARG B 708 -21.24 9.67 8.91
C ARG B 708 -21.70 10.83 8.06
N ASN B 709 -21.00 11.11 6.96
CA ASN B 709 -21.42 12.22 6.11
C ASN B 709 -22.75 11.95 5.44
N GLN B 710 -23.13 10.68 5.27
CA GLN B 710 -24.43 10.37 4.68
C GLN B 710 -25.53 10.90 5.58
N LEU B 711 -25.36 10.77 6.89
CA LEU B 711 -26.35 11.28 7.84
C LEU B 711 -26.45 12.79 7.72
N HIS B 712 -25.31 13.46 7.52
CA HIS B 712 -25.33 14.92 7.39
C HIS B 712 -26.20 15.34 6.22
N ASP B 713 -26.14 14.60 5.11
CA ASP B 713 -26.98 14.91 3.97
C ASP B 713 -28.45 14.78 4.35
N LEU B 714 -28.78 13.77 5.14
CA LEU B 714 -30.16 13.59 5.58
C LEU B 714 -30.57 14.73 6.49
N ARG B 715 -29.68 15.15 7.40
CA ARG B 715 -30.00 16.26 8.30
C ARG B 715 -30.22 17.55 7.51
N PHE B 716 -29.38 17.80 6.50
CA PHE B 716 -29.58 19.00 5.68
C PHE B 716 -30.92 18.95 4.97
N ALA B 717 -31.29 17.76 4.45
CA ALA B 717 -32.57 17.63 3.79
C ALA B 717 -33.71 17.88 4.78
N ASP B 718 -33.55 17.43 6.02
CA ASP B 718 -34.57 17.66 7.03
C ASP B 718 -34.70 19.16 7.31
N ILE B 719 -33.57 19.85 7.39
CA ILE B 719 -33.59 21.29 7.62
C ILE B 719 -34.22 21.99 6.43
N ASP B 720 -33.89 21.55 5.22
CA ASP B 720 -34.43 22.14 4.00
C ASP B 720 -35.94 21.91 3.87
N THR B 721 -36.49 20.92 4.56
CA THR B 721 -37.92 20.65 4.48
C THR B 721 -38.72 21.79 5.11
N THR C 109 6.33 17.99 -24.47
CA THR C 109 5.24 17.02 -24.81
C THR C 109 4.00 17.30 -23.97
N ASP C 110 2.85 16.87 -24.46
CA ASP C 110 1.57 17.05 -23.78
C ASP C 110 0.75 15.77 -23.87
N ALA C 111 0.13 15.40 -22.76
CA ALA C 111 -0.69 14.20 -22.73
C ALA C 111 -2.13 14.53 -23.10
N ASN C 112 -2.81 13.55 -23.66
CA ASN C 112 -4.19 13.75 -24.07
C ASN C 112 -5.12 13.81 -22.86
N PHE C 113 -6.15 14.64 -22.96
CA PHE C 113 -7.12 14.76 -21.89
C PHE C 113 -8.14 13.63 -22.03
N TYR C 114 -8.89 13.38 -20.96
CA TYR C 114 -9.89 12.32 -20.94
C TYR C 114 -11.17 12.79 -20.27
N VAL C 115 -12.30 12.48 -20.89
CA VAL C 115 -13.62 12.79 -20.38
C VAL C 115 -14.28 11.46 -20.09
N CYS C 116 -14.06 10.96 -18.87
CA CYS C 116 -14.55 9.66 -18.43
C CYS C 116 -16.03 9.72 -18.06
N PRO C 117 -16.92 8.98 -18.74
CA PRO C 117 -18.32 9.03 -18.36
C PRO C 117 -18.58 8.12 -17.18
N PRO C 118 -19.71 8.26 -16.51
CA PRO C 118 -20.00 7.41 -15.35
C PRO C 118 -20.46 6.03 -15.80
N PRO C 119 -19.83 4.95 -15.32
CA PRO C 119 -20.28 3.62 -15.75
C PRO C 119 -21.69 3.33 -15.24
N THR C 120 -22.45 2.62 -16.07
CA THR C 120 -23.83 2.26 -15.73
C THR C 120 -23.95 0.89 -15.09
N GLY C 121 -22.98 0.02 -15.29
CA GLY C 121 -22.98 -1.32 -14.74
C GLY C 121 -23.01 -2.45 -15.76
N ALA C 122 -22.83 -2.14 -17.04
CA ALA C 122 -22.84 -3.19 -18.06
C ALA C 122 -21.69 -4.17 -17.85
N THR C 123 -20.56 -3.68 -17.36
CA THR C 123 -19.38 -4.49 -17.10
C THR C 123 -19.04 -4.38 -15.62
N VAL C 124 -19.17 -5.48 -14.88
CA VAL C 124 -18.87 -5.49 -13.42
C VAL C 124 -17.74 -6.49 -13.19
N VAL C 125 -16.65 -6.06 -12.56
CA VAL C 125 -15.46 -6.92 -12.33
C VAL C 125 -15.30 -7.16 -10.82
N GLN C 126 -15.57 -8.38 -10.36
CA GLN C 126 -15.37 -8.74 -8.93
C GLN C 126 -13.86 -8.83 -8.79
N PHE C 127 -13.34 -8.79 -7.57
CA PHE C 127 -11.86 -8.74 -7.38
C PHE C 127 -11.49 -9.70 -6.24
N GLU C 128 -10.34 -10.38 -6.35
CA GLU C 128 -9.95 -11.45 -5.38
C GLU C 128 -9.87 -10.97 -3.92
N GLN C 129 -9.89 -11.91 -2.97
CA GLN C 129 -9.82 -11.60 -1.51
C GLN C 129 -8.75 -12.47 -0.84
N PRO C 130 -8.30 -12.14 0.40
CA PRO C 130 -7.26 -12.91 1.07
C PRO C 130 -7.58 -14.38 1.29
N ARG C 131 -6.57 -15.19 1.67
CA ARG C 131 -6.77 -16.64 1.87
C ARG C 131 -6.25 -17.08 3.24
N ARG C 132 -6.47 -18.34 3.62
CA ARG C 132 -6.02 -18.87 4.91
C ARG C 132 -4.74 -19.66 4.68
N CYS C 133 -3.61 -18.97 4.79
CA CYS C 133 -2.32 -19.63 4.59
C CYS C 133 -2.03 -20.56 5.77
N PRO C 134 -1.49 -21.76 5.53
CA PRO C 134 -1.20 -22.64 6.67
C PRO C 134 0.00 -22.15 7.46
N THR C 135 -0.11 -22.26 8.79
CA THR C 135 0.98 -21.83 9.65
C THR C 135 2.23 -22.67 9.43
N ARG C 136 2.06 -23.97 9.17
CA ARG C 136 3.15 -24.91 8.93
C ARG C 136 2.79 -25.72 7.68
N PRO C 137 3.77 -26.16 6.90
CA PRO C 137 3.45 -26.92 5.69
C PRO C 137 2.85 -28.27 6.03
N GLU C 138 1.84 -28.68 5.24
CA GLU C 138 1.18 -29.96 5.43
C GLU C 138 0.96 -30.73 4.14
N GLY C 139 1.18 -30.13 2.97
CA GLY C 139 0.97 -30.83 1.73
C GLY C 139 2.00 -31.93 1.52
N GLN C 140 1.58 -32.98 0.82
CA GLN C 140 2.43 -34.12 0.52
C GLN C 140 2.76 -34.15 -0.96
N ASN C 141 3.88 -34.81 -1.28
CA ASN C 141 4.36 -34.95 -2.65
C ASN C 141 4.55 -33.59 -3.33
N TYR C 142 5.36 -32.74 -2.70
CA TYR C 142 5.63 -31.43 -3.25
C TYR C 142 6.52 -31.56 -4.48
N THR C 143 6.32 -30.68 -5.46
CA THR C 143 7.11 -30.71 -6.68
C THR C 143 6.89 -29.43 -7.47
N GLU C 144 7.95 -28.97 -8.12
CA GLU C 144 7.91 -27.77 -8.94
C GLU C 144 7.77 -28.14 -10.41
N GLY C 145 7.29 -27.20 -11.20
CA GLY C 145 7.12 -27.47 -12.63
C GLY C 145 6.48 -26.29 -13.34
N ILE C 146 6.46 -26.40 -14.66
CA ILE C 146 5.89 -25.39 -15.53
C ILE C 146 4.40 -25.66 -15.64
N ALA C 147 3.61 -24.60 -15.83
CA ALA C 147 2.17 -24.75 -15.95
C ALA C 147 1.59 -23.68 -16.86
N VAL C 148 0.47 -24.05 -17.50
CA VAL C 148 -0.27 -23.17 -18.40
C VAL C 148 -1.73 -23.36 -18.07
N VAL C 149 -2.37 -22.31 -17.55
CA VAL C 149 -3.77 -22.33 -17.15
C VAL C 149 -4.61 -21.76 -18.28
N PHE C 150 -5.73 -22.43 -18.57
CA PHE C 150 -6.66 -22.03 -19.63
C PHE C 150 -8.00 -21.66 -19.01
N LYS C 151 -8.61 -20.59 -19.52
CA LYS C 151 -9.90 -20.11 -19.07
C LYS C 151 -10.96 -20.44 -20.11
N GLU C 152 -12.21 -20.55 -19.65
CA GLU C 152 -13.31 -20.84 -20.56
C GLU C 152 -13.50 -19.67 -21.51
N ASN C 153 -13.48 -19.95 -22.81
CA ASN C 153 -13.64 -18.90 -23.82
C ASN C 153 -15.07 -18.40 -23.79
N ILE C 154 -15.30 -17.25 -23.14
CA ILE C 154 -16.62 -16.67 -23.05
C ILE C 154 -17.13 -16.18 -24.40
N ALA C 155 -16.23 -15.90 -25.34
CA ALA C 155 -16.59 -15.44 -26.68
C ALA C 155 -17.49 -14.20 -26.64
N PRO C 156 -16.96 -13.04 -26.26
CA PRO C 156 -17.79 -11.84 -26.22
C PRO C 156 -18.09 -11.31 -27.61
N TYR C 157 -19.38 -11.13 -27.90
CA TYR C 157 -19.85 -10.63 -29.18
C TYR C 157 -20.37 -9.21 -28.97
N LYS C 158 -19.70 -8.24 -29.59
CA LYS C 158 -20.04 -6.83 -29.47
C LYS C 158 -20.66 -6.31 -30.76
N PHE C 159 -21.67 -5.46 -30.60
CA PHE C 159 -22.36 -4.84 -31.72
C PHE C 159 -23.05 -3.58 -31.24
N LYS C 160 -23.42 -2.72 -32.17
CA LYS C 160 -24.09 -1.46 -31.89
C LYS C 160 -25.58 -1.59 -32.15
N ALA C 161 -26.39 -1.11 -31.21
CA ALA C 161 -27.84 -1.16 -31.30
C ALA C 161 -28.42 0.23 -31.08
N THR C 162 -29.51 0.51 -31.78
CA THR C 162 -30.22 1.79 -31.68
C THR C 162 -31.40 1.64 -30.73
N MET C 163 -31.55 2.61 -29.83
CA MET C 163 -32.62 2.63 -28.84
C MET C 163 -33.55 3.79 -29.11
N TYR C 164 -34.85 3.55 -28.99
CA TYR C 164 -35.88 4.56 -29.22
C TYR C 164 -36.83 4.60 -28.03
N TYR C 165 -37.26 5.80 -27.64
CA TYR C 165 -38.19 5.96 -26.54
C TYR C 165 -38.68 7.40 -26.53
N LYS C 166 -39.77 7.62 -25.79
CA LYS C 166 -40.40 8.93 -25.67
C LYS C 166 -40.61 9.29 -24.20
N ASP C 167 -40.73 10.60 -23.95
CA ASP C 167 -40.96 11.14 -22.61
C ASP C 167 -42.24 11.96 -22.63
N VAL C 168 -43.01 11.85 -21.55
CA VAL C 168 -44.27 12.58 -21.41
C VAL C 168 -44.37 13.13 -20.00
N THR C 169 -44.80 14.39 -19.88
CA THR C 169 -44.93 15.05 -18.58
C THR C 169 -46.13 15.99 -18.61
N VAL C 170 -46.56 16.40 -17.42
CA VAL C 170 -47.69 17.32 -17.25
C VAL C 170 -47.12 18.67 -16.83
N SER C 171 -47.64 19.74 -17.43
CA SER C 171 -47.16 21.10 -17.15
C SER C 171 -47.53 21.60 -15.77
N GLN C 172 -48.60 21.10 -15.15
CA GLN C 172 -48.98 21.58 -13.83
C GLN C 172 -47.89 21.29 -12.80
N VAL C 173 -47.69 22.25 -11.91
CA VAL C 173 -46.68 22.14 -10.85
C VAL C 173 -47.22 22.78 -9.57
N ILE C 185 -45.57 17.03 -12.72
CA ILE C 185 -46.25 15.86 -12.07
C ILE C 185 -46.48 14.76 -13.10
N PHE C 186 -46.46 13.51 -12.63
CA PHE C 186 -46.68 12.34 -13.50
C PHE C 186 -45.70 12.31 -14.66
N GLU C 187 -44.42 12.08 -14.38
CA GLU C 187 -43.40 12.01 -15.40
C GLU C 187 -42.95 10.56 -15.54
N ASP C 188 -43.02 10.03 -16.77
CA ASP C 188 -42.62 8.65 -17.03
C ASP C 188 -42.15 8.53 -18.47
N ARG C 189 -41.62 7.35 -18.79
CA ARG C 189 -41.09 7.02 -20.11
C ARG C 189 -41.88 5.88 -20.73
N ALA C 190 -41.95 5.86 -22.06
CA ALA C 190 -42.65 4.84 -22.81
C ALA C 190 -41.96 4.62 -24.14
N PRO C 191 -42.13 3.46 -24.77
CA PRO C 191 -41.48 3.21 -26.06
C PRO C 191 -42.27 3.81 -27.21
N VAL C 192 -41.76 3.57 -28.41
CA VAL C 192 -42.37 4.07 -29.65
C VAL C 192 -42.75 2.86 -30.50
N PRO C 193 -43.91 2.85 -31.16
CA PRO C 193 -44.29 1.70 -31.99
C PRO C 193 -43.32 1.46 -33.15
N PHE C 194 -43.51 0.31 -33.81
CA PHE C 194 -42.66 -0.06 -34.94
C PHE C 194 -42.93 0.78 -36.18
N GLU C 195 -44.21 0.97 -36.54
CA GLU C 195 -44.53 1.73 -37.74
C GLU C 195 -43.97 3.15 -37.69
N GLU C 196 -43.91 3.76 -36.50
CA GLU C 196 -43.38 5.11 -36.40
C GLU C 196 -41.87 5.14 -36.64
N VAL C 197 -41.15 4.10 -36.20
CA VAL C 197 -39.71 4.06 -36.37
C VAL C 197 -39.33 3.84 -37.82
N ILE C 198 -40.00 2.91 -38.51
CA ILE C 198 -39.67 2.60 -39.89
C ILE C 198 -40.26 3.57 -40.91
N ASP C 199 -41.29 4.35 -40.55
CA ASP C 199 -41.91 5.29 -41.51
C ASP C 199 -41.58 6.75 -41.20
N LYS C 200 -41.83 7.17 -39.95
CA LYS C 200 -41.58 8.57 -39.60
C LYS C 200 -40.10 8.84 -39.36
N ILE C 201 -39.44 7.99 -38.56
CA ILE C 201 -38.04 8.22 -38.25
C ILE C 201 -37.12 7.76 -39.37
N ASN C 202 -37.31 6.54 -39.86
CA ASN C 202 -36.41 6.03 -40.90
C ASN C 202 -36.61 6.71 -42.24
N ALA C 203 -37.85 6.94 -42.66
CA ALA C 203 -38.08 7.54 -43.97
C ALA C 203 -37.92 9.07 -43.97
N LYS C 204 -38.24 9.75 -42.86
CA LYS C 204 -38.15 11.20 -42.81
C LYS C 204 -37.43 11.76 -41.59
N GLY C 205 -37.02 10.94 -40.64
CA GLY C 205 -36.34 11.47 -39.46
C GLY C 205 -37.20 12.37 -38.62
N VAL C 206 -38.47 12.00 -38.40
CA VAL C 206 -39.40 12.78 -37.61
C VAL C 206 -40.13 11.83 -36.65
N CYS C 207 -40.62 12.39 -35.55
CA CYS C 207 -41.35 11.65 -34.53
C CYS C 207 -42.77 12.16 -34.43
N ARG C 208 -43.71 11.25 -34.19
CA ARG C 208 -45.10 11.63 -34.06
C ARG C 208 -45.29 12.45 -32.78
N SER C 209 -46.04 13.54 -32.87
CA SER C 209 -46.26 14.39 -31.70
C SER C 209 -47.00 13.65 -30.59
N THR C 210 -48.10 12.99 -30.93
CA THR C 210 -48.86 12.28 -29.91
C THR C 210 -48.08 11.09 -29.37
N ALA C 211 -48.36 10.77 -28.10
CA ALA C 211 -47.73 9.66 -27.42
C ALA C 211 -48.78 8.95 -26.59
N LYS C 212 -48.63 7.64 -26.44
CA LYS C 212 -49.55 6.81 -25.69
C LYS C 212 -48.83 6.22 -24.49
N TYR C 213 -49.57 6.09 -23.39
CA TYR C 213 -49.01 5.55 -22.15
C TYR C 213 -50.17 5.10 -21.26
N VAL C 214 -49.82 4.51 -20.12
CA VAL C 214 -50.78 4.03 -19.15
C VAL C 214 -50.68 4.88 -17.90
N ARG C 215 -51.81 5.45 -17.47
CA ARG C 215 -51.88 6.29 -16.29
C ARG C 215 -52.93 5.73 -15.34
N ASN C 216 -52.52 5.45 -14.11
CA ASN C 216 -53.41 4.89 -13.09
C ASN C 216 -54.07 3.61 -13.58
N ASN C 217 -53.29 2.79 -14.29
CA ASN C 217 -53.77 1.53 -14.85
C ASN C 217 -54.89 1.76 -15.86
N LEU C 218 -54.77 2.83 -16.65
CA LEU C 218 -55.76 3.17 -17.66
C LEU C 218 -55.06 3.78 -18.87
N GLU C 219 -55.60 3.51 -20.05
CA GLU C 219 -55.02 4.03 -21.28
C GLU C 219 -55.14 5.55 -21.30
N THR C 220 -54.10 6.24 -21.74
CA THR C 220 -54.08 7.69 -21.80
C THR C 220 -53.18 8.13 -22.95
N THR C 221 -53.40 9.37 -23.41
CA THR C 221 -52.64 9.95 -24.50
C THR C 221 -52.16 11.34 -24.08
N ALA C 222 -51.31 11.93 -24.92
CA ALA C 222 -50.76 13.25 -24.67
C ALA C 222 -50.29 13.86 -25.98
N PHE C 223 -50.03 15.16 -25.95
CA PHE C 223 -49.56 15.91 -27.11
C PHE C 223 -48.55 16.94 -26.65
N HIS C 224 -47.68 17.35 -27.59
CA HIS C 224 -46.67 18.35 -27.27
C HIS C 224 -47.33 19.72 -27.18
N ARG C 225 -47.37 20.27 -25.96
CA ARG C 225 -48.00 21.58 -25.70
C ARG C 225 -49.49 21.56 -26.02
N ASP C 226 -50.09 20.36 -26.14
CA ASP C 226 -51.50 20.19 -26.45
C ASP C 226 -51.91 20.89 -27.75
N ASP C 227 -50.96 21.17 -28.63
CA ASP C 227 -51.26 21.87 -29.88
C ASP C 227 -52.15 21.07 -30.83
N HIS C 228 -51.62 20.00 -31.41
CA HIS C 228 -52.34 19.17 -32.38
C HIS C 228 -51.46 17.97 -32.73
N GLU C 229 -52.03 17.07 -33.54
CA GLU C 229 -51.33 15.89 -34.02
C GLU C 229 -50.44 16.34 -35.18
N THR C 230 -49.13 16.41 -34.95
CA THR C 230 -48.19 16.84 -35.99
C THR C 230 -46.92 16.03 -35.87
N ASP C 231 -45.95 16.37 -36.73
CA ASP C 231 -44.65 15.71 -36.77
C ASP C 231 -43.54 16.75 -36.69
N MET C 232 -42.46 16.39 -36.01
CA MET C 232 -41.30 17.28 -35.86
C MET C 232 -40.03 16.47 -36.09
N GLU C 233 -39.00 17.13 -36.60
CA GLU C 233 -37.74 16.48 -36.90
C GLU C 233 -36.88 16.36 -35.64
N LEU C 234 -35.95 15.41 -35.68
CA LEU C 234 -35.04 15.18 -34.56
C LEU C 234 -33.74 15.93 -34.81
N LYS C 235 -33.12 16.37 -33.71
CA LYS C 235 -31.87 17.12 -33.76
C LYS C 235 -30.79 16.39 -32.97
N PRO C 236 -29.51 16.54 -33.32
CA PRO C 236 -28.46 15.84 -32.59
C PRO C 236 -28.33 16.33 -31.16
N ALA C 237 -27.83 15.45 -30.30
CA ALA C 237 -27.63 15.79 -28.90
C ALA C 237 -26.62 16.92 -28.77
N ASN C 238 -26.82 17.76 -27.75
CA ASN C 238 -25.93 18.90 -27.54
C ASN C 238 -24.49 18.51 -27.26
N ALA C 239 -24.24 17.58 -26.33
CA ALA C 239 -22.86 17.19 -26.02
C ALA C 239 -22.56 15.74 -26.42
N ALA C 240 -23.26 14.78 -25.78
CA ALA C 240 -23.10 13.35 -26.04
C ALA C 240 -21.62 12.96 -26.23
N THR C 241 -21.34 12.02 -27.13
CA THR C 241 -19.97 11.61 -27.43
C THR C 241 -19.93 11.28 -28.92
N ARG C 242 -18.73 11.35 -29.49
CA ARG C 242 -18.59 11.06 -30.92
C ARG C 242 -18.89 9.60 -31.24
N THR C 243 -18.72 8.70 -30.25
CA THR C 243 -18.98 7.27 -30.45
C THR C 243 -20.33 6.82 -29.90
N SER C 244 -21.11 7.73 -29.31
CA SER C 244 -22.43 7.42 -28.76
C SER C 244 -23.43 8.48 -29.20
N ARG C 245 -23.47 8.71 -30.51
CA ARG C 245 -24.36 9.71 -31.10
C ARG C 245 -25.81 9.50 -30.67
N GLY C 246 -26.48 10.60 -30.36
CA GLY C 246 -27.87 10.58 -29.94
C GLY C 246 -28.61 11.75 -30.53
N TRP C 247 -29.93 11.59 -30.63
CA TRP C 247 -30.79 12.63 -31.19
C TRP C 247 -32.04 12.77 -30.35
N HIS C 248 -32.67 13.95 -30.44
CA HIS C 248 -33.88 14.25 -29.70
C HIS C 248 -34.65 15.34 -30.43
N THR C 249 -35.94 15.45 -30.10
CA THR C 249 -36.80 16.45 -30.72
C THR C 249 -36.75 17.79 -30.00
N THR C 250 -36.44 17.80 -28.70
CA THR C 250 -36.38 19.03 -27.93
C THR C 250 -35.29 18.89 -26.88
N ASP C 251 -34.51 19.95 -26.71
CA ASP C 251 -33.42 19.95 -25.74
C ASP C 251 -33.97 19.98 -24.32
N THR C 267 -49.17 19.80 -21.43
CA THR C 267 -48.27 18.61 -21.42
C THR C 267 -47.11 18.81 -22.38
N THR C 268 -45.98 18.16 -22.06
CA THR C 268 -44.77 18.22 -22.86
C THR C 268 -44.36 16.80 -23.25
N VAL C 269 -44.08 16.61 -24.54
CA VAL C 269 -43.68 15.32 -25.09
C VAL C 269 -42.37 15.50 -25.84
N ASN C 270 -41.46 14.54 -25.67
CA ASN C 270 -40.15 14.57 -26.33
C ASN C 270 -39.80 13.18 -26.85
N CYS C 271 -39.31 13.14 -28.08
CA CYS C 271 -38.90 11.90 -28.74
C CYS C 271 -37.38 11.85 -28.70
N ILE C 272 -36.82 10.70 -28.30
CA ILE C 272 -35.38 10.53 -28.19
C ILE C 272 -34.96 9.25 -28.90
N VAL C 273 -33.85 9.32 -29.62
CA VAL C 273 -33.26 8.21 -30.35
C VAL C 273 -31.77 8.22 -30.04
N GLU C 274 -31.23 7.06 -29.65
CA GLU C 274 -29.82 6.96 -29.32
C GLU C 274 -29.21 5.68 -29.86
N GLU C 275 -27.93 5.76 -30.18
CA GLU C 275 -27.15 4.63 -30.69
C GLU C 275 -26.15 4.26 -29.60
N VAL C 276 -26.29 3.04 -29.06
CA VAL C 276 -25.44 2.56 -27.98
C VAL C 276 -24.86 1.21 -28.34
N ASP C 277 -23.81 0.84 -27.61
CA ASP C 277 -23.14 -0.43 -27.82
C ASP C 277 -23.85 -1.54 -27.07
N ALA C 278 -23.67 -2.77 -27.53
CA ALA C 278 -24.27 -3.95 -26.92
C ALA C 278 -23.24 -5.07 -26.90
N ARG C 279 -23.39 -5.98 -25.94
CA ARG C 279 -22.47 -7.10 -25.81
C ARG C 279 -23.24 -8.34 -25.41
N SER C 280 -22.76 -9.49 -25.89
CA SER C 280 -23.34 -10.79 -25.60
C SER C 280 -22.22 -11.79 -25.35
N VAL C 281 -22.52 -12.79 -24.52
CA VAL C 281 -21.56 -13.83 -24.14
C VAL C 281 -21.94 -15.12 -24.85
N TYR C 282 -21.05 -16.11 -24.77
CA TYR C 282 -21.19 -17.43 -25.40
C TYR C 282 -22.60 -18.01 -25.41
N PRO C 283 -23.35 -17.97 -24.31
CA PRO C 283 -24.71 -18.52 -24.36
C PRO C 283 -25.59 -17.83 -25.40
N TYR C 284 -25.35 -16.55 -25.66
CA TYR C 284 -26.09 -15.77 -26.64
C TYR C 284 -27.59 -15.74 -26.32
N ASP C 285 -27.95 -15.90 -25.05
CA ASP C 285 -29.35 -15.86 -24.64
C ASP C 285 -29.80 -14.45 -24.30
N GLU C 286 -28.87 -13.58 -23.90
CA GLU C 286 -29.18 -12.20 -23.55
C GLU C 286 -28.02 -11.31 -23.97
N PHE C 287 -28.32 -10.03 -24.14
CA PHE C 287 -27.32 -9.03 -24.51
C PHE C 287 -27.61 -7.77 -23.72
N VAL C 288 -26.56 -7.23 -23.10
CA VAL C 288 -26.65 -6.03 -22.27
C VAL C 288 -26.28 -4.83 -23.10
N LEU C 289 -27.05 -3.75 -22.93
CA LEU C 289 -26.82 -2.50 -23.64
C LEU C 289 -25.86 -1.63 -22.83
N ALA C 290 -25.41 -0.54 -23.46
CA ALA C 290 -24.49 0.37 -22.78
C ALA C 290 -25.13 1.04 -21.57
N THR C 291 -26.46 1.15 -21.55
CA THR C 291 -27.15 1.77 -20.43
C THR C 291 -27.24 0.88 -19.20
N GLY C 292 -26.79 -0.38 -19.30
CA GLY C 292 -26.84 -1.30 -18.19
C GLY C 292 -28.09 -2.17 -18.15
N ASP C 293 -29.10 -1.86 -18.95
CA ASP C 293 -30.32 -2.65 -18.96
C ASP C 293 -30.16 -3.87 -19.87
N PHE C 294 -30.52 -5.03 -19.34
CA PHE C 294 -30.41 -6.27 -20.09
C PHE C 294 -31.63 -6.48 -20.98
N VAL C 295 -31.41 -7.19 -22.08
CA VAL C 295 -32.45 -7.53 -23.04
C VAL C 295 -32.49 -9.05 -23.11
N TYR C 296 -33.48 -9.63 -22.45
CA TYR C 296 -33.62 -11.09 -22.40
C TYR C 296 -34.10 -11.63 -23.75
N MET C 297 -33.14 -11.70 -24.68
CA MET C 297 -33.39 -12.19 -26.02
C MET C 297 -32.06 -12.40 -26.72
N SER C 298 -31.99 -13.43 -27.56
CA SER C 298 -30.77 -13.72 -28.28
C SER C 298 -30.56 -12.69 -29.40
N PRO C 299 -29.35 -12.14 -29.54
CA PRO C 299 -29.14 -11.16 -30.62
C PRO C 299 -29.25 -11.74 -32.02
N PHE C 300 -29.15 -13.05 -32.18
CA PHE C 300 -29.24 -13.70 -33.48
C PHE C 300 -30.65 -14.17 -33.82
N TYR C 301 -31.64 -13.90 -32.98
CA TYR C 301 -33.00 -14.33 -33.26
C TYR C 301 -33.54 -13.62 -34.50
N GLY C 302 -34.35 -14.34 -35.27
CA GLY C 302 -34.91 -13.78 -36.47
C GLY C 302 -35.69 -14.83 -37.24
N TYR C 303 -36.13 -14.44 -38.44
CA TYR C 303 -36.89 -15.31 -39.32
C TYR C 303 -36.25 -15.52 -40.69
N ARG C 304 -35.20 -14.76 -41.02
CA ARG C 304 -34.59 -14.88 -42.34
C ARG C 304 -33.94 -16.25 -42.57
N GLU C 305 -33.08 -16.68 -41.66
CA GLU C 305 -32.34 -17.93 -41.81
C GLU C 305 -32.76 -18.98 -40.77
N GLY C 306 -34.06 -19.10 -40.55
CA GLY C 306 -34.57 -20.07 -39.60
C GLY C 306 -34.04 -19.94 -38.19
N SER C 307 -33.89 -18.72 -37.69
CA SER C 307 -33.39 -18.50 -36.34
C SER C 307 -34.49 -18.53 -35.29
N HIS C 308 -35.61 -19.20 -35.57
CA HIS C 308 -36.70 -19.28 -34.62
C HIS C 308 -36.31 -20.06 -33.37
N THR C 309 -35.38 -21.00 -33.50
CA THR C 309 -34.93 -21.80 -32.37
C THR C 309 -34.13 -21.01 -31.34
N GLU C 310 -33.70 -19.79 -31.67
CA GLU C 310 -32.93 -19.00 -30.73
C GLU C 310 -33.79 -18.62 -29.53
N HIS C 311 -33.13 -18.45 -28.39
CA HIS C 311 -33.83 -18.11 -27.15
C HIS C 311 -34.49 -16.75 -27.26
N THR C 312 -35.65 -16.62 -26.63
CA THR C 312 -36.43 -15.39 -26.61
C THR C 312 -37.41 -15.46 -25.45
N SER C 313 -37.65 -14.31 -24.82
CA SER C 313 -38.56 -14.20 -23.68
C SER C 313 -39.63 -13.13 -23.89
N TYR C 314 -39.89 -12.71 -25.12
CA TYR C 314 -40.89 -11.70 -25.43
C TYR C 314 -41.92 -12.27 -26.39
N ALA C 315 -43.15 -11.79 -26.28
CA ALA C 315 -44.23 -12.25 -27.14
C ALA C 315 -43.92 -11.97 -28.60
N ALA C 316 -44.58 -12.71 -29.50
CA ALA C 316 -44.36 -12.54 -30.93
C ALA C 316 -44.77 -11.15 -31.39
N ASP C 317 -45.80 -10.57 -30.77
CA ASP C 317 -46.28 -9.24 -31.14
C ASP C 317 -45.31 -8.13 -30.74
N ARG C 318 -44.30 -8.44 -29.91
CA ARG C 318 -43.33 -7.45 -29.46
C ARG C 318 -42.04 -7.45 -30.28
N PHE C 319 -42.02 -8.16 -31.41
CA PHE C 319 -40.83 -8.23 -32.25
C PHE C 319 -41.21 -8.17 -33.72
N LYS C 320 -40.34 -7.55 -34.52
CA LYS C 320 -40.55 -7.40 -35.95
C LYS C 320 -39.20 -7.32 -36.63
N GLN C 321 -39.10 -7.94 -37.82
CA GLN C 321 -37.91 -7.95 -38.63
C GLN C 321 -38.27 -7.41 -40.00
N VAL C 322 -37.39 -6.60 -40.57
CA VAL C 322 -37.61 -5.97 -41.88
C VAL C 322 -36.51 -6.40 -42.83
N ASP C 323 -36.91 -6.88 -44.01
CA ASP C 323 -35.98 -7.30 -45.03
C ASP C 323 -35.79 -6.16 -46.02
N GLY C 324 -34.56 -5.99 -46.50
CA GLY C 324 -34.28 -4.91 -47.42
C GLY C 324 -34.30 -3.54 -46.78
N PHE C 325 -34.14 -3.49 -45.46
CA PHE C 325 -34.16 -2.23 -44.73
C PHE C 325 -32.96 -1.35 -45.09
N TYR C 326 -33.21 -0.05 -45.17
CA TYR C 326 -32.19 0.95 -45.49
C TYR C 326 -32.05 1.90 -44.30
N ALA C 327 -30.81 2.12 -43.87
CA ALA C 327 -30.55 3.01 -42.76
C ALA C 327 -30.47 4.46 -43.24
N ARG C 328 -30.54 5.39 -42.29
CA ARG C 328 -30.47 6.82 -42.58
C ARG C 328 -29.82 7.51 -41.39
N ASP C 329 -28.61 8.03 -41.58
CA ASP C 329 -27.93 8.74 -40.50
C ASP C 329 -28.65 10.07 -40.30
N LEU C 330 -29.29 10.24 -39.15
CA LEU C 330 -30.02 11.47 -38.88
C LEU C 330 -29.14 12.71 -38.93
N THR C 331 -27.83 12.57 -38.70
CA THR C 331 -26.96 13.73 -38.74
C THR C 331 -26.82 14.29 -40.16
N THR C 332 -26.93 13.44 -41.17
CA THR C 332 -26.80 13.84 -42.57
C THR C 332 -28.02 13.54 -43.44
N LYS C 333 -28.84 12.55 -43.08
CA LYS C 333 -30.02 12.18 -43.86
C LYS C 333 -29.66 11.79 -45.29
N ALA C 334 -28.52 11.13 -45.47
CA ALA C 334 -28.07 10.75 -46.80
C ALA C 334 -28.59 9.38 -47.25
N ARG C 335 -29.27 8.63 -46.36
CA ARG C 335 -29.81 7.32 -46.69
C ARG C 335 -28.70 6.29 -46.92
N ALA C 336 -28.97 5.03 -46.58
CA ALA C 336 -27.98 3.98 -46.76
C ALA C 336 -27.79 3.67 -48.23
N THR C 337 -26.65 3.04 -48.54
CA THR C 337 -26.34 2.68 -49.92
C THR C 337 -26.78 1.26 -50.28
N ALA C 338 -26.71 0.33 -49.33
CA ALA C 338 -27.09 -1.06 -49.57
C ALA C 338 -28.02 -1.53 -48.45
N PRO C 339 -28.84 -2.56 -48.70
CA PRO C 339 -29.75 -3.02 -47.64
C PRO C 339 -29.03 -3.77 -46.53
N THR C 340 -29.73 -3.88 -45.39
CA THR C 340 -29.23 -4.57 -44.21
C THR C 340 -30.46 -4.96 -43.42
N THR C 341 -30.74 -6.26 -43.28
CA THR C 341 -31.93 -6.68 -42.52
C THR C 341 -31.83 -6.15 -41.09
N ARG C 342 -32.91 -5.51 -40.64
CA ARG C 342 -32.99 -4.89 -39.32
C ARG C 342 -33.99 -5.59 -38.43
N ASN C 343 -33.64 -5.75 -37.17
CA ASN C 343 -34.51 -6.35 -36.17
C ASN C 343 -35.08 -5.23 -35.30
N LEU C 344 -36.26 -5.48 -34.74
CA LEU C 344 -36.91 -4.49 -33.89
C LEU C 344 -37.60 -5.19 -32.72
N LEU C 345 -37.30 -4.73 -31.51
CA LEU C 345 -37.85 -5.26 -30.28
C LEU C 345 -38.41 -4.10 -29.47
N THR C 346 -39.53 -4.34 -28.78
CA THR C 346 -40.18 -3.33 -27.95
C THR C 346 -40.22 -3.83 -26.51
N THR C 347 -39.35 -3.27 -25.67
CA THR C 347 -39.31 -3.64 -24.27
C THR C 347 -40.31 -2.78 -23.51
N PRO C 348 -40.55 -3.09 -22.23
CA PRO C 348 -41.53 -2.28 -21.47
C PRO C 348 -41.13 -0.82 -21.32
N LYS C 349 -39.85 -0.47 -21.50
CA LYS C 349 -39.38 0.90 -21.33
C LYS C 349 -38.87 1.53 -22.62
N PHE C 350 -38.44 0.76 -23.61
CA PHE C 350 -37.93 1.36 -24.84
C PHE C 350 -37.93 0.35 -25.97
N THR C 351 -37.69 0.86 -27.18
CA THR C 351 -37.63 0.05 -28.38
C THR C 351 -36.18 -0.04 -28.84
N VAL C 352 -35.70 -1.26 -29.06
CA VAL C 352 -34.33 -1.53 -29.48
C VAL C 352 -34.34 -2.12 -30.88
N ALA C 353 -33.38 -1.70 -31.69
CA ALA C 353 -33.24 -2.18 -33.06
C ALA C 353 -31.77 -2.37 -33.38
N TRP C 354 -31.44 -3.48 -34.04
CA TRP C 354 -30.07 -3.79 -34.40
C TRP C 354 -30.07 -4.62 -35.67
N ASP C 355 -28.95 -4.55 -36.40
CA ASP C 355 -28.82 -5.30 -37.64
C ASP C 355 -28.62 -6.78 -37.34
N TRP C 356 -29.39 -7.63 -38.01
CA TRP C 356 -29.26 -9.06 -37.81
C TRP C 356 -28.10 -9.60 -38.63
N VAL C 357 -27.08 -10.13 -37.95
CA VAL C 357 -25.88 -10.67 -38.58
C VAL C 357 -25.85 -12.18 -38.28
N PRO C 358 -25.56 -13.04 -39.25
CA PRO C 358 -25.52 -14.48 -38.93
C PRO C 358 -24.43 -14.80 -37.92
N LYS C 359 -24.68 -15.83 -37.12
CA LYS C 359 -23.73 -16.24 -36.10
C LYS C 359 -22.43 -16.72 -36.73
N ARG C 360 -21.32 -16.17 -36.29
CA ARG C 360 -20.03 -16.55 -36.83
C ARG C 360 -19.68 -17.98 -36.36
N PRO C 361 -18.82 -18.70 -37.09
CA PRO C 361 -18.46 -20.05 -36.63
C PRO C 361 -17.80 -20.00 -35.25
N SER C 362 -18.07 -21.04 -34.46
CA SER C 362 -17.54 -21.09 -33.10
C SER C 362 -16.04 -21.33 -33.09
N VAL C 363 -15.32 -20.47 -32.35
CA VAL C 363 -13.88 -20.56 -32.17
C VAL C 363 -13.60 -21.54 -31.04
N CYS C 364 -12.31 -21.84 -30.81
CA CYS C 364 -11.90 -22.77 -29.76
C CYS C 364 -12.60 -22.45 -28.44
N THR C 365 -12.99 -23.51 -27.73
CA THR C 365 -13.73 -23.38 -26.48
C THR C 365 -12.89 -22.90 -25.30
N MET C 366 -11.56 -22.93 -25.38
CA MET C 366 -10.71 -22.49 -24.28
C MET C 366 -9.62 -21.58 -24.82
N THR C 367 -9.16 -20.66 -23.97
CA THR C 367 -8.14 -19.69 -24.32
C THR C 367 -7.07 -19.62 -23.24
N LYS C 368 -5.83 -19.34 -23.65
CA LYS C 368 -4.72 -19.23 -22.72
C LYS C 368 -4.91 -18.02 -21.81
N TRP C 369 -5.04 -18.25 -20.50
CA TRP C 369 -5.22 -17.15 -19.58
C TRP C 369 -3.87 -16.54 -19.18
N GLN C 370 -2.89 -17.38 -18.88
CA GLN C 370 -1.57 -16.89 -18.49
C GLN C 370 -0.58 -18.03 -18.44
N GLU C 371 0.62 -17.79 -18.97
CA GLU C 371 1.68 -18.79 -18.95
C GLU C 371 2.47 -18.63 -17.66
N VAL C 372 2.30 -19.58 -16.74
CA VAL C 372 2.97 -19.55 -15.44
C VAL C 372 4.41 -19.98 -15.63
N ASP C 373 5.35 -19.12 -15.17
CA ASP C 373 6.77 -19.42 -15.30
C ASP C 373 7.19 -20.48 -14.28
N GLU C 374 6.54 -20.53 -13.13
CA GLU C 374 6.88 -21.50 -12.09
C GLU C 374 5.64 -21.74 -11.25
N MET C 375 5.28 -23.01 -11.05
CA MET C 375 4.10 -23.37 -10.27
C MET C 375 4.41 -24.62 -9.46
N LEU C 376 4.06 -24.59 -8.18
CA LEU C 376 4.30 -25.72 -7.28
C LEU C 376 3.02 -26.52 -7.11
N ARG C 377 3.15 -27.85 -7.13
CA ARG C 377 2.03 -28.75 -6.97
C ARG C 377 2.18 -29.53 -5.66
N SER C 378 1.08 -29.60 -4.90
CA SER C 378 1.06 -30.30 -3.63
C SER C 378 -0.20 -31.13 -3.53
N GLU C 379 -0.09 -32.27 -2.85
CA GLU C 379 -1.20 -33.20 -2.65
C GLU C 379 -1.62 -33.16 -1.19
N TYR C 380 -2.90 -32.91 -0.95
CA TYR C 380 -3.43 -32.84 0.41
C TYR C 380 -4.93 -33.05 0.37
N GLY C 381 -5.42 -33.86 1.33
CA GLY C 381 -6.85 -34.13 1.42
C GLY C 381 -7.45 -34.72 0.18
N GLY C 382 -6.74 -35.64 -0.49
CA GLY C 382 -7.26 -36.23 -1.69
C GLY C 382 -7.50 -35.26 -2.82
N SER C 383 -6.72 -34.18 -2.89
CA SER C 383 -6.88 -33.17 -3.92
C SER C 383 -5.58 -32.40 -4.06
N PHE C 384 -5.16 -32.20 -5.31
CA PHE C 384 -3.94 -31.46 -5.57
C PHE C 384 -4.15 -29.99 -5.22
N ARG C 385 -3.05 -29.27 -5.08
CA ARG C 385 -3.07 -27.85 -4.75
C ARG C 385 -1.96 -27.15 -5.52
N PHE C 386 -2.33 -26.35 -6.51
CA PHE C 386 -1.40 -25.60 -7.34
C PHE C 386 -1.29 -24.17 -6.82
N SER C 387 -0.06 -23.67 -6.75
CA SER C 387 0.20 -22.32 -6.28
C SER C 387 1.31 -21.69 -7.09
N SER C 388 1.23 -20.37 -7.26
CA SER C 388 2.22 -19.63 -8.02
C SER C 388 2.44 -18.28 -7.35
N ASP C 389 3.42 -17.54 -7.87
CA ASP C 389 3.76 -16.23 -7.30
C ASP C 389 3.07 -15.09 -8.05
N ALA C 390 2.68 -15.32 -9.31
CA ALA C 390 2.05 -14.28 -10.10
C ALA C 390 0.53 -14.42 -10.15
N ILE C 391 0.02 -15.64 -10.13
CA ILE C 391 -1.44 -15.83 -10.20
C ILE C 391 -2.13 -15.33 -8.94
N SER C 392 -1.54 -15.52 -7.77
CA SER C 392 -2.12 -15.08 -6.50
C SER C 392 -3.41 -15.83 -6.17
N THR C 393 -3.59 -17.03 -6.72
CA THR C 393 -4.74 -17.86 -6.48
C THR C 393 -4.32 -19.31 -6.46
N THR C 394 -4.95 -20.10 -5.58
CA THR C 394 -4.65 -21.52 -5.43
C THR C 394 -5.76 -22.34 -6.09
N PHE C 395 -5.35 -23.29 -6.91
CA PHE C 395 -6.27 -24.16 -7.64
C PHE C 395 -6.29 -25.54 -6.99
N THR C 396 -7.45 -26.21 -7.07
CA THR C 396 -7.65 -27.53 -6.50
C THR C 396 -8.23 -28.47 -7.54
N THR C 397 -7.70 -29.68 -7.64
CA THR C 397 -8.15 -30.68 -8.60
C THR C 397 -8.47 -31.97 -7.85
N ASN C 398 -9.05 -32.93 -8.58
CA ASN C 398 -9.46 -34.21 -8.02
C ASN C 398 -8.41 -35.32 -8.18
N LEU C 399 -7.13 -34.96 -8.35
CA LEU C 399 -6.03 -35.92 -8.48
C LEU C 399 -6.08 -36.78 -9.73
N THR C 400 -7.07 -36.59 -10.59
CA THR C 400 -7.18 -37.39 -11.80
C THR C 400 -7.04 -36.50 -13.04
N GLU C 401 -6.12 -36.89 -13.92
CA GLU C 401 -5.90 -36.11 -15.13
C GLU C 401 -7.14 -36.11 -16.00
N TYR C 402 -7.53 -34.92 -16.45
CA TYR C 402 -8.70 -34.82 -17.31
C TYR C 402 -8.39 -35.46 -18.65
N PRO C 403 -9.23 -36.38 -19.15
CA PRO C 403 -8.88 -36.98 -20.47
C PRO C 403 -9.05 -35.99 -21.61
N LEU C 404 -8.02 -35.16 -21.80
CA LEU C 404 -8.04 -34.17 -22.87
C LEU C 404 -8.19 -34.83 -24.23
N SER C 405 -7.64 -36.03 -24.39
CA SER C 405 -7.76 -36.75 -25.66
C SER C 405 -9.21 -37.11 -25.98
N ARG C 406 -10.08 -37.14 -24.97
CA ARG C 406 -11.49 -37.46 -25.17
C ARG C 406 -12.18 -36.46 -26.09
N VAL C 407 -11.66 -35.23 -26.17
CA VAL C 407 -12.23 -34.16 -26.99
C VAL C 407 -11.26 -33.90 -28.14
N ASP C 408 -11.81 -33.59 -29.32
CA ASP C 408 -10.98 -33.31 -30.48
C ASP C 408 -10.34 -31.94 -30.41
N LEU C 409 -10.63 -31.15 -29.38
CA LEU C 409 -10.05 -29.81 -29.23
C LEU C 409 -8.60 -29.86 -28.76
N GLY C 410 -8.02 -31.06 -28.62
CA GLY C 410 -6.64 -31.19 -28.20
C GLY C 410 -5.71 -30.47 -29.16
N ASP C 411 -6.09 -30.43 -30.44
CA ASP C 411 -5.28 -29.74 -31.44
C ASP C 411 -5.18 -28.24 -31.17
N CYS C 412 -6.12 -27.68 -30.39
CA CYS C 412 -6.11 -26.26 -30.05
C CYS C 412 -5.47 -26.03 -28.68
N ILE C 413 -5.73 -26.93 -27.72
CA ILE C 413 -5.18 -26.79 -26.38
C ILE C 413 -3.90 -27.58 -26.24
N GLY C 414 -3.91 -28.85 -26.67
CA GLY C 414 -2.70 -29.66 -26.57
C GLY C 414 -1.56 -29.09 -27.37
N LYS C 415 -1.86 -28.48 -28.52
CA LYS C 415 -0.83 -27.89 -29.36
C LYS C 415 -0.28 -26.63 -28.70
N ASP C 416 -1.18 -25.71 -28.33
CA ASP C 416 -0.77 -24.47 -27.70
C ASP C 416 -0.10 -24.72 -26.35
N ALA C 417 -0.63 -25.66 -25.56
CA ALA C 417 -0.06 -25.95 -24.26
C ALA C 417 1.36 -26.49 -24.38
N ARG C 418 1.53 -27.59 -25.10
CA ARG C 418 2.85 -28.20 -25.26
C ARG C 418 3.85 -27.23 -25.84
N ASP C 419 3.42 -26.37 -26.76
CA ASP C 419 4.34 -25.40 -27.35
C ASP C 419 4.86 -24.43 -26.29
N ALA C 420 4.03 -24.13 -25.28
CA ALA C 420 4.44 -23.22 -24.23
C ALA C 420 5.36 -23.89 -23.22
N MET C 421 5.18 -25.20 -22.99
CA MET C 421 6.03 -25.91 -22.03
C MET C 421 7.49 -25.87 -22.45
N ASP C 422 7.76 -26.19 -23.72
CA ASP C 422 9.15 -26.17 -24.20
C ASP C 422 9.71 -24.76 -24.23
N ARG C 423 8.89 -23.77 -24.60
CA ARG C 423 9.37 -22.39 -24.65
C ARG C 423 9.79 -21.91 -23.27
N ILE C 424 8.98 -22.19 -22.25
CA ILE C 424 9.31 -21.78 -20.90
C ILE C 424 10.50 -22.58 -20.38
N PHE C 425 10.51 -23.89 -20.67
CA PHE C 425 11.60 -24.74 -20.22
C PHE C 425 12.94 -24.32 -20.83
N ALA C 426 12.93 -24.01 -22.13
CA ALA C 426 14.17 -23.61 -22.80
C ALA C 426 14.62 -22.23 -22.36
N ARG C 427 13.71 -21.43 -21.79
CA ARG C 427 14.08 -20.08 -21.38
C ARG C 427 14.97 -20.09 -20.14
N ARG C 428 14.61 -20.86 -19.11
CA ARG C 428 15.38 -20.89 -17.87
C ARG C 428 15.60 -22.27 -17.26
N TYR C 429 14.77 -23.28 -17.54
CA TYR C 429 14.92 -24.59 -16.91
C TYR C 429 15.79 -25.57 -17.70
N ASN C 430 16.24 -25.23 -18.91
CA ASN C 430 17.04 -26.19 -19.66
C ASN C 430 18.43 -26.38 -19.07
N ALA C 431 18.96 -25.37 -18.38
CA ALA C 431 20.30 -25.47 -17.80
C ALA C 431 20.35 -25.95 -16.36
N THR C 432 19.21 -26.09 -15.67
CA THR C 432 19.24 -26.52 -14.28
C THR C 432 18.22 -27.60 -13.91
N HIS C 433 17.17 -27.79 -14.70
CA HIS C 433 16.14 -28.77 -14.40
C HIS C 433 15.98 -29.77 -15.55
N ILE C 434 15.25 -30.84 -15.25
CA ILE C 434 14.95 -31.91 -16.19
C ILE C 434 13.47 -32.23 -16.12
N LYS C 435 12.87 -32.53 -17.28
CA LYS C 435 11.44 -32.84 -17.33
C LYS C 435 11.18 -34.22 -16.75
N VAL C 436 10.05 -34.35 -16.05
CA VAL C 436 9.68 -35.63 -15.41
C VAL C 436 8.43 -36.12 -16.13
N GLY C 437 8.62 -36.99 -17.11
CA GLY C 437 7.51 -37.56 -17.85
C GLY C 437 6.83 -36.56 -18.77
N GLN C 438 5.69 -37.00 -19.29
CA GLN C 438 4.91 -36.19 -20.21
C GLN C 438 4.07 -35.17 -19.43
N PRO C 439 3.55 -34.13 -20.10
CA PRO C 439 2.73 -33.15 -19.38
C PRO C 439 1.46 -33.78 -18.84
N GLN C 440 0.72 -33.00 -18.04
CA GLN C 440 -0.52 -33.44 -17.42
C GLN C 440 -1.53 -32.30 -17.46
N TYR C 441 -2.81 -32.67 -17.53
CA TYR C 441 -3.91 -31.71 -17.57
C TYR C 441 -4.89 -32.04 -16.46
N TYR C 442 -5.38 -31.01 -15.77
CA TYR C 442 -6.32 -31.16 -14.67
C TYR C 442 -7.35 -30.05 -14.69
N LEU C 443 -8.59 -30.39 -14.33
CA LEU C 443 -9.66 -29.41 -14.25
C LEU C 443 -9.75 -28.92 -12.82
N ALA C 444 -9.54 -27.62 -12.64
CA ALA C 444 -9.55 -27.00 -11.33
C ALA C 444 -10.89 -26.34 -11.04
N ASN C 445 -11.15 -26.11 -9.75
CA ASN C 445 -12.39 -25.47 -9.34
C ASN C 445 -12.44 -24.06 -9.90
N GLY C 446 -13.62 -23.66 -10.38
CA GLY C 446 -13.82 -22.35 -10.96
C GLY C 446 -13.86 -22.33 -12.47
N GLY C 447 -13.66 -23.47 -13.13
CA GLY C 447 -13.69 -23.54 -14.58
C GLY C 447 -12.35 -23.44 -15.27
N PHE C 448 -11.24 -23.58 -14.55
CA PHE C 448 -9.92 -23.49 -15.16
C PHE C 448 -9.36 -24.87 -15.49
N LEU C 449 -8.64 -24.93 -16.61
CA LEU C 449 -7.96 -26.13 -17.07
C LEU C 449 -6.48 -25.83 -16.95
N ILE C 450 -5.78 -26.57 -16.09
CA ILE C 450 -4.37 -26.34 -15.81
C ILE C 450 -3.52 -27.44 -16.44
N ALA C 451 -2.64 -27.04 -17.35
CA ALA C 451 -1.70 -27.94 -17.97
C ALA C 451 -0.46 -27.93 -17.08
N TYR C 452 0.16 -29.09 -16.87
CA TYR C 452 1.31 -29.16 -15.98
C TYR C 452 2.45 -29.96 -16.62
N GLN C 453 3.65 -29.68 -16.13
CA GLN C 453 4.87 -30.34 -16.58
C GLN C 453 5.78 -30.39 -15.35
N PRO C 454 5.71 -31.45 -14.54
CA PRO C 454 6.54 -31.50 -13.34
C PRO C 454 8.04 -31.47 -13.67
N LEU C 455 8.79 -30.79 -12.81
CA LEU C 455 10.23 -30.65 -12.96
C LEU C 455 10.91 -30.87 -11.62
N LEU C 456 12.21 -31.14 -11.68
CA LEU C 456 13.04 -31.34 -10.50
C LEU C 456 14.44 -30.85 -10.83
N SER C 457 15.08 -30.23 -9.83
CA SER C 457 16.41 -29.69 -10.02
C SER C 457 17.44 -30.80 -10.23
N ASN C 458 18.60 -30.40 -10.78
CA ASN C 458 19.66 -31.36 -11.03
C ASN C 458 20.17 -31.96 -9.72
N THR C 459 20.25 -31.16 -8.66
CA THR C 459 20.72 -31.68 -7.37
C THR C 459 19.79 -32.78 -6.89
N LEU C 460 18.49 -32.58 -7.01
CA LEU C 460 17.54 -33.61 -6.59
C LEU C 460 17.63 -34.82 -7.49
N ALA C 461 17.95 -34.61 -8.78
CA ALA C 461 18.08 -35.72 -9.71
C ALA C 461 19.25 -36.61 -9.30
N GLU C 462 20.34 -36.01 -8.85
CA GLU C 462 21.50 -36.79 -8.42
C GLU C 462 21.14 -37.72 -7.27
N LEU C 463 20.32 -37.23 -6.33
CA LEU C 463 19.92 -38.05 -5.20
C LEU C 463 19.08 -39.24 -5.65
N TYR C 464 18.17 -39.02 -6.60
CA TYR C 464 17.31 -40.10 -7.06
C TYR C 464 18.13 -41.16 -7.80
N VAL C 465 18.97 -40.73 -8.76
CA VAL C 465 19.78 -41.71 -9.49
C VAL C 465 20.76 -42.39 -8.55
N ARG C 466 21.33 -41.65 -7.60
CA ARG C 466 22.26 -42.26 -6.65
C ARG C 466 21.55 -43.29 -5.81
N GLU C 467 20.35 -42.97 -5.33
CA GLU C 467 19.58 -43.93 -4.53
C GLU C 467 19.12 -45.10 -5.40
N HIS C 468 18.77 -44.82 -6.66
CA HIS C 468 18.34 -45.89 -7.56
C HIS C 468 19.48 -46.87 -7.80
N LEU C 469 20.70 -46.36 -7.92
CA LEU C 469 21.85 -47.25 -8.12
C LEU C 469 22.01 -48.20 -6.94
N ARG C 470 21.78 -47.70 -5.73
CA ARG C 470 21.88 -48.55 -4.55
C ARG C 470 20.84 -49.66 -4.61
N GLU C 471 19.62 -49.32 -5.04
CA GLU C 471 18.58 -50.33 -5.16
C GLU C 471 18.87 -51.31 -6.28
N GLN C 472 19.63 -50.88 -7.29
CA GLN C 472 19.97 -51.74 -8.40
C GLN C 472 20.79 -52.96 -7.96
N SER C 473 21.52 -52.84 -6.85
CA SER C 473 22.33 -53.94 -6.35
C SER C 473 21.45 -55.14 -5.97
N ILE C 501 17.37 -44.13 -14.51
CA ILE C 501 17.29 -43.18 -15.65
C ILE C 501 15.87 -42.64 -15.80
N GLU C 502 14.88 -43.48 -15.49
CA GLU C 502 13.48 -43.10 -15.59
C GLU C 502 13.04 -42.43 -14.31
N PHE C 503 12.86 -41.10 -14.35
CA PHE C 503 12.42 -40.37 -13.17
C PHE C 503 10.95 -40.63 -12.88
N ALA C 504 10.15 -40.93 -13.90
CA ALA C 504 8.75 -41.24 -13.67
C ALA C 504 8.65 -42.53 -12.88
N ARG C 505 7.55 -42.69 -12.14
CA ARG C 505 7.27 -43.84 -11.29
C ARG C 505 8.39 -44.09 -10.26
N LEU C 506 9.20 -43.05 -10.02
CA LEU C 506 10.30 -43.13 -9.05
C LEU C 506 10.21 -41.99 -8.05
N GLN C 507 9.71 -40.84 -8.51
CA GLN C 507 9.53 -39.68 -7.64
C GLN C 507 8.52 -40.02 -6.56
N PHE C 508 8.74 -39.46 -5.37
CA PHE C 508 7.89 -39.69 -4.20
C PHE C 508 8.04 -41.10 -3.63
N THR C 509 8.94 -41.91 -4.21
CA THR C 509 9.12 -43.27 -3.70
C THR C 509 10.04 -43.28 -2.48
N TYR C 510 11.18 -42.60 -2.58
CA TYR C 510 12.14 -42.52 -1.49
C TYR C 510 11.62 -41.47 -0.51
N ASN C 511 11.03 -41.94 0.58
CA ASN C 511 10.46 -41.03 1.58
C ASN C 511 11.55 -40.17 2.22
N HIS C 512 12.70 -40.76 2.53
CA HIS C 512 13.78 -40.00 3.15
C HIS C 512 14.25 -38.86 2.24
N ILE C 513 14.16 -39.04 0.92
CA ILE C 513 14.57 -37.98 0.01
C ILE C 513 13.43 -36.98 -0.19
N GLN C 514 12.18 -37.43 -0.03
CA GLN C 514 11.04 -36.53 -0.20
C GLN C 514 10.77 -35.71 1.05
N ARG C 515 11.26 -36.16 2.20
CA ARG C 515 11.03 -35.42 3.44
C ARG C 515 11.64 -34.01 3.43
N PRO C 516 12.90 -33.80 3.04
CA PRO C 516 13.42 -32.42 3.06
C PRO C 516 12.85 -31.55 1.95
N VAL C 517 12.59 -32.10 0.77
CA VAL C 517 12.03 -31.26 -0.30
C VAL C 517 10.62 -30.79 0.06
N ASN C 518 9.85 -31.61 0.78
CA ASN C 518 8.51 -31.19 1.17
C ASN C 518 8.57 -29.99 2.09
N ASP C 519 9.53 -29.98 3.02
CA ASP C 519 9.67 -28.85 3.92
C ASP C 519 10.25 -27.64 3.20
N MET C 520 11.22 -27.87 2.31
CA MET C 520 11.84 -26.78 1.57
C MET C 520 10.81 -26.04 0.73
N LEU C 521 10.15 -26.76 -0.19
CA LEU C 521 9.14 -26.12 -1.03
C LEU C 521 7.95 -25.63 -0.20
N GLY C 522 7.74 -26.20 0.98
CA GLY C 522 6.64 -25.74 1.81
C GLY C 522 6.79 -24.30 2.23
N ARG C 523 8.01 -23.89 2.56
CA ARG C 523 8.24 -22.49 2.95
C ARG C 523 7.98 -21.56 1.78
N VAL C 524 8.37 -21.98 0.57
CA VAL C 524 8.17 -21.16 -0.61
C VAL C 524 6.68 -20.94 -0.86
N ALA C 525 5.89 -22.01 -0.77
CA ALA C 525 4.45 -21.89 -0.97
C ALA C 525 3.82 -21.01 0.10
N ILE C 526 4.24 -21.19 1.36
CA ILE C 526 3.69 -20.38 2.44
C ILE C 526 4.15 -18.94 2.30
N ALA C 527 5.39 -18.73 1.87
CA ALA C 527 5.90 -17.37 1.70
C ALA C 527 5.10 -16.61 0.66
N TRP C 528 4.78 -17.27 -0.46
CA TRP C 528 3.99 -16.60 -1.50
C TRP C 528 2.60 -16.27 -1.00
N CYS C 529 1.98 -17.20 -0.24
CA CYS C 529 0.65 -16.96 0.28
C CYS C 529 0.62 -15.76 1.22
N GLU C 530 1.59 -15.68 2.14
CA GLU C 530 1.63 -14.56 3.06
C GLU C 530 1.90 -13.26 2.32
N GLU C 531 2.82 -13.26 1.36
CA GLU C 531 3.11 -12.04 0.61
C GLU C 531 1.90 -11.61 -0.21
N GLN C 532 1.21 -12.56 -0.83
CA GLN C 532 0.03 -12.21 -1.63
C GLN C 532 -1.07 -11.61 -0.77
N ASN C 533 -1.28 -12.15 0.44
CA ASN C 533 -2.29 -11.59 1.32
C ASN C 533 -1.95 -10.16 1.70
N HIS C 534 -0.65 -9.89 1.87
CA HIS C 534 -0.20 -8.54 2.22
C HIS C 534 -0.51 -7.57 1.09
N GLU C 535 -0.31 -7.99 -0.16
CA GLU C 535 -0.56 -7.12 -1.30
C GLU C 535 -2.06 -7.01 -1.59
N LEU C 536 -2.79 -8.12 -1.46
CA LEU C 536 -4.22 -8.10 -1.75
C LEU C 536 -4.97 -7.14 -0.83
N THR C 537 -4.70 -7.20 0.47
CA THR C 537 -5.39 -6.32 1.40
C THR C 537 -5.04 -4.85 1.16
N LEU C 538 -3.80 -4.54 0.76
CA LEU C 538 -3.44 -3.17 0.49
C LEU C 538 -4.03 -2.70 -0.83
N TRP C 539 -4.03 -3.57 -1.84
CA TRP C 539 -4.59 -3.21 -3.14
C TRP C 539 -6.09 -2.98 -3.05
N ASN C 540 -6.80 -3.82 -2.30
CA ASN C 540 -8.24 -3.65 -2.16
C ASN C 540 -8.61 -2.35 -1.47
N GLU C 541 -7.80 -1.91 -0.50
CA GLU C 541 -8.11 -0.66 0.20
C GLU C 541 -7.92 0.53 -0.74
N ALA C 542 -6.85 0.54 -1.52
CA ALA C 542 -6.62 1.63 -2.46
C ALA C 542 -7.69 1.63 -3.55
N ARG C 543 -8.23 0.45 -3.88
CA ARG C 543 -9.27 0.35 -4.89
C ARG C 543 -10.50 1.14 -4.46
N LYS C 544 -10.89 1.02 -3.19
CA LYS C 544 -12.04 1.75 -2.69
C LYS C 544 -11.73 3.24 -2.56
N LEU C 545 -10.47 3.57 -2.30
CA LEU C 545 -10.08 4.97 -2.15
C LEU C 545 -10.04 5.70 -3.48
N ASN C 546 -9.76 5.00 -4.58
CA ASN C 546 -9.68 5.62 -5.90
C ASN C 546 -9.79 4.55 -6.95
N PRO C 547 -11.01 4.11 -7.29
CA PRO C 547 -11.15 3.05 -8.30
C PRO C 547 -10.65 3.47 -9.69
N ASN C 548 -10.66 4.76 -10.01
CA ASN C 548 -10.22 5.20 -11.33
C ASN C 548 -8.74 4.87 -11.57
N ALA C 549 -7.88 5.19 -10.62
CA ALA C 549 -6.45 4.91 -10.79
C ALA C 549 -6.17 3.42 -10.74
N ILE C 550 -6.78 2.72 -9.79
CA ILE C 550 -6.55 1.28 -9.67
C ILE C 550 -7.12 0.53 -10.86
N ALA C 551 -8.27 0.96 -11.37
CA ALA C 551 -8.86 0.28 -12.52
C ALA C 551 -8.05 0.53 -13.78
N SER C 552 -7.51 1.74 -13.93
CA SER C 552 -6.74 2.07 -15.12
C SER C 552 -5.44 1.28 -15.21
N VAL C 553 -4.71 1.14 -14.10
CA VAL C 553 -3.45 0.41 -14.15
C VAL C 553 -3.67 -1.09 -14.31
N THR C 554 -4.76 -1.62 -13.74
CA THR C 554 -5.02 -3.05 -13.86
C THR C 554 -5.37 -3.49 -15.27
N VAL C 555 -5.73 -2.56 -16.16
CA VAL C 555 -6.09 -2.88 -17.53
C VAL C 555 -5.10 -2.30 -18.54
N GLY C 556 -4.21 -1.41 -18.13
CA GLY C 556 -3.23 -0.83 -19.03
C GLY C 556 -3.68 0.37 -19.84
N ARG C 557 -4.89 0.87 -19.62
CA ARG C 557 -5.39 2.03 -20.34
C ARG C 557 -6.29 2.84 -19.41
N ARG C 558 -6.43 4.13 -19.72
CA ARG C 558 -7.28 4.98 -18.89
C ARG C 558 -8.70 4.43 -18.92
N VAL C 559 -9.30 4.30 -17.74
CA VAL C 559 -10.62 3.72 -17.62
C VAL C 559 -11.36 4.33 -16.43
N SER C 560 -12.70 4.38 -16.55
CA SER C 560 -13.58 4.91 -15.53
C SER C 560 -14.13 3.75 -14.71
N ALA C 561 -14.37 3.96 -13.43
CA ALA C 561 -14.91 2.90 -12.59
C ALA C 561 -15.38 3.47 -11.26
N ARG C 562 -16.36 2.78 -10.68
CA ARG C 562 -16.91 3.14 -9.38
C ARG C 562 -17.43 1.86 -8.73
N MET C 563 -17.56 1.90 -7.41
CA MET C 563 -18.00 0.72 -6.66
C MET C 563 -19.51 0.70 -6.51
N LEU C 564 -20.13 -0.35 -7.04
CA LEU C 564 -21.57 -0.54 -6.93
C LEU C 564 -21.86 -1.46 -5.73
N GLY C 565 -21.38 -1.01 -4.57
CA GLY C 565 -21.52 -1.76 -3.34
C GLY C 565 -20.25 -2.55 -3.09
N ASP C 566 -20.30 -3.86 -3.30
CA ASP C 566 -19.14 -4.72 -3.12
C ASP C 566 -18.55 -5.18 -4.44
N VAL C 567 -19.03 -4.65 -5.57
CA VAL C 567 -18.54 -4.98 -6.90
C VAL C 567 -18.23 -3.66 -7.59
N MET C 568 -17.24 -3.68 -8.49
CA MET C 568 -16.80 -2.48 -9.19
C MET C 568 -17.27 -2.47 -10.64
N ALA C 569 -18.04 -1.45 -10.99
CA ALA C 569 -18.51 -1.27 -12.36
C ALA C 569 -17.42 -0.51 -13.09
N VAL C 570 -17.23 -0.84 -14.37
CA VAL C 570 -16.18 -0.24 -15.17
C VAL C 570 -16.69 0.15 -16.55
N SER C 571 -16.08 1.19 -17.12
CA SER C 571 -16.43 1.67 -18.45
C SER C 571 -15.20 2.36 -19.05
N THR C 572 -15.22 2.51 -20.37
CA THR C 572 -14.09 3.14 -21.07
C THR C 572 -14.25 4.66 -21.13
N CYS C 573 -13.12 5.35 -21.25
CA CYS C 573 -13.07 6.80 -21.31
C CYS C 573 -12.82 7.26 -22.75
N VAL C 574 -13.27 8.47 -23.05
CA VAL C 574 -13.13 9.06 -24.38
C VAL C 574 -11.97 10.05 -24.33
N PRO C 575 -10.92 9.89 -25.16
CA PRO C 575 -9.82 10.85 -25.11
C PRO C 575 -10.08 12.06 -25.99
N VAL C 576 -9.50 13.20 -25.62
CA VAL C 576 -9.63 14.45 -26.35
C VAL C 576 -8.27 15.13 -26.36
N ALA C 577 -7.90 15.70 -27.51
CA ALA C 577 -6.61 16.36 -27.65
C ALA C 577 -6.51 17.58 -26.74
N ALA C 578 -5.26 17.96 -26.43
CA ALA C 578 -5.01 19.10 -25.57
C ALA C 578 -5.29 20.43 -26.26
N ASP C 579 -5.18 20.50 -27.59
CA ASP C 579 -5.44 21.74 -28.30
C ASP C 579 -6.93 22.07 -28.38
N ASN C 580 -7.80 21.16 -27.97
CA ASN C 580 -9.24 21.36 -28.02
C ASN C 580 -9.86 21.73 -26.66
N VAL C 581 -9.04 22.11 -25.68
CA VAL C 581 -9.53 22.47 -24.35
C VAL C 581 -8.94 23.82 -23.94
N ILE C 582 -9.77 24.63 -23.29
CA ILE C 582 -9.39 25.95 -22.81
C ILE C 582 -9.76 26.05 -21.34
N VAL C 583 -8.92 26.73 -20.56
CA VAL C 583 -9.12 26.90 -19.12
C VAL C 583 -9.51 28.35 -18.86
N GLN C 584 -10.54 28.55 -18.04
CA GLN C 584 -10.99 29.90 -17.72
C GLN C 584 -9.96 30.61 -16.86
N ASN C 585 -9.92 31.94 -16.98
CA ASN C 585 -8.96 32.75 -16.24
C ASN C 585 -9.31 32.89 -14.75
N SER C 586 -10.54 32.57 -14.35
CA SER C 586 -10.95 32.70 -12.96
C SER C 586 -11.81 31.51 -12.56
N MET C 587 -11.73 31.15 -11.27
CA MET C 587 -12.49 30.04 -10.71
C MET C 587 -13.52 30.53 -9.68
N ARG C 588 -13.75 31.84 -9.60
CA ARG C 588 -14.70 32.41 -8.66
C ARG C 588 -16.04 32.54 -9.35
N ILE C 589 -17.13 32.28 -8.61
CA ILE C 589 -18.49 32.36 -9.14
C ILE C 589 -19.07 33.69 -8.65
N SER C 590 -19.56 34.51 -9.58
CA SER C 590 -20.11 35.81 -9.21
C SER C 590 -21.56 35.71 -8.76
N SER C 591 -22.23 34.58 -8.98
CA SER C 591 -23.63 34.45 -8.58
C SER C 591 -23.83 34.55 -7.07
N ARG C 592 -22.85 34.13 -6.27
CA ARG C 592 -22.98 34.19 -4.82
C ARG C 592 -21.61 34.36 -4.15
N PRO C 593 -21.32 35.51 -3.52
CA PRO C 593 -20.02 35.65 -2.85
C PRO C 593 -19.85 34.66 -1.72
N GLY C 594 -18.60 34.33 -1.41
CA GLY C 594 -18.28 33.39 -0.37
C GLY C 594 -18.11 31.96 -0.82
N ALA C 595 -18.42 31.66 -2.08
CA ALA C 595 -18.28 30.33 -2.64
C ALA C 595 -17.52 30.41 -3.96
N CYS C 596 -16.67 29.43 -4.20
CA CYS C 596 -15.88 29.39 -5.42
C CYS C 596 -15.49 27.95 -5.72
N TYR C 597 -15.30 27.67 -7.01
CA TYR C 597 -14.94 26.33 -7.45
C TYR C 597 -13.57 25.94 -6.91
N SER C 598 -13.45 24.67 -6.51
CA SER C 598 -12.19 24.16 -5.97
C SER C 598 -11.18 23.83 -7.05
N ARG C 599 -11.61 23.68 -8.30
CA ARG C 599 -10.72 23.37 -9.42
C ARG C 599 -11.05 24.30 -10.57
N PRO C 600 -10.10 24.55 -11.48
CA PRO C 600 -10.36 25.47 -12.58
C PRO C 600 -11.46 24.97 -13.52
N LEU C 601 -12.20 25.92 -14.09
CA LEU C 601 -13.24 25.59 -15.05
C LEU C 601 -12.61 25.47 -16.42
N VAL C 602 -13.20 24.61 -17.27
CA VAL C 602 -12.68 24.38 -18.61
C VAL C 602 -13.81 24.28 -19.62
N SER C 603 -13.48 24.64 -20.86
CA SER C 603 -14.38 24.59 -22.00
C SER C 603 -13.61 23.86 -23.10
N PHE C 604 -14.25 22.86 -23.71
CA PHE C 604 -13.57 22.07 -24.73
C PHE C 604 -14.56 21.59 -25.78
N ARG C 605 -14.02 20.89 -26.78
CA ARG C 605 -14.76 20.31 -27.88
C ARG C 605 -14.25 18.90 -28.09
N TYR C 606 -15.17 17.96 -28.34
CA TYR C 606 -14.77 16.57 -28.52
C TYR C 606 -13.84 16.39 -29.72
N GLU C 607 -13.99 17.22 -30.74
CA GLU C 607 -13.15 17.13 -31.93
C GLU C 607 -12.94 18.53 -32.50
N ASP C 608 -11.93 18.64 -33.38
CA ASP C 608 -11.62 19.92 -33.99
C ASP C 608 -12.82 20.43 -34.78
N GLN C 609 -13.08 21.74 -34.64
CA GLN C 609 -14.17 22.46 -35.29
C GLN C 609 -15.54 22.05 -34.74
N GLY C 610 -15.59 21.11 -33.79
CA GLY C 610 -16.84 20.69 -33.22
C GLY C 610 -17.40 21.71 -32.23
N PRO C 611 -18.62 21.47 -31.77
CA PRO C 611 -19.23 22.41 -30.81
C PRO C 611 -18.48 22.41 -29.48
N LEU C 612 -18.52 23.56 -28.81
CA LEU C 612 -17.85 23.70 -27.52
C LEU C 612 -18.79 23.29 -26.40
N VAL C 613 -18.23 22.64 -25.37
CA VAL C 613 -18.98 22.16 -24.22
C VAL C 613 -18.34 22.73 -22.96
N GLU C 614 -19.14 22.82 -21.89
CA GLU C 614 -18.71 23.34 -20.61
C GLU C 614 -18.43 22.19 -19.65
N GLY C 615 -17.37 22.35 -18.85
CA GLY C 615 -17.00 21.32 -17.89
C GLY C 615 -16.04 21.84 -16.84
N GLN C 616 -15.49 20.93 -16.03
CA GLN C 616 -14.55 21.29 -14.97
C GLN C 616 -13.34 20.38 -15.07
N LEU C 617 -12.19 20.89 -14.64
CA LEU C 617 -10.94 20.13 -14.68
C LEU C 617 -10.87 19.20 -13.49
N GLY C 618 -10.64 17.92 -13.75
CA GLY C 618 -10.53 16.91 -12.71
C GLY C 618 -9.09 16.59 -12.40
N GLU C 619 -8.89 15.39 -11.85
CA GLU C 619 -7.56 14.92 -11.50
C GLU C 619 -6.96 14.07 -12.61
N ASN C 620 -5.67 14.29 -12.85
CA ASN C 620 -4.92 13.56 -13.87
C ASN C 620 -5.49 13.82 -15.26
N ASN C 621 -5.59 15.10 -15.61
CA ASN C 621 -6.09 15.56 -16.90
C ASN C 621 -7.53 15.10 -17.18
N GLU C 622 -8.28 14.74 -16.14
CA GLU C 622 -9.65 14.30 -16.34
C GLU C 622 -10.56 15.51 -16.52
N LEU C 623 -11.53 15.39 -17.42
CA LEU C 623 -12.49 16.44 -17.71
C LEU C 623 -13.85 16.03 -17.20
N ARG C 624 -14.39 16.81 -16.27
CA ARG C 624 -15.70 16.55 -15.67
C ARG C 624 -16.75 17.40 -16.37
N LEU C 625 -17.85 16.77 -16.74
CA LEU C 625 -18.94 17.47 -17.44
C LEU C 625 -19.85 18.25 -16.51
N THR C 626 -19.72 18.12 -15.19
CA THR C 626 -20.57 18.81 -14.24
C THR C 626 -19.71 19.74 -13.40
N ARG C 627 -20.11 21.01 -13.30
CA ARG C 627 -19.41 22.02 -12.51
C ARG C 627 -20.07 22.08 -11.15
N ASP C 628 -19.62 21.23 -10.23
CA ASP C 628 -20.16 21.17 -8.88
C ASP C 628 -19.12 21.14 -7.78
N ALA C 629 -17.83 21.12 -8.11
CA ALA C 629 -16.79 21.09 -7.10
C ALA C 629 -16.59 22.48 -6.50
N ILE C 630 -17.52 22.91 -5.63
CA ILE C 630 -17.47 24.26 -5.02
C ILE C 630 -17.07 24.11 -3.54
N GLU C 631 -16.56 25.18 -2.92
CA GLU C 631 -16.08 25.13 -1.52
C GLU C 631 -16.12 26.54 -0.91
N PRO C 632 -16.22 26.69 0.43
CA PRO C 632 -16.16 28.01 1.02
C PRO C 632 -14.79 28.55 0.65
N CYS C 633 -14.68 29.82 0.25
CA CYS C 633 -13.39 30.38 -0.23
C CYS C 633 -12.51 30.85 0.93
N THR C 634 -11.20 30.95 0.74
CA THR C 634 -10.25 31.32 1.79
C THR C 634 -9.30 32.39 1.32
N VAL C 635 -8.49 32.95 2.22
CA VAL C 635 -7.46 33.97 1.87
C VAL C 635 -6.17 33.22 1.49
N GLY C 636 -5.16 33.92 1.00
CA GLY C 636 -3.87 33.29 0.65
C GLY C 636 -4.07 31.95 0.00
N HIS C 637 -4.78 31.89 -1.13
CA HIS C 637 -5.01 30.63 -1.89
C HIS C 637 -3.83 30.41 -2.84
N ARG C 638 -3.34 29.18 -2.99
CA ARG C 638 -2.25 28.85 -3.91
C ARG C 638 -2.38 27.37 -4.24
N ARG C 639 -2.58 27.05 -5.51
CA ARG C 639 -2.74 25.65 -5.90
C ARG C 639 -2.18 25.42 -7.30
N TYR C 640 -1.75 24.18 -7.52
CA TYR C 640 -1.23 23.71 -8.79
C TYR C 640 -2.12 22.58 -9.28
N PHE C 641 -2.58 22.67 -10.52
CA PHE C 641 -3.46 21.67 -11.10
C PHE C 641 -2.83 21.11 -12.37
N THR C 642 -2.90 19.80 -12.54
CA THR C 642 -2.35 19.17 -13.72
C THR C 642 -3.14 19.59 -14.94
N PHE C 643 -2.45 20.06 -15.98
CA PHE C 643 -3.09 20.52 -17.21
C PHE C 643 -2.22 20.09 -18.37
N GLY C 644 -2.63 19.04 -19.06
CA GLY C 644 -1.86 18.55 -20.19
C GLY C 644 -0.50 18.06 -19.73
N GLY C 645 0.54 18.44 -20.47
CA GLY C 645 1.87 18.02 -20.10
C GLY C 645 2.38 18.68 -18.82
N GLY C 646 2.18 19.99 -18.69
CA GLY C 646 2.63 20.74 -17.54
C GLY C 646 1.56 20.95 -16.49
N TYR C 647 1.70 22.04 -15.75
CA TYR C 647 0.78 22.42 -14.68
C TYR C 647 0.29 23.85 -14.89
N VAL C 648 -0.87 24.15 -14.32
CA VAL C 648 -1.48 25.47 -14.37
C VAL C 648 -1.52 25.99 -12.94
N TYR C 649 -0.96 27.17 -12.71
CA TYR C 649 -0.86 27.77 -11.39
C TYR C 649 -1.99 28.77 -11.17
N PHE C 650 -2.65 28.67 -10.03
CA PHE C 650 -3.73 29.55 -9.63
C PHE C 650 -3.47 30.07 -8.22
N GLU C 651 -3.70 31.37 -8.02
CA GLU C 651 -3.52 32.00 -6.72
C GLU C 651 -4.66 32.98 -6.49
N GLU C 652 -5.22 32.93 -5.29
CA GLU C 652 -6.36 33.79 -4.92
C GLU C 652 -7.52 33.58 -5.88
N TYR C 653 -7.72 32.33 -6.28
CA TYR C 653 -8.78 31.94 -7.21
C TYR C 653 -8.71 32.69 -8.52
N ALA C 654 -7.50 32.92 -9.02
CA ALA C 654 -7.27 33.63 -10.26
C ALA C 654 -6.12 32.97 -11.03
N TYR C 655 -6.27 32.87 -12.34
CA TYR C 655 -5.26 32.26 -13.18
C TYR C 655 -4.00 33.14 -13.16
N SER C 656 -2.86 32.53 -12.80
CA SER C 656 -1.60 33.26 -12.73
C SER C 656 -0.74 32.99 -13.97
N HIS C 657 -0.40 31.72 -14.20
CA HIS C 657 0.42 31.35 -15.35
C HIS C 657 0.47 29.84 -15.45
N GLN C 658 1.17 29.36 -16.47
CA GLN C 658 1.34 27.94 -16.75
C GLN C 658 2.83 27.61 -16.74
N LEU C 659 3.16 26.42 -16.23
CA LEU C 659 4.53 25.95 -16.15
C LEU C 659 4.61 24.52 -16.64
N SER C 660 5.81 24.12 -17.08
CA SER C 660 6.04 22.79 -17.61
C SER C 660 6.20 21.77 -16.49
N ARG C 661 6.28 20.50 -16.90
CA ARG C 661 6.44 19.40 -15.96
C ARG C 661 7.84 19.34 -15.39
N ALA C 662 8.84 19.80 -16.13
CA ALA C 662 10.22 19.75 -15.67
C ALA C 662 10.61 20.93 -14.79
N ASP C 663 9.69 21.85 -14.51
CA ASP C 663 10.00 23.01 -13.69
C ASP C 663 9.73 22.78 -12.20
N ILE C 664 9.54 21.54 -11.76
CA ILE C 664 9.27 21.23 -10.37
C ILE C 664 10.17 20.07 -9.96
N THR C 665 10.66 20.11 -8.73
CA THR C 665 11.54 19.06 -8.22
C THR C 665 10.81 17.72 -8.21
N THR C 666 11.50 16.68 -8.70
CA THR C 666 10.95 15.33 -8.78
C THR C 666 11.67 14.43 -7.79
N VAL C 667 10.92 13.51 -7.19
CA VAL C 667 11.43 12.57 -6.19
C VAL C 667 11.16 11.14 -6.67
N SER C 668 11.36 10.91 -7.97
CA SER C 668 11.13 9.60 -8.59
C SER C 668 11.68 8.45 -7.74
N THR C 669 12.91 8.59 -7.25
CA THR C 669 13.49 7.55 -6.43
C THR C 669 12.72 7.43 -5.11
N PHE C 670 12.87 6.26 -4.46
CA PHE C 670 12.14 6.04 -3.21
C PHE C 670 12.51 7.03 -2.12
N ILE C 671 13.81 7.28 -1.93
CA ILE C 671 14.30 8.20 -0.91
C ILE C 671 15.26 9.19 -1.53
N ASP C 672 15.01 10.48 -1.29
CA ASP C 672 15.84 11.58 -1.82
C ASP C 672 16.13 12.51 -0.65
N LEU C 673 17.39 12.53 -0.21
CA LEU C 673 17.80 13.36 0.92
C LEU C 673 18.35 14.72 0.49
N ASN C 674 18.46 14.99 -0.81
CA ASN C 674 19.01 16.26 -1.29
C ASN C 674 17.97 17.34 -1.53
N ILE C 675 16.84 17.32 -0.81
CA ILE C 675 15.83 18.34 -1.00
C ILE C 675 16.27 19.60 -0.27
N THR C 676 16.48 20.68 -1.02
CA THR C 676 16.91 21.97 -0.48
C THR C 676 15.71 22.75 0.04
N MET C 677 15.11 22.24 1.10
CA MET C 677 13.93 22.84 1.72
C MET C 677 14.35 23.92 2.73
N LEU C 678 13.36 24.69 3.20
CA LEU C 678 13.60 25.76 4.16
C LEU C 678 12.40 25.88 5.09
N GLU C 679 12.64 26.44 6.28
CA GLU C 679 11.60 26.61 7.29
C GLU C 679 10.63 27.69 6.83
N ASP C 680 9.47 27.26 6.35
CA ASP C 680 8.45 28.18 5.87
C ASP C 680 7.84 28.95 7.02
N HIS C 681 7.61 30.25 6.81
CA HIS C 681 7.01 31.14 7.79
C HIS C 681 5.62 31.49 7.28
N GLU C 682 4.59 31.07 8.03
CA GLU C 682 3.22 31.33 7.61
C GLU C 682 2.95 32.81 7.53
N PHE C 683 2.36 33.24 6.42
CA PHE C 683 2.00 34.62 6.15
C PHE C 683 0.51 34.65 5.85
N VAL C 684 -0.27 35.16 6.78
CA VAL C 684 -1.73 35.23 6.67
C VAL C 684 -2.13 36.69 6.46
N PRO C 685 -3.10 36.99 5.58
CA PRO C 685 -3.51 38.39 5.43
C PRO C 685 -4.20 38.86 6.70
N LEU C 686 -4.16 40.17 6.93
CA LEU C 686 -4.79 40.72 8.14
C LEU C 686 -6.30 40.56 8.15
N GLU C 687 -6.94 40.32 7.01
CA GLU C 687 -8.40 40.15 7.01
C GLU C 687 -8.84 38.92 7.78
N VAL C 688 -7.95 37.93 7.97
CA VAL C 688 -8.33 36.74 8.72
C VAL C 688 -8.67 37.09 10.16
N TYR C 689 -8.04 38.14 10.69
CA TYR C 689 -8.29 38.56 12.07
C TYR C 689 -9.41 39.59 12.18
N THR C 690 -9.37 40.63 11.34
CA THR C 690 -10.38 41.68 11.38
C THR C 690 -11.72 41.28 10.78
N ARG C 691 -11.73 40.39 9.77
CA ARG C 691 -12.97 39.95 9.14
C ARG C 691 -13.34 38.52 9.51
N HIS C 692 -12.48 37.79 10.19
CA HIS C 692 -12.75 36.42 10.62
C HIS C 692 -13.12 35.50 9.45
N GLU C 693 -12.38 35.60 8.36
CA GLU C 693 -12.59 34.76 7.18
C GLU C 693 -11.49 33.71 7.14
N ILE C 694 -11.91 32.44 7.06
CA ILE C 694 -11.01 31.30 7.08
C ILE C 694 -9.85 31.46 6.11
N LYS C 695 -8.70 30.92 6.49
CA LYS C 695 -7.48 30.97 5.69
C LYS C 695 -7.30 29.65 4.95
N ASP C 696 -6.63 29.71 3.81
CA ASP C 696 -6.40 28.51 3.01
C ASP C 696 -5.57 27.49 3.78
N SER C 697 -5.86 26.20 3.54
CA SER C 697 -5.15 25.10 4.20
C SER C 697 -4.82 23.96 3.27
N GLY C 698 -4.85 24.17 1.94
CA GLY C 698 -4.54 23.09 1.03
C GLY C 698 -5.62 22.02 1.06
N LEU C 699 -5.35 20.91 0.39
CA LEU C 699 -6.30 19.82 0.39
C LEU C 699 -6.40 19.23 1.78
N LEU C 700 -7.54 18.60 2.06
CA LEU C 700 -7.80 18.04 3.38
C LEU C 700 -7.03 16.74 3.60
N ASP C 701 -6.27 16.71 4.70
CA ASP C 701 -5.54 15.52 5.09
C ASP C 701 -6.56 14.50 5.60
N TYR C 702 -6.16 13.24 5.73
CA TYR C 702 -7.11 12.24 6.21
C TYR C 702 -7.66 12.61 7.58
N THR C 703 -6.79 13.12 8.46
CA THR C 703 -7.27 13.52 9.78
C THR C 703 -8.14 14.77 9.67
N GLU C 704 -7.83 15.67 8.74
CA GLU C 704 -8.63 16.88 8.58
C GLU C 704 -10.06 16.54 8.18
N VAL C 705 -10.23 15.65 7.19
CA VAL C 705 -11.58 15.26 6.79
C VAL C 705 -12.24 14.51 7.94
N GLN C 706 -11.45 13.71 8.66
CA GLN C 706 -11.98 12.99 9.82
C GLN C 706 -12.30 13.95 10.94
N ARG C 707 -11.58 15.08 11.00
CA ARG C 707 -11.81 16.08 12.03
C ARG C 707 -12.87 17.09 11.58
N ARG C 708 -12.94 17.35 10.27
CA ARG C 708 -13.91 18.30 9.75
C ARG C 708 -15.34 17.83 9.99
N ASN C 709 -15.62 16.55 9.74
CA ASN C 709 -16.97 16.06 9.96
C ASN C 709 -17.34 16.07 11.44
N GLN C 710 -16.36 16.02 12.34
CA GLN C 710 -16.67 16.09 13.76
C GLN C 710 -17.31 17.42 14.10
N LEU C 711 -16.81 18.50 13.47
CA LEU C 711 -17.39 19.82 13.70
C LEU C 711 -18.83 19.86 13.19
N HIS C 712 -19.10 19.20 12.06
CA HIS C 712 -20.45 19.17 11.52
C HIS C 712 -21.41 18.57 12.53
N ASP C 713 -20.98 17.52 13.23
CA ASP C 713 -21.84 16.91 14.25
C ASP C 713 -22.13 17.93 15.34
N LEU C 714 -21.13 18.72 15.72
CA LEU C 714 -21.34 19.74 16.75
C LEU C 714 -22.30 20.81 16.25
N ARG C 715 -22.16 21.21 14.98
CA ARG C 715 -23.05 22.21 14.41
C ARG C 715 -24.48 21.70 14.38
N PHE C 716 -24.67 20.43 14.00
CA PHE C 716 -26.02 19.88 13.99
C PHE C 716 -26.61 19.86 15.39
N ALA C 717 -25.78 19.51 16.39
CA ALA C 717 -26.26 19.51 17.76
C ALA C 717 -26.64 20.92 18.19
N ASP C 718 -25.87 21.92 17.75
CA ASP C 718 -26.20 23.30 18.08
C ASP C 718 -27.53 23.70 17.46
N ILE C 719 -27.76 23.29 16.21
CA ILE C 719 -29.01 23.59 15.54
C ILE C 719 -30.16 22.86 16.24
N ASP C 720 -29.93 21.61 16.64
CA ASP C 720 -30.94 20.83 17.33
C ASP C 720 -31.29 21.39 18.71
N THR C 721 -30.42 22.20 19.29
CA THR C 721 -30.67 22.78 20.60
C THR C 721 -31.83 23.78 20.53
N GLN D 1 -15.38 -32.18 52.16
CA GLN D 1 -14.92 -33.57 52.13
C GLN D 1 -14.64 -33.99 50.69
N VAL D 2 -13.51 -34.68 50.49
CA VAL D 2 -13.09 -35.14 49.17
C VAL D 2 -12.50 -36.55 49.32
N GLN D 3 -12.71 -37.40 48.32
CA GLN D 3 -12.20 -38.75 48.35
C GLN D 3 -11.87 -39.23 46.95
N LEU D 4 -10.88 -40.13 46.88
CA LEU D 4 -10.43 -40.72 45.62
C LEU D 4 -10.11 -42.19 45.84
N LYS D 5 -10.51 -43.01 44.86
CA LYS D 5 -10.28 -44.44 44.88
C LYS D 5 -9.81 -44.87 43.50
N GLU D 6 -8.80 -45.75 43.47
CA GLU D 6 -8.23 -46.25 42.23
C GLU D 6 -8.77 -47.64 41.91
N SER D 7 -8.74 -48.00 40.63
CA SER D 7 -9.20 -49.29 40.15
C SER D 7 -8.33 -49.71 38.99
N GLY D 8 -7.64 -50.84 39.14
CA GLY D 8 -6.77 -51.34 38.11
C GLY D 8 -6.69 -52.86 38.09
N PRO D 9 -5.93 -53.41 37.14
CA PRO D 9 -5.81 -54.86 37.05
C PRO D 9 -4.99 -55.49 38.16
N GLY D 10 -3.99 -54.80 38.70
CA GLY D 10 -3.17 -55.35 39.76
C GLY D 10 -1.96 -56.07 39.23
N LEU D 11 -2.16 -56.93 38.23
CA LEU D 11 -1.08 -57.70 37.62
C LEU D 11 -1.26 -57.64 36.10
N VAL D 12 -0.17 -57.37 35.40
CA VAL D 12 -0.19 -57.27 33.95
C VAL D 12 1.14 -57.80 33.42
N ALA D 13 1.15 -58.22 32.15
CA ALA D 13 2.36 -58.74 31.53
C ALA D 13 3.19 -57.59 30.98
N PRO D 14 4.49 -57.77 30.79
CA PRO D 14 5.31 -56.69 30.26
C PRO D 14 5.08 -56.48 28.77
N SER D 15 5.23 -55.21 28.35
CA SER D 15 5.07 -54.73 26.98
C SER D 15 3.61 -54.45 26.60
N GLN D 16 2.65 -54.71 27.50
CA GLN D 16 1.26 -54.42 27.20
C GLN D 16 0.93 -53.00 27.65
N SER D 17 -0.33 -52.60 27.47
CA SER D 17 -0.82 -51.27 27.83
C SER D 17 -1.60 -51.34 29.14
N LEU D 18 -1.25 -50.45 30.06
CA LEU D 18 -1.91 -50.38 31.36
C LEU D 18 -3.11 -49.44 31.29
N SER D 19 -4.09 -49.69 32.15
CA SER D 19 -5.30 -48.88 32.23
C SER D 19 -5.79 -48.85 33.66
N ILE D 20 -5.83 -47.64 34.24
CA ILE D 20 -6.28 -47.43 35.61
C ILE D 20 -7.27 -46.27 35.61
N THR D 21 -8.33 -46.41 36.40
CA THR D 21 -9.37 -45.40 36.51
C THR D 21 -9.49 -44.98 37.98
N CYS D 22 -9.49 -43.67 38.21
CA CYS D 22 -9.60 -43.10 39.55
C CYS D 22 -10.93 -42.38 39.69
N THR D 23 -11.79 -42.89 40.57
CA THR D 23 -13.09 -42.29 40.84
C THR D 23 -12.91 -41.26 41.95
N VAL D 24 -13.40 -40.05 41.71
CA VAL D 24 -13.27 -38.95 42.66
C VAL D 24 -14.61 -38.26 42.88
N SER D 25 -14.80 -37.77 44.10
CA SER D 25 -16.00 -37.06 44.49
C SER D 25 -15.60 -35.94 45.44
N GLY D 26 -16.48 -34.95 45.57
CA GLY D 26 -16.24 -33.80 46.43
C GLY D 26 -15.94 -32.52 45.70
N PHE D 27 -15.60 -32.58 44.41
CA PHE D 27 -15.33 -31.39 43.63
C PHE D 27 -15.61 -31.71 42.16
N SER D 28 -15.85 -30.66 41.38
CA SER D 28 -16.14 -30.82 39.96
C SER D 28 -14.86 -30.90 39.14
N LEU D 29 -14.77 -31.92 38.29
CA LEU D 29 -13.60 -32.08 37.43
C LEU D 29 -13.53 -31.04 36.33
N THR D 30 -14.64 -30.34 36.06
CA THR D 30 -14.65 -29.33 35.01
C THR D 30 -13.81 -28.11 35.39
N THR D 31 -13.57 -27.89 36.68
CA THR D 31 -12.82 -26.74 37.17
C THR D 31 -11.47 -27.12 37.79
N TYR D 32 -11.37 -28.28 38.42
CA TYR D 32 -10.13 -28.73 39.07
C TYR D 32 -9.59 -29.97 38.38
N GLY D 33 -8.27 -30.16 38.52
CA GLY D 33 -7.59 -31.29 37.91
C GLY D 33 -7.25 -32.41 38.89
N VAL D 34 -6.56 -33.41 38.36
CA VAL D 34 -6.12 -34.59 39.12
C VAL D 34 -4.71 -34.95 38.68
N THR D 35 -3.85 -35.25 39.64
CA THR D 35 -2.46 -35.63 39.42
C THR D 35 -2.25 -37.10 39.76
N TRP D 36 -1.30 -37.72 39.05
CA TRP D 36 -0.96 -39.12 39.23
C TRP D 36 0.46 -39.23 39.77
N VAL D 37 0.65 -40.10 40.77
CA VAL D 37 1.93 -40.31 41.42
C VAL D 37 2.13 -41.81 41.63
N ARG D 38 3.39 -42.25 41.49
CA ARG D 38 3.75 -43.66 41.67
C ARG D 38 4.94 -43.75 42.62
N GLN D 39 5.15 -44.94 43.16
CA GLN D 39 6.24 -45.21 44.10
C GLN D 39 6.67 -46.67 44.00
N PRO D 40 7.82 -46.99 43.39
CA PRO D 40 8.23 -48.38 43.31
C PRO D 40 8.58 -48.91 44.68
N PRO D 41 8.79 -50.22 44.81
CA PRO D 41 9.13 -50.78 46.13
C PRO D 41 10.48 -50.28 46.64
N GLY D 42 10.44 -49.66 47.82
CA GLY D 42 11.64 -49.16 48.48
C GLY D 42 12.17 -47.82 48.01
N LYS D 43 11.56 -47.20 47.00
CA LYS D 43 12.01 -45.90 46.51
C LYS D 43 11.01 -44.81 46.87
N GLY D 44 11.38 -43.58 46.53
CA GLY D 44 10.53 -42.43 46.81
C GLY D 44 9.42 -42.26 45.80
N LEU D 45 8.64 -41.21 46.00
CA LEU D 45 7.53 -40.90 45.12
C LEU D 45 8.03 -40.32 43.80
N GLU D 46 7.25 -40.52 42.75
CA GLU D 46 7.58 -40.05 41.41
C GLU D 46 6.32 -39.46 40.77
N TRP D 47 6.45 -38.26 40.22
CA TRP D 47 5.32 -37.61 39.57
C TRP D 47 5.15 -38.13 38.15
N LEU D 48 3.92 -38.46 37.78
CA LEU D 48 3.60 -39.00 36.45
C LEU D 48 3.03 -37.95 35.50
N GLY D 49 1.93 -37.32 35.88
CA GLY D 49 1.32 -36.32 35.03
C GLY D 49 0.19 -35.62 35.76
N VAL D 50 -0.61 -34.88 34.99
CA VAL D 50 -1.74 -34.15 35.55
C VAL D 50 -2.67 -33.73 34.42
N ILE D 51 -3.96 -33.70 34.74
CA ILE D 51 -5.01 -33.28 33.81
C ILE D 51 -5.81 -32.20 34.52
N TRP D 52 -5.77 -31.00 33.96
CA TRP D 52 -6.46 -29.85 34.54
C TRP D 52 -7.94 -29.90 34.21
N GLY D 53 -8.68 -28.86 34.61
CA GLY D 53 -10.11 -28.82 34.32
C GLY D 53 -10.38 -28.85 32.82
N ASP D 54 -9.55 -28.17 32.05
CA ASP D 54 -9.71 -28.16 30.61
C ASP D 54 -9.09 -29.44 30.03
N GLY D 55 -9.07 -29.55 28.71
CA GLY D 55 -8.51 -30.72 28.08
C GLY D 55 -6.99 -30.78 28.08
N SER D 56 -6.31 -29.74 28.56
CA SER D 56 -4.86 -29.72 28.58
C SER D 56 -4.33 -30.73 29.60
N THR D 57 -3.14 -31.27 29.30
CA THR D 57 -2.49 -32.25 30.16
C THR D 57 -0.97 -32.07 30.10
N ASN D 58 -0.30 -32.47 31.18
CA ASN D 58 1.14 -32.40 31.30
C ASN D 58 1.65 -33.77 31.76
N TYR D 59 2.78 -34.19 31.18
CA TYR D 59 3.37 -35.48 31.49
C TYR D 59 4.87 -35.32 31.78
N HIS D 60 5.40 -36.27 32.53
CA HIS D 60 6.82 -36.26 32.86
C HIS D 60 7.66 -36.48 31.62
N SER D 61 8.86 -35.89 31.59
CA SER D 61 9.73 -36.04 30.44
C SER D 61 10.16 -37.49 30.23
N ASP D 62 10.22 -38.28 31.31
CA ASP D 62 10.63 -39.68 31.19
C ASP D 62 9.49 -40.60 30.78
N LEU D 63 8.24 -40.11 30.74
CA LEU D 63 7.08 -40.91 30.38
C LEU D 63 6.16 -40.25 29.36
N ILE D 64 6.55 -39.10 28.78
CA ILE D 64 5.69 -38.42 27.80
C ILE D 64 5.41 -39.31 26.59
N SER D 65 6.38 -40.12 26.18
CA SER D 65 6.19 -40.96 24.99
C SER D 65 5.18 -42.07 25.23
N ARG D 66 5.02 -42.53 26.48
CA ARG D 66 4.11 -43.63 26.80
C ARG D 66 2.91 -43.23 27.64
N LEU D 67 3.02 -42.19 28.46
CA LEU D 67 1.91 -41.80 29.33
C LEU D 67 0.83 -41.06 28.55
N SER D 68 -0.42 -41.23 29.00
CA SER D 68 -1.58 -40.60 28.40
C SER D 68 -2.71 -40.63 29.42
N ILE D 69 -3.36 -39.48 29.61
CA ILE D 69 -4.45 -39.35 30.57
C ILE D 69 -5.67 -38.73 29.90
N THR D 70 -6.84 -39.24 30.26
CA THR D 70 -8.12 -38.78 29.75
C THR D 70 -9.10 -38.77 30.92
N LYS D 71 -10.28 -38.19 30.70
CA LYS D 71 -11.26 -38.13 31.77
C LYS D 71 -12.67 -38.00 31.21
N ASP D 72 -13.64 -38.06 32.11
CA ASP D 72 -15.06 -37.92 31.82
C ASP D 72 -15.61 -37.07 32.97
N ASN D 73 -16.14 -35.90 32.64
CA ASN D 73 -16.65 -35.02 33.69
C ASN D 73 -17.98 -35.51 34.26
N SER D 74 -18.83 -36.11 33.44
CA SER D 74 -20.11 -36.60 33.94
C SER D 74 -19.94 -37.70 34.99
N LYS D 75 -19.04 -38.64 34.76
CA LYS D 75 -18.80 -39.73 35.70
C LYS D 75 -17.81 -39.38 36.80
N SER D 76 -17.14 -38.23 36.72
CA SER D 76 -16.16 -37.81 37.72
C SER D 76 -15.06 -38.85 37.87
N GLN D 77 -14.62 -39.38 36.73
CA GLN D 77 -13.57 -40.40 36.68
C GLN D 77 -12.46 -39.96 35.73
N VAL D 78 -11.23 -40.27 36.11
CA VAL D 78 -10.05 -39.93 35.32
C VAL D 78 -9.38 -41.23 34.91
N PHE D 79 -9.15 -41.41 33.61
CA PHE D 79 -8.55 -42.62 33.07
C PHE D 79 -7.06 -42.41 32.84
N LEU D 80 -6.26 -43.34 33.35
CA LEU D 80 -4.81 -43.32 33.20
C LEU D 80 -4.43 -44.45 32.25
N LYS D 81 -3.53 -44.15 31.31
CA LYS D 81 -3.06 -45.12 30.33
C LYS D 81 -1.55 -45.04 30.20
N LEU D 82 -0.93 -46.20 30.03
CA LEU D 82 0.52 -46.31 29.91
C LEU D 82 0.85 -47.50 29.04
N SER D 83 1.46 -47.25 27.88
CA SER D 83 1.82 -48.29 26.94
C SER D 83 3.29 -48.71 27.11
N SER D 84 3.61 -49.88 26.55
CA SER D 84 4.97 -50.44 26.58
C SER D 84 5.52 -50.51 28.00
N LEU D 85 4.87 -51.34 28.82
CA LEU D 85 5.25 -51.50 30.21
C LEU D 85 6.49 -52.39 30.34
N GLN D 86 7.47 -51.96 31.14
CA GLN D 86 8.67 -52.75 31.37
C GLN D 86 8.60 -53.42 32.74
N ALA D 87 9.66 -54.15 33.09
CA ALA D 87 9.69 -54.88 34.36
C ALA D 87 9.68 -53.94 35.56
N ASP D 88 10.42 -52.83 35.49
CA ASP D 88 10.50 -51.91 36.62
C ASP D 88 9.25 -51.06 36.81
N ASP D 89 8.20 -51.25 35.99
CA ASP D 89 6.98 -50.47 36.17
C ASP D 89 6.21 -50.88 37.42
N THR D 90 6.59 -51.98 38.08
CA THR D 90 5.92 -52.44 39.29
C THR D 90 5.99 -51.34 40.35
N ALA D 91 4.84 -50.74 40.67
CA ALA D 91 4.81 -49.67 41.66
C ALA D 91 3.36 -49.41 42.05
N THR D 92 3.21 -48.70 43.18
CA THR D 92 1.90 -48.34 43.68
C THR D 92 1.50 -46.98 43.10
N TYR D 93 0.47 -46.98 42.27
CA TYR D 93 -0.01 -45.78 41.61
C TYR D 93 -1.10 -45.11 42.46
N TYR D 94 -0.99 -43.79 42.60
CA TYR D 94 -1.94 -42.98 43.36
C TYR D 94 -2.44 -41.83 42.51
N CYS D 95 -3.70 -41.45 42.72
CA CYS D 95 -4.31 -40.33 42.03
C CYS D 95 -4.57 -39.22 43.04
N VAL D 96 -3.87 -38.07 42.95
CA VAL D 96 -3.96 -36.93 43.93
C VAL D 96 -4.65 -35.69 43.37
N SER D 97 -5.85 -35.32 43.85
CA SER D 97 -6.66 -34.18 43.30
C SER D 97 -6.03 -32.79 43.47
N TYR D 98 -6.58 -31.77 42.78
CA TYR D 98 -6.13 -30.34 42.90
C TYR D 98 -7.25 -29.49 43.53
N TYR D 99 -8.18 -30.08 44.27
CA TYR D 99 -9.16 -29.20 44.95
C TYR D 99 -8.25 -28.24 45.70
N GLY D 100 -7.13 -28.74 46.24
CA GLY D 100 -6.10 -27.91 46.88
C GLY D 100 -4.87 -27.96 45.99
N TYR D 101 -3.66 -27.99 46.54
CA TYR D 101 -2.43 -28.18 45.71
C TYR D 101 -2.15 -29.67 45.72
N PHE D 102 -2.08 -30.29 46.90
CA PHE D 102 -1.91 -31.72 47.06
C PHE D 102 -2.58 -32.12 48.37
N ASP D 103 -3.76 -31.54 48.63
CA ASP D 103 -4.48 -31.76 49.87
C ASP D 103 -4.98 -33.18 50.07
N HIS D 104 -5.68 -33.75 49.08
CA HIS D 104 -6.24 -35.09 49.19
C HIS D 104 -5.56 -36.06 48.25
N TRP D 105 -5.30 -37.27 48.75
CA TRP D 105 -4.66 -38.35 48.03
C TRP D 105 -5.51 -39.60 48.11
N GLY D 106 -5.42 -40.45 47.09
CA GLY D 106 -6.16 -41.69 47.09
C GLY D 106 -5.44 -42.78 47.84
N GLN D 107 -6.15 -43.90 48.04
CA GLN D 107 -5.56 -45.02 48.76
C GLN D 107 -4.39 -45.60 47.98
N GLY D 108 -4.53 -45.73 46.66
CA GLY D 108 -3.48 -46.27 45.82
C GLY D 108 -3.69 -47.74 45.49
N THR D 109 -3.21 -48.15 44.32
CA THR D 109 -3.32 -49.51 43.84
C THR D 109 -1.92 -50.04 43.53
N THR D 110 -1.60 -51.23 44.04
CA THR D 110 -0.30 -51.83 43.82
C THR D 110 -0.34 -52.60 42.50
N LEU D 111 0.48 -52.20 41.55
CA LEU D 111 0.56 -52.83 40.23
C LEU D 111 1.89 -53.55 40.10
N THR D 112 1.87 -54.74 39.50
CA THR D 112 3.05 -55.55 39.27
C THR D 112 3.09 -55.97 37.81
N VAL D 113 4.28 -55.85 37.20
CA VAL D 113 4.48 -56.19 35.80
C VAL D 113 5.31 -57.47 35.76
N SER D 114 4.72 -58.55 35.24
CA SER D 114 5.39 -59.82 35.14
C SER D 114 4.55 -60.76 34.28
N SER D 115 5.22 -61.68 33.60
CA SER D 115 4.54 -62.64 32.74
C SER D 115 4.02 -63.83 33.55
N GLN E 1 36.55 51.31 4.96
CA GLN E 1 37.95 50.99 5.18
C GLN E 1 38.09 49.56 5.70
N VAL E 2 39.04 48.81 5.14
CA VAL E 2 39.30 47.42 5.52
C VAL E 2 40.81 47.20 5.55
N GLN E 3 41.26 46.36 6.48
CA GLN E 3 42.69 46.08 6.61
C GLN E 3 42.90 44.66 7.11
N LEU E 4 44.04 44.07 6.70
CA LEU E 4 44.41 42.72 7.07
C LEU E 4 45.91 42.67 7.34
N LYS E 5 46.28 41.94 8.40
CA LYS E 5 47.66 41.76 8.80
C LYS E 5 47.89 40.31 9.14
N GLU E 6 49.02 39.75 8.69
CA GLU E 6 49.36 38.36 8.94
C GLU E 6 50.37 38.25 10.08
N SER E 7 50.39 37.08 10.71
CA SER E 7 51.30 36.80 11.82
C SER E 7 51.69 35.33 11.75
N GLY E 8 52.99 35.08 11.59
CA GLY E 8 53.50 33.74 11.50
C GLY E 8 54.89 33.60 12.06
N PRO E 9 55.42 32.36 12.06
CA PRO E 9 56.77 32.14 12.60
C PRO E 9 57.89 32.70 11.74
N GLY E 10 57.72 32.76 10.43
CA GLY E 10 58.76 33.28 9.56
C GLY E 10 59.71 32.21 9.07
N LEU E 11 60.18 31.37 10.00
CA LEU E 11 61.09 30.28 9.68
C LEU E 11 60.62 29.03 10.41
N VAL E 12 60.56 27.91 9.69
CA VAL E 12 60.12 26.64 10.24
C VAL E 12 60.93 25.53 9.59
N ALA E 13 61.01 24.39 10.27
CA ALA E 13 61.74 23.25 9.74
C ALA E 13 60.84 22.44 8.81
N PRO E 14 61.42 21.65 7.90
CA PRO E 14 60.57 20.86 6.98
C PRO E 14 59.94 19.66 7.69
N SER E 15 58.75 19.31 7.21
CA SER E 15 57.92 18.20 7.70
C SER E 15 57.08 18.55 8.92
N GLN E 16 57.21 19.78 9.45
CA GLN E 16 56.39 20.18 10.60
C GLN E 16 55.09 20.82 10.10
N SER E 17 54.27 21.27 11.03
CA SER E 17 52.98 21.90 10.73
C SER E 17 53.09 23.41 10.87
N LEU E 18 52.62 24.12 9.85
CA LEU E 18 52.65 25.57 9.85
C LEU E 18 51.37 26.13 10.45
N SER E 19 51.48 27.33 11.02
CA SER E 19 50.34 28.01 11.63
C SER E 19 50.49 29.50 11.46
N ILE E 20 49.53 30.10 10.75
CA ILE E 20 49.51 31.54 10.48
C ILE E 20 48.12 32.06 10.82
N THR E 21 48.07 33.25 11.43
CA THR E 21 46.82 33.90 11.81
C THR E 21 46.76 35.27 11.15
N CYS E 22 45.62 35.56 10.51
CA CYS E 22 45.39 36.83 9.83
C CYS E 22 44.32 37.61 10.56
N THR E 23 44.70 38.76 11.12
CA THR E 23 43.78 39.64 11.82
C THR E 23 43.17 40.59 10.81
N VAL E 24 41.85 40.68 10.80
CA VAL E 24 41.13 41.52 9.85
C VAL E 24 40.10 42.38 10.57
N SER E 25 39.87 43.57 10.03
CA SER E 25 38.91 44.53 10.57
C SER E 25 38.26 45.24 9.39
N GLY E 26 37.10 45.83 9.66
CA GLY E 26 36.35 46.55 8.64
C GLY E 26 35.10 45.84 8.17
N PHE E 27 34.97 44.55 8.43
CA PHE E 27 33.78 43.79 8.02
C PHE E 27 33.62 42.61 8.97
N SER E 28 32.40 42.10 9.04
CA SER E 28 32.11 40.97 9.92
C SER E 28 32.42 39.65 9.23
N LEU E 29 33.16 38.78 9.93
CA LEU E 29 33.50 37.47 9.38
C LEU E 29 32.31 36.53 9.35
N THR E 30 31.23 36.85 10.07
CA THR E 30 30.06 35.98 10.06
C THR E 30 29.32 36.01 8.73
N THR E 31 29.52 37.06 7.93
CA THR E 31 28.87 37.21 6.63
C THR E 31 29.81 37.11 5.45
N TYR E 32 31.06 37.54 5.59
CA TYR E 32 32.03 37.51 4.51
C TYR E 32 33.19 36.58 4.84
N GLY E 33 33.85 36.08 3.79
CA GLY E 33 34.95 35.16 3.95
C GLY E 33 36.32 35.79 3.74
N VAL E 34 37.34 34.94 3.81
CA VAL E 34 38.74 35.33 3.64
C VAL E 34 39.45 34.28 2.81
N THR E 35 40.25 34.71 1.84
CA THR E 35 41.01 33.84 0.94
C THR E 35 42.50 33.95 1.26
N TRP E 36 43.22 32.86 1.02
CA TRP E 36 44.65 32.76 1.24
C TRP E 36 45.37 32.58 -0.09
N VAL E 37 46.46 33.33 -0.28
CA VAL E 37 47.25 33.28 -1.51
C VAL E 37 48.72 33.28 -1.13
N ARG E 38 49.52 32.55 -1.92
CA ARG E 38 50.97 32.46 -1.71
C ARG E 38 51.68 32.74 -3.02
N GLN E 39 52.97 33.05 -2.91
CA GLN E 39 53.81 33.36 -4.06
C GLN E 39 55.26 32.98 -3.78
N PRO E 40 55.79 31.89 -4.34
CA PRO E 40 57.18 31.54 -4.06
C PRO E 40 58.11 32.56 -4.69
N PRO E 41 59.41 32.50 -4.36
CA PRO E 41 60.35 33.46 -4.95
C PRO E 41 60.48 33.33 -6.45
N GLY E 42 60.19 34.42 -7.16
CA GLY E 42 60.30 34.47 -8.60
C GLY E 42 59.16 33.90 -9.40
N LYS E 43 58.14 33.33 -8.76
CA LYS E 43 57.00 32.76 -9.46
C LYS E 43 55.75 33.61 -9.24
N GLY E 44 54.67 33.22 -9.92
CA GLY E 44 53.42 33.94 -9.82
C GLY E 44 52.63 33.56 -8.57
N LEU E 45 51.46 34.17 -8.46
CA LEU E 45 50.59 33.92 -7.32
C LEU E 45 49.92 32.56 -7.44
N GLU E 46 49.58 31.98 -6.29
CA GLU E 46 48.93 30.67 -6.22
C GLU E 46 47.82 30.72 -5.18
N TRP E 47 46.64 30.25 -5.56
CA TRP E 47 45.50 30.24 -4.65
C TRP E 47 45.57 29.03 -3.73
N LEU E 48 45.37 29.26 -2.43
CA LEU E 48 45.43 28.20 -1.42
C LEU E 48 44.05 27.70 -1.01
N GLY E 49 43.19 28.58 -0.51
CA GLY E 49 41.86 28.17 -0.09
C GLY E 49 41.02 29.39 0.25
N VAL E 50 39.89 29.12 0.91
CA VAL E 50 38.98 30.17 1.30
C VAL E 50 38.01 29.64 2.34
N ILE E 51 37.61 30.52 3.25
CA ILE E 51 36.65 30.21 4.31
C ILE E 51 35.57 31.27 4.23
N TRP E 52 34.35 30.83 3.93
CA TRP E 52 33.22 31.74 3.78
C TRP E 52 32.67 32.13 5.15
N GLY E 53 31.58 32.89 5.17
CA GLY E 53 30.98 33.30 6.43
C GLY E 53 30.56 32.11 7.26
N ASP E 54 30.03 31.08 6.61
CA ASP E 54 29.62 29.87 7.32
C ASP E 54 30.86 29.00 7.57
N GLY E 55 30.64 27.81 8.12
CA GLY E 55 31.75 26.93 8.41
C GLY E 55 32.32 26.23 7.19
N SER E 56 31.71 26.40 6.01
CA SER E 56 32.21 25.74 4.82
C SER E 56 33.55 26.33 4.38
N THR E 57 34.38 25.49 3.76
CA THR E 57 35.70 25.88 3.29
C THR E 57 36.04 25.13 2.01
N ASN E 58 36.88 25.76 1.19
CA ASN E 58 37.35 25.19 -0.07
C ASN E 58 38.87 25.28 -0.11
N TYR E 59 39.50 24.22 -0.63
CA TYR E 59 40.94 24.14 -0.70
C TYR E 59 41.39 23.71 -2.10
N HIS E 60 42.61 24.06 -2.44
CA HIS E 60 43.16 23.71 -3.75
C HIS E 60 43.35 22.20 -3.83
N SER E 61 43.22 21.66 -5.04
CA SER E 61 43.38 20.22 -5.25
C SER E 61 44.80 19.75 -4.90
N ASP E 62 45.79 20.63 -5.06
CA ASP E 62 47.17 20.25 -4.77
C ASP E 62 47.52 20.37 -3.29
N LEU E 63 46.63 20.93 -2.46
CA LEU E 63 46.87 21.10 -1.03
C LEU E 63 45.71 20.67 -0.15
N ILE E 64 44.67 20.05 -0.70
CA ILE E 64 43.52 19.63 0.10
C ILE E 64 43.94 18.64 1.18
N SER E 65 44.90 17.76 0.90
CA SER E 65 45.32 16.76 1.88
C SER E 65 46.05 17.37 3.07
N ARG E 66 46.70 18.51 2.89
CA ARG E 66 47.47 19.16 3.95
C ARG E 66 46.90 20.48 4.43
N LEU E 67 46.20 21.22 3.58
CA LEU E 67 45.66 22.53 3.98
C LEU E 67 44.44 22.39 4.87
N SER E 68 44.28 23.35 5.78
CA SER E 68 43.16 23.39 6.71
C SER E 68 43.05 24.82 7.23
N ILE E 69 41.83 25.36 7.22
CA ILE E 69 41.58 26.73 7.66
C ILE E 69 40.43 26.73 8.68
N THR E 70 40.59 27.57 9.71
CA THR E 70 39.60 27.73 10.75
C THR E 70 39.54 29.22 11.08
N LYS E 71 38.56 29.62 11.91
CA LYS E 71 38.43 31.03 12.25
C LYS E 71 37.69 31.19 13.57
N ASP E 72 37.63 32.44 14.02
CA ASP E 72 36.96 32.84 15.25
C ASP E 72 36.28 34.17 14.88
N ASN E 73 34.94 34.19 14.97
CA ASN E 73 34.22 35.41 14.59
C ASN E 73 34.36 36.50 15.64
N SER E 74 34.43 36.14 16.93
CA SER E 74 34.54 37.14 17.98
C SER E 74 35.85 37.93 17.86
N LYS E 75 36.97 37.24 17.60
CA LYS E 75 38.26 37.90 17.49
C LYS E 75 38.55 38.44 16.10
N SER E 76 37.71 38.12 15.10
CA SER E 76 37.90 38.57 13.73
C SER E 76 39.27 38.13 13.20
N GLN E 77 39.63 36.89 13.51
CA GLN E 77 40.89 36.29 13.10
C GLN E 77 40.64 34.97 12.39
N VAL E 78 41.43 34.71 11.36
CA VAL E 78 41.34 33.48 10.57
C VAL E 78 42.65 32.74 10.73
N PHE E 79 42.58 31.47 11.14
CA PHE E 79 43.75 30.64 11.36
C PHE E 79 44.01 29.76 10.16
N LEU E 80 45.26 29.77 9.69
CA LEU E 80 45.70 28.97 8.55
C LEU E 80 46.62 27.89 9.08
N LYS E 81 46.43 26.65 8.59
CA LYS E 81 47.23 25.51 9.02
C LYS E 81 47.64 24.71 7.81
N LEU E 82 48.88 24.20 7.84
CA LEU E 82 49.43 23.42 6.74
C LEU E 82 50.42 22.41 7.32
N SER E 83 50.11 21.13 7.18
CA SER E 83 50.97 20.06 7.70
C SER E 83 51.88 19.51 6.60
N SER E 84 52.91 18.79 7.04
CA SER E 84 53.91 18.15 6.16
C SER E 84 54.49 19.15 5.17
N LEU E 85 55.22 20.13 5.72
CA LEU E 85 55.84 21.17 4.91
C LEU E 85 57.09 20.65 4.21
N GLN E 86 57.23 20.92 2.92
CA GLN E 86 58.42 20.53 2.17
C GLN E 86 59.33 21.73 1.96
N ALA E 87 60.44 21.51 1.25
CA ALA E 87 61.42 22.57 1.02
C ALA E 87 60.86 23.69 0.15
N ASP E 88 60.09 23.35 -0.88
CA ASP E 88 59.54 24.37 -1.77
C ASP E 88 58.39 25.17 -1.18
N ASP E 89 58.00 24.92 0.08
CA ASP E 89 56.92 25.70 0.68
C ASP E 89 57.34 27.13 0.97
N THR E 90 58.62 27.46 0.86
CA THR E 90 59.10 28.82 1.10
C THR E 90 58.39 29.79 0.18
N ALA E 91 57.54 30.64 0.74
CA ALA E 91 56.79 31.59 -0.07
C ALA E 91 56.15 32.63 0.83
N THR E 92 55.73 33.73 0.21
CA THR E 92 55.07 34.81 0.94
C THR E 92 53.57 34.56 0.93
N TYR E 93 53.01 34.31 2.11
CA TYR E 93 51.59 34.03 2.27
C TYR E 93 50.83 35.32 2.54
N TYR E 94 49.69 35.48 1.85
CA TYR E 94 48.82 36.64 1.99
C TYR E 94 47.40 36.19 2.26
N CYS E 95 46.68 36.99 3.04
CA CYS E 95 45.28 36.72 3.37
C CYS E 95 44.44 37.81 2.70
N VAL E 96 43.59 37.47 1.70
CA VAL E 96 42.78 38.44 0.91
C VAL E 96 41.27 38.35 1.18
N SER E 97 40.64 39.35 1.81
CA SER E 97 39.21 39.30 2.22
C SER E 97 38.19 39.26 1.07
N TYR E 98 36.90 38.96 1.37
CA TYR E 98 35.80 38.95 0.36
C TYR E 98 34.79 40.07 0.67
N TYR E 99 35.19 41.11 1.39
CA TYR E 99 34.22 42.23 1.54
C TYR E 99 33.85 42.54 0.11
N GLY E 100 34.81 42.46 -0.82
CA GLY E 100 34.55 42.58 -2.27
C GLY E 100 34.82 41.23 -2.89
N TYR E 101 35.39 41.15 -4.09
CA TYR E 101 35.78 39.84 -4.68
C TYR E 101 37.23 39.62 -4.30
N PHE E 102 38.10 40.60 -4.57
CA PHE E 102 39.50 40.58 -4.18
C PHE E 102 39.94 42.02 -4.00
N ASP E 103 39.07 42.83 -3.37
CA ASP E 103 39.33 44.26 -3.20
C ASP E 103 40.51 44.57 -2.27
N HIS E 104 40.54 43.98 -1.08
CA HIS E 104 41.59 44.27 -0.11
C HIS E 104 42.48 43.06 0.13
N TRP E 105 43.78 43.31 0.20
CA TRP E 105 44.81 42.30 0.42
C TRP E 105 45.67 42.70 1.60
N GLY E 106 46.24 41.70 2.28
CA GLY E 106 47.09 41.97 3.40
C GLY E 106 48.52 42.24 2.97
N GLN E 107 49.34 42.68 3.93
CA GLN E 107 50.74 42.96 3.62
C GLN E 107 51.48 41.69 3.22
N GLY E 108 51.23 40.59 3.92
CA GLY E 108 51.88 39.33 3.62
C GLY E 108 53.05 39.04 4.53
N THR E 109 53.31 37.76 4.78
CA THR E 109 54.40 37.31 5.63
C THR E 109 55.28 36.35 4.83
N THR E 110 56.59 36.59 4.85
CA THR E 110 57.53 35.75 4.13
C THR E 110 57.90 34.56 5.01
N LEU E 111 57.59 33.36 4.55
CA LEU E 111 57.87 32.12 5.27
C LEU E 111 58.94 31.34 4.53
N THR E 112 59.86 30.74 5.29
CA THR E 112 60.96 29.96 4.76
C THR E 112 61.00 28.61 5.48
N VAL E 113 61.14 27.54 4.70
CA VAL E 113 61.18 26.18 5.24
C VAL E 113 62.62 25.68 5.11
N SER E 114 63.26 25.43 6.24
CA SER E 114 64.63 24.95 6.27
C SER E 114 64.98 24.53 7.68
N SER E 115 65.89 23.56 7.79
CA SER E 115 66.32 23.05 9.09
C SER E 115 67.42 23.94 9.67
N GLN F 1 -32.89 -9.57 -53.12
CA GLN F 1 -32.06 -10.05 -54.22
C GLN F 1 -30.59 -9.73 -53.95
N VAL F 2 -29.72 -10.71 -54.19
CA VAL F 2 -28.29 -10.58 -53.98
C VAL F 2 -27.55 -11.26 -55.13
N GLN F 3 -26.41 -10.71 -55.53
CA GLN F 3 -25.62 -11.27 -56.62
C GLN F 3 -24.15 -11.01 -56.40
N LEU F 4 -23.34 -11.94 -56.93
CA LEU F 4 -21.88 -11.86 -56.83
C LEU F 4 -21.26 -12.31 -58.13
N LYS F 5 -20.22 -11.60 -58.56
CA LYS F 5 -19.48 -11.91 -59.77
C LYS F 5 -18.00 -11.79 -59.49
N GLU F 6 -17.23 -12.75 -60.01
CA GLU F 6 -15.78 -12.77 -59.81
C GLU F 6 -15.06 -12.24 -61.05
N SER F 7 -13.84 -11.76 -60.83
CA SER F 7 -13.01 -11.22 -61.90
C SER F 7 -11.55 -11.55 -61.59
N GLY F 8 -10.92 -12.30 -62.48
CA GLY F 8 -9.54 -12.70 -62.29
C GLY F 8 -8.80 -12.86 -63.60
N PRO F 9 -7.51 -13.18 -63.52
CA PRO F 9 -6.72 -13.34 -64.75
C PRO F 9 -7.05 -14.58 -65.55
N GLY F 10 -7.47 -15.67 -64.91
CA GLY F 10 -7.80 -16.89 -65.63
C GLY F 10 -6.61 -17.82 -65.76
N LEU F 11 -5.47 -17.28 -66.17
CA LEU F 11 -4.24 -18.04 -66.33
C LEU F 11 -3.09 -17.25 -65.72
N VAL F 12 -2.27 -17.93 -64.93
CA VAL F 12 -1.13 -17.31 -64.27
C VAL F 12 0.00 -18.32 -64.19
N ALA F 13 1.22 -17.82 -64.07
CA ALA F 13 2.39 -18.70 -63.97
C ALA F 13 2.58 -19.16 -62.53
N PRO F 14 3.27 -20.27 -62.31
CA PRO F 14 3.49 -20.74 -60.93
C PRO F 14 4.53 -19.89 -60.20
N SER F 15 4.32 -19.79 -58.88
CA SER F 15 5.16 -19.03 -57.94
C SER F 15 4.84 -17.54 -57.90
N GLN F 16 3.91 -17.05 -58.72
CA GLN F 16 3.53 -15.64 -58.68
C GLN F 16 2.39 -15.45 -57.68
N SER F 17 1.92 -14.21 -57.57
CA SER F 17 0.85 -13.84 -56.66
C SER F 17 -0.46 -13.68 -57.43
N LEU F 18 -1.51 -14.33 -56.93
CA LEU F 18 -2.82 -14.25 -57.55
C LEU F 18 -3.62 -13.08 -56.99
N SER F 19 -4.54 -12.56 -57.79
CA SER F 19 -5.39 -11.45 -57.40
C SER F 19 -6.75 -11.59 -58.07
N ILE F 20 -7.79 -11.73 -57.25
CA ILE F 20 -9.16 -11.88 -57.72
C ILE F 20 -10.04 -10.90 -56.93
N THR F 21 -10.98 -10.27 -57.63
CA THR F 21 -11.91 -9.32 -57.04
C THR F 21 -13.33 -9.79 -57.29
N CYS F 22 -14.13 -9.81 -56.23
CA CYS F 22 -15.53 -10.23 -56.29
C CYS F 22 -16.44 -9.04 -56.03
N THR F 23 -17.21 -8.66 -57.04
CA THR F 23 -18.16 -7.55 -56.93
C THR F 23 -19.47 -8.12 -56.43
N VAL F 24 -20.02 -7.50 -55.38
CA VAL F 24 -21.26 -7.95 -54.76
C VAL F 24 -22.21 -6.78 -54.56
N SER F 25 -23.50 -7.08 -54.66
CA SER F 25 -24.57 -6.11 -54.49
C SER F 25 -25.72 -6.80 -53.78
N GLY F 26 -26.60 -6.00 -53.18
CA GLY F 26 -27.75 -6.50 -52.45
C GLY F 26 -27.65 -6.39 -50.95
N PHE F 27 -26.45 -6.17 -50.41
CA PHE F 27 -26.28 -6.02 -48.97
C PHE F 27 -25.03 -5.18 -48.73
N SER F 28 -24.96 -4.58 -47.54
CA SER F 28 -23.82 -3.73 -47.19
C SER F 28 -22.68 -4.56 -46.63
N LEU F 29 -21.47 -4.35 -47.15
CA LEU F 29 -20.31 -5.07 -46.67
C LEU F 29 -19.87 -4.60 -45.29
N THR F 30 -20.35 -3.44 -44.82
CA THR F 30 -19.97 -2.94 -43.51
C THR F 30 -20.55 -3.79 -42.39
N THR F 31 -21.63 -4.53 -42.66
CA THR F 31 -22.31 -5.35 -41.67
C THR F 31 -22.18 -6.85 -41.92
N TYR F 32 -22.11 -7.28 -43.17
CA TYR F 32 -22.01 -8.69 -43.52
C TYR F 32 -20.70 -8.98 -44.22
N GLY F 33 -20.26 -10.25 -44.13
CA GLY F 33 -19.01 -10.68 -44.71
C GLY F 33 -19.16 -11.46 -46.01
N VAL F 34 -18.02 -11.92 -46.51
CA VAL F 34 -17.95 -12.70 -47.75
C VAL F 34 -16.95 -13.82 -47.55
N THR F 35 -17.29 -15.02 -48.00
CA THR F 35 -16.47 -16.21 -47.90
C THR F 35 -15.99 -16.63 -49.29
N TRP F 36 -14.79 -17.23 -49.33
CA TRP F 36 -14.17 -17.71 -50.55
C TRP F 36 -14.07 -19.23 -50.52
N VAL F 37 -14.42 -19.86 -51.65
CA VAL F 37 -14.41 -21.31 -51.78
C VAL F 37 -13.80 -21.67 -53.14
N ARG F 38 -13.06 -22.78 -53.17
CA ARG F 38 -12.44 -23.27 -54.40
C ARG F 38 -12.77 -24.74 -54.57
N GLN F 39 -12.57 -25.23 -55.80
CA GLN F 39 -12.85 -26.62 -56.15
C GLN F 39 -11.93 -27.07 -57.29
N PRO F 40 -10.90 -27.87 -57.04
CA PRO F 40 -10.05 -28.29 -58.15
C PRO F 40 -10.79 -29.22 -59.08
N PRO F 41 -10.22 -29.54 -60.24
CA PRO F 41 -10.91 -30.43 -61.18
C PRO F 41 -11.10 -31.83 -60.62
N GLY F 42 -12.37 -32.25 -60.55
CA GLY F 42 -12.72 -33.58 -60.09
C GLY F 42 -12.79 -33.78 -58.59
N LYS F 43 -12.47 -32.78 -57.78
CA LYS F 43 -12.52 -32.91 -56.33
C LYS F 43 -13.66 -32.08 -55.75
N GLY F 44 -13.84 -32.21 -54.44
CA GLY F 44 -14.88 -31.49 -53.76
C GLY F 44 -14.51 -30.05 -53.46
N LEU F 45 -15.45 -29.36 -52.79
CA LEU F 45 -15.25 -27.96 -52.44
C LEU F 45 -14.27 -27.85 -51.28
N GLU F 46 -13.58 -26.70 -51.22
CA GLU F 46 -12.60 -26.42 -50.18
C GLU F 46 -12.77 -24.99 -49.71
N TRP F 47 -12.84 -24.78 -48.40
CA TRP F 47 -13.01 -23.46 -47.83
C TRP F 47 -11.65 -22.75 -47.76
N LEU F 48 -11.61 -21.50 -48.21
CA LEU F 48 -10.40 -20.69 -48.22
C LEU F 48 -10.31 -19.73 -47.05
N GLY F 49 -11.28 -18.83 -46.91
CA GLY F 49 -11.27 -17.87 -45.84
C GLY F 49 -12.57 -17.10 -45.79
N VAL F 50 -12.56 -16.02 -45.02
CA VAL F 50 -13.74 -15.17 -44.87
C VAL F 50 -13.33 -13.84 -44.27
N ILE F 51 -14.05 -12.80 -44.69
CA ILE F 51 -13.85 -11.43 -44.20
C ILE F 51 -15.20 -10.93 -43.71
N TRP F 52 -15.30 -10.66 -42.41
CA TRP F 52 -16.55 -10.22 -41.81
C TRP F 52 -16.75 -8.74 -42.08
N GLY F 53 -17.82 -8.17 -41.50
CA GLY F 53 -18.08 -6.75 -41.69
C GLY F 53 -16.94 -5.89 -41.19
N ASP F 54 -16.35 -6.28 -40.07
CA ASP F 54 -15.22 -5.53 -39.52
C ASP F 54 -13.96 -5.93 -40.27
N GLY F 55 -12.82 -5.41 -39.82
CA GLY F 55 -11.56 -5.74 -40.47
C GLY F 55 -11.01 -7.12 -40.16
N SER F 56 -11.66 -7.86 -39.27
CA SER F 56 -11.19 -9.20 -38.92
C SER F 56 -11.37 -10.16 -40.08
N THR F 57 -10.46 -11.15 -40.15
CA THR F 57 -10.48 -12.15 -41.21
C THR F 57 -10.01 -13.49 -40.66
N ASN F 58 -10.47 -14.57 -41.28
CA ASN F 58 -10.11 -15.93 -40.92
C ASN F 58 -9.67 -16.66 -42.18
N TYR F 59 -8.62 -17.48 -42.05
CA TYR F 59 -8.07 -18.23 -43.17
C TYR F 59 -7.87 -19.68 -42.78
N HIS F 60 -7.85 -20.54 -43.80
CA HIS F 60 -7.65 -21.97 -43.57
C HIS F 60 -6.23 -22.22 -43.07
N SER F 61 -6.08 -23.26 -42.26
CA SER F 61 -4.77 -23.59 -41.70
C SER F 61 -3.78 -23.97 -42.80
N ASP F 62 -4.26 -24.53 -43.92
CA ASP F 62 -3.39 -24.93 -45.00
C ASP F 62 -3.01 -23.78 -45.93
N LEU F 63 -3.64 -22.60 -45.77
CA LEU F 63 -3.36 -21.44 -46.62
C LEU F 63 -3.15 -20.14 -45.84
N ILE F 64 -3.08 -20.20 -44.52
CA ILE F 64 -2.89 -18.97 -43.73
C ILE F 64 -1.59 -18.26 -44.09
N SER F 65 -0.54 -19.02 -44.40
CA SER F 65 0.75 -18.41 -44.71
C SER F 65 0.73 -17.66 -46.04
N ARG F 66 -0.12 -18.05 -46.97
CA ARG F 66 -0.19 -17.43 -48.30
C ARG F 66 -1.47 -16.66 -48.58
N LEU F 67 -2.59 -17.04 -47.97
CA LEU F 67 -3.86 -16.38 -48.23
C LEU F 67 -3.93 -15.02 -47.53
N SER F 68 -4.65 -14.09 -48.16
CA SER F 68 -4.85 -12.74 -47.65
C SER F 68 -6.05 -12.15 -48.35
N ILE F 69 -6.96 -11.56 -47.58
CA ILE F 69 -8.19 -10.96 -48.11
C ILE F 69 -8.34 -9.54 -47.60
N THR F 70 -8.80 -8.66 -48.48
CA THR F 70 -9.04 -7.25 -48.16
C THR F 70 -10.33 -6.85 -48.86
N LYS F 71 -10.83 -5.66 -48.56
CA LYS F 71 -12.06 -5.20 -49.17
C LYS F 71 -12.15 -3.69 -49.17
N ASP F 72 -13.20 -3.19 -49.82
CA ASP F 72 -13.51 -1.76 -49.92
C ASP F 72 -15.02 -1.69 -49.77
N ASN F 73 -15.48 -1.00 -48.73
CA ASN F 73 -16.92 -0.92 -48.49
C ASN F 73 -17.62 0.02 -49.47
N SER F 74 -16.95 1.10 -49.90
CA SER F 74 -17.58 2.03 -50.84
C SER F 74 -17.87 1.37 -52.18
N LYS F 75 -16.92 0.59 -52.70
CA LYS F 75 -17.11 -0.09 -53.98
C LYS F 75 -17.84 -1.42 -53.88
N SER F 76 -18.06 -1.93 -52.66
CA SER F 76 -18.75 -3.20 -52.46
C SER F 76 -18.01 -4.33 -53.18
N GLN F 77 -16.68 -4.29 -53.09
CA GLN F 77 -15.80 -5.28 -53.71
C GLN F 77 -14.86 -5.86 -52.66
N VAL F 78 -14.60 -7.16 -52.79
CA VAL F 78 -13.71 -7.89 -51.89
C VAL F 78 -12.54 -8.40 -52.73
N PHE F 79 -11.32 -8.08 -52.29
CA PHE F 79 -10.11 -8.47 -53.00
C PHE F 79 -9.51 -9.72 -52.36
N LEU F 80 -9.20 -10.71 -53.20
CA LEU F 80 -8.61 -11.96 -52.77
C LEU F 80 -7.18 -11.99 -53.28
N LYS F 81 -6.24 -12.39 -52.42
CA LYS F 81 -4.83 -12.46 -52.77
C LYS F 81 -4.24 -13.78 -52.29
N LEU F 82 -3.36 -14.35 -53.10
CA LEU F 82 -2.71 -15.63 -52.79
C LEU F 82 -1.33 -15.63 -53.41
N SER F 83 -0.29 -15.70 -52.57
CA SER F 83 1.09 -15.69 -53.03
C SER F 83 1.64 -17.11 -53.12
N SER F 84 2.76 -17.25 -53.83
CA SER F 84 3.46 -18.52 -54.02
C SER F 84 2.52 -19.62 -54.52
N LEU F 85 2.01 -19.41 -55.74
CA LEU F 85 1.08 -20.35 -56.35
C LEU F 85 1.81 -21.58 -56.89
N GLN F 86 1.29 -22.77 -56.59
CA GLN F 86 1.89 -24.01 -57.09
C GLN F 86 1.06 -24.54 -58.26
N ALA F 87 1.48 -25.71 -58.78
CA ALA F 87 0.79 -26.30 -59.93
C ALA F 87 -0.64 -26.74 -59.59
N ASP F 88 -0.84 -27.32 -58.41
CA ASP F 88 -2.16 -27.79 -58.02
C ASP F 88 -3.14 -26.68 -57.64
N ASP F 89 -2.75 -25.41 -57.73
CA ASP F 89 -3.67 -24.32 -57.42
C ASP F 89 -4.77 -24.17 -58.47
N THR F 90 -4.66 -24.85 -59.60
CA THR F 90 -5.66 -24.78 -60.67
C THR F 90 -7.01 -25.21 -60.11
N ALA F 91 -7.94 -24.27 -59.99
CA ALA F 91 -9.26 -24.58 -59.45
C ALA F 91 -10.21 -23.42 -59.73
N THR F 92 -11.50 -23.71 -59.59
CA THR F 92 -12.53 -22.71 -59.79
C THR F 92 -12.82 -22.02 -58.46
N TYR F 93 -12.50 -20.73 -58.37
CA TYR F 93 -12.69 -19.95 -57.16
C TYR F 93 -14.06 -19.28 -57.17
N TYR F 94 -14.75 -19.35 -56.03
CA TYR F 94 -16.07 -18.76 -55.86
C TYR F 94 -16.09 -17.88 -54.62
N CYS F 95 -16.87 -16.80 -54.68
CA CYS F 95 -17.04 -15.89 -53.55
C CYS F 95 -18.47 -16.02 -53.05
N VAL F 96 -18.68 -16.54 -51.83
CA VAL F 96 -20.05 -16.81 -51.23
C VAL F 96 -20.41 -15.86 -50.07
N SER F 97 -21.38 -14.97 -50.23
CA SER F 97 -21.73 -13.93 -49.21
C SER F 97 -22.32 -14.48 -47.89
N TYR F 98 -22.42 -13.63 -46.84
CA TYR F 98 -23.03 -14.01 -45.53
C TYR F 98 -24.31 -13.21 -45.30
N TYR F 99 -24.96 -12.70 -46.34
CA TYR F 99 -26.27 -12.04 -46.08
C TYR F 99 -27.02 -13.12 -45.32
N GLY F 100 -26.84 -14.39 -45.70
CA GLY F 100 -27.38 -15.55 -44.97
C GLY F 100 -26.22 -16.30 -44.37
N TYR F 101 -26.24 -17.63 -44.32
CA TYR F 101 -25.06 -18.40 -43.86
C TYR F 101 -24.28 -18.75 -45.11
N PHE F 102 -24.93 -19.34 -46.11
CA PHE F 102 -24.33 -19.66 -47.41
C PHE F 102 -25.45 -19.61 -48.44
N ASP F 103 -26.32 -18.61 -48.31
CA ASP F 103 -27.49 -18.49 -49.18
C ASP F 103 -27.15 -18.19 -50.65
N HIS F 104 -26.32 -17.19 -50.92
CA HIS F 104 -25.98 -16.81 -52.28
C HIS F 104 -24.52 -17.08 -52.60
N TRP F 105 -24.29 -17.61 -53.80
CA TRP F 105 -22.98 -17.95 -54.30
C TRP F 105 -22.75 -17.28 -55.66
N GLY F 106 -21.50 -17.01 -55.96
CA GLY F 106 -21.16 -16.39 -57.23
C GLY F 106 -21.02 -17.43 -58.34
N GLN F 107 -20.92 -16.93 -59.57
CA GLN F 107 -20.77 -17.84 -60.71
C GLN F 107 -19.46 -18.61 -60.62
N GLY F 108 -18.38 -17.94 -60.23
CA GLY F 108 -17.08 -18.58 -60.12
C GLY F 108 -16.20 -18.34 -61.33
N THR F 109 -14.89 -18.31 -61.11
CA THR F 109 -13.89 -18.09 -62.16
C THR F 109 -12.92 -19.27 -62.15
N THR F 110 -12.69 -19.84 -63.32
CA THR F 110 -11.76 -20.97 -63.46
C THR F 110 -10.35 -20.43 -63.63
N LEU F 111 -9.47 -20.77 -62.69
CA LEU F 111 -8.08 -20.33 -62.69
C LEU F 111 -7.18 -21.53 -62.95
N THR F 112 -6.15 -21.31 -63.76
CA THR F 112 -5.17 -22.35 -64.11
C THR F 112 -3.77 -21.81 -63.87
N VAL F 113 -2.93 -22.61 -63.24
CA VAL F 113 -1.55 -22.25 -62.92
C VAL F 113 -0.65 -23.05 -63.84
N SER F 114 0.08 -22.37 -64.71
CA SER F 114 0.99 -23.01 -65.65
C SER F 114 1.83 -21.95 -66.32
N SER F 115 3.05 -22.33 -66.71
CA SER F 115 3.97 -21.42 -67.37
C SER F 115 3.67 -21.36 -68.87
N ASP G 1 15.06 -29.00 35.37
CA ASP G 1 13.97 -28.82 36.32
C ASP G 1 14.52 -28.62 37.73
N ILE G 2 13.65 -28.21 38.65
CA ILE G 2 14.06 -27.98 40.02
C ILE G 2 14.26 -29.33 40.70
N GLN G 3 15.41 -29.52 41.32
CA GLN G 3 15.76 -30.76 42.01
C GLN G 3 15.72 -30.50 43.52
N MET G 4 15.00 -31.35 44.24
CA MET G 4 14.85 -31.22 45.68
C MET G 4 15.77 -32.21 46.40
N THR G 5 16.51 -31.70 47.39
CA THR G 5 17.44 -32.50 48.17
C THR G 5 16.95 -32.52 49.62
N GLN G 6 16.66 -33.72 50.11
CA GLN G 6 16.17 -33.91 51.47
C GLN G 6 17.28 -34.55 52.32
N SER G 7 17.43 -34.06 53.54
CA SER G 7 18.44 -34.58 54.46
C SER G 7 17.89 -34.47 55.88
N PRO G 8 18.24 -35.42 56.77
CA PRO G 8 19.08 -36.62 56.59
C PRO G 8 18.28 -37.75 55.94
N SER G 9 18.95 -38.73 55.32
CA SER G 9 18.22 -39.83 54.71
C SER G 9 17.49 -40.66 55.76
N SER G 10 18.01 -40.68 56.98
CA SER G 10 17.40 -41.40 58.09
C SER G 10 17.78 -40.70 59.38
N LEU G 11 16.94 -40.87 60.40
CA LEU G 11 17.17 -40.24 61.69
C LEU G 11 16.76 -41.19 62.80
N SER G 12 17.49 -41.12 63.92
CA SER G 12 17.25 -41.94 65.09
C SER G 12 16.85 -41.03 66.25
N ALA G 13 15.75 -41.37 66.91
CA ALA G 13 15.27 -40.58 68.04
C ALA G 13 14.44 -41.46 68.95
N SER G 14 14.28 -40.99 70.19
CA SER G 14 13.51 -41.70 71.20
C SER G 14 12.09 -41.14 71.28
N LEU G 15 11.23 -41.87 71.98
CA LEU G 15 9.84 -41.44 72.13
C LEU G 15 9.78 -40.11 72.88
N GLY G 16 8.98 -39.19 72.33
CA GLY G 16 8.83 -37.88 72.93
C GLY G 16 9.97 -36.92 72.65
N GLU G 17 10.93 -37.29 71.81
CA GLU G 17 12.06 -36.43 71.51
C GLU G 17 11.69 -35.43 70.42
N ARG G 18 12.35 -34.27 70.45
CA ARG G 18 12.13 -33.21 69.48
C ARG G 18 13.13 -33.38 68.34
N VAL G 19 12.61 -33.44 67.11
CA VAL G 19 13.45 -33.62 65.93
C VAL G 19 13.05 -32.61 64.86
N SER G 20 13.91 -32.47 63.86
CA SER G 20 13.69 -31.56 62.75
C SER G 20 14.33 -32.11 61.49
N LEU G 21 13.71 -31.84 60.35
CA LEU G 21 14.18 -32.27 59.04
C LEU G 21 14.36 -31.03 58.17
N THR G 22 15.24 -31.15 57.16
CA THR G 22 15.52 -30.04 56.26
C THR G 22 15.52 -30.53 54.81
N CYS G 23 14.98 -29.70 53.93
CA CYS G 23 14.90 -29.97 52.50
C CYS G 23 15.30 -28.71 51.75
N ARG G 24 16.25 -28.85 50.82
CA ARG G 24 16.75 -27.74 50.04
C ARG G 24 16.37 -27.87 48.57
N ALA G 25 16.13 -26.72 47.93
CA ALA G 25 15.75 -26.65 46.53
C ALA G 25 16.90 -26.08 45.70
N SER G 26 17.08 -26.60 44.49
CA SER G 26 18.13 -26.12 43.62
C SER G 26 17.84 -24.73 43.06
N GLN G 27 16.57 -24.34 42.98
CA GLN G 27 16.17 -23.04 42.46
C GLN G 27 15.11 -22.46 43.37
N ASP G 28 14.90 -21.14 43.25
CA ASP G 28 13.91 -20.46 44.07
C ASP G 28 12.51 -21.00 43.77
N ILE G 29 11.76 -21.28 44.83
CA ILE G 29 10.40 -21.79 44.73
C ILE G 29 9.41 -20.98 45.57
N GLY G 30 9.89 -19.96 46.28
CA GLY G 30 8.99 -19.16 47.10
C GLY G 30 8.41 -19.97 48.23
N SER G 31 7.13 -19.71 48.52
CA SER G 31 6.42 -20.40 49.59
C SER G 31 5.68 -21.64 49.12
N SER G 32 5.88 -22.05 47.86
CA SER G 32 5.21 -23.23 47.31
C SER G 32 5.99 -24.52 47.61
N LEU G 33 5.72 -25.06 48.80
CA LEU G 33 6.35 -26.29 49.26
C LEU G 33 5.41 -26.97 50.25
N ASN G 34 5.34 -28.30 50.17
CA ASN G 34 4.49 -29.10 51.04
C ASN G 34 5.28 -30.26 51.62
N TRP G 35 4.85 -30.70 52.80
CA TRP G 35 5.44 -31.82 53.52
C TRP G 35 4.42 -32.95 53.58
N LEU G 36 4.83 -34.15 53.20
CA LEU G 36 3.96 -35.32 53.19
C LEU G 36 4.47 -36.39 54.14
N GLN G 37 3.56 -37.27 54.52
CA GLN G 37 3.84 -38.39 55.42
C GLN G 37 3.19 -39.64 54.85
N GLN G 38 3.92 -40.75 54.84
CA GLN G 38 3.43 -42.01 54.31
C GLN G 38 3.37 -43.04 55.42
N LYS G 39 2.22 -43.69 55.57
CA LYS G 39 2.03 -44.72 56.58
C LYS G 39 2.74 -46.01 56.14
N PRO G 40 2.96 -46.94 57.06
CA PRO G 40 3.62 -48.20 56.66
C PRO G 40 2.87 -48.97 55.58
N ASP G 41 1.55 -48.86 55.56
CA ASP G 41 0.74 -49.55 54.56
C ASP G 41 0.72 -48.86 53.20
N GLY G 42 1.30 -47.67 53.09
CA GLY G 42 1.35 -46.92 51.84
C GLY G 42 0.45 -45.71 51.78
N THR G 43 -0.43 -45.51 52.75
CA THR G 43 -1.31 -44.35 52.74
C THR G 43 -0.50 -43.07 52.89
N ILE G 44 -0.77 -42.10 52.00
CA ILE G 44 -0.08 -40.82 51.98
C ILE G 44 -1.00 -39.76 52.55
N LYS G 45 -0.46 -38.89 53.41
CA LYS G 45 -1.20 -37.82 54.05
C LYS G 45 -0.37 -36.55 54.06
N ARG G 46 -1.03 -35.40 53.89
CA ARG G 46 -0.34 -34.12 53.90
C ARG G 46 -0.35 -33.55 55.30
N LEU G 47 0.81 -33.03 55.73
CA LEU G 47 0.98 -32.45 57.06
C LEU G 47 1.02 -30.93 57.04
N ILE G 48 1.92 -30.34 56.26
CA ILE G 48 2.07 -28.90 56.16
C ILE G 48 1.99 -28.51 54.69
N TYR G 49 1.28 -27.43 54.41
CA TYR G 49 1.12 -26.94 53.05
C TYR G 49 1.52 -25.47 52.99
N ALA G 50 1.99 -25.05 51.82
CA ALA G 50 2.37 -23.66 51.58
C ALA G 50 3.38 -23.12 52.62
N THR G 51 4.35 -23.95 53.02
CA THR G 51 5.39 -23.50 53.93
C THR G 51 4.91 -23.03 55.31
N SER G 52 4.62 -23.97 56.22
CA SER G 52 4.21 -23.76 57.61
C SER G 52 2.73 -23.57 57.91
N SER G 53 1.83 -23.85 56.97
CA SER G 53 0.40 -23.76 57.26
C SER G 53 -0.11 -25.17 57.56
N LEU G 54 -0.40 -25.43 58.83
CA LEU G 54 -0.86 -26.75 59.25
C LEU G 54 -2.09 -27.19 58.49
N ASP G 55 -2.10 -28.47 58.08
CA ASP G 55 -3.22 -29.03 57.35
C ASP G 55 -4.43 -29.21 58.27
N SER G 56 -5.60 -29.35 57.65
CA SER G 56 -6.84 -29.52 58.38
C SER G 56 -6.83 -30.81 59.19
N GLY G 57 -6.93 -30.71 60.51
CA GLY G 57 -6.94 -31.87 61.38
C GLY G 57 -5.59 -32.49 61.67
N VAL G 58 -4.50 -31.91 61.16
CA VAL G 58 -3.19 -32.49 61.43
C VAL G 58 -2.84 -32.27 62.91
N PRO G 59 -2.09 -33.16 63.56
CA PRO G 59 -1.75 -32.93 64.97
C PRO G 59 -0.95 -31.64 65.14
N LYS G 60 -1.18 -30.97 66.27
CA LYS G 60 -0.49 -29.72 66.57
C LYS G 60 1.02 -29.90 66.71
N ARG G 61 1.48 -31.10 67.07
CA ARG G 61 2.92 -31.32 67.23
C ARG G 61 3.71 -31.06 65.95
N PHE G 62 3.11 -31.25 64.78
CA PHE G 62 3.81 -31.02 63.52
C PHE G 62 3.89 -29.52 63.23
N SER G 63 4.93 -29.13 62.49
CA SER G 63 5.13 -27.73 62.13
C SER G 63 6.16 -27.65 61.02
N GLY G 64 6.34 -26.44 60.49
CA GLY G 64 7.29 -26.20 59.43
C GLY G 64 7.74 -24.76 59.42
N SER G 65 8.81 -24.51 58.67
CA SER G 65 9.36 -23.16 58.57
C SER G 65 10.32 -23.10 57.38
N ARG G 66 10.82 -21.89 57.12
CA ARG G 66 11.75 -21.63 56.02
C ARG G 66 12.92 -20.83 56.56
N SER G 67 14.09 -21.05 55.97
CA SER G 67 15.32 -20.36 56.34
C SER G 67 16.11 -20.16 55.05
N GLY G 68 15.94 -19.00 54.43
CA GLY G 68 16.63 -18.73 53.18
C GLY G 68 16.18 -19.71 52.12
N SER G 69 17.13 -20.42 51.53
CA SER G 69 16.84 -21.42 50.51
C SER G 69 16.55 -22.79 51.10
N ASP G 70 16.54 -22.92 52.42
CA ASP G 70 16.29 -24.18 53.11
C ASP G 70 14.92 -24.19 53.75
N TYR G 71 14.19 -25.29 53.55
CA TYR G 71 12.87 -25.50 54.12
C TYR G 71 12.99 -26.63 55.12
N SER G 72 12.26 -26.52 56.24
CA SER G 72 12.36 -27.51 57.30
C SER G 72 11.00 -27.83 57.91
N LEU G 73 10.96 -29.01 58.53
CA LEU G 73 9.80 -29.55 59.23
C LEU G 73 10.26 -29.87 60.65
N THR G 74 9.39 -29.61 61.63
CA THR G 74 9.75 -29.86 63.02
C THR G 74 8.58 -30.46 63.78
N ILE G 75 8.90 -31.39 64.68
CA ILE G 75 7.94 -32.08 65.53
C ILE G 75 8.29 -31.72 66.97
N SER G 76 7.34 -31.12 67.69
CA SER G 76 7.59 -30.73 69.07
C SER G 76 7.89 -31.95 69.95
N SER G 77 7.05 -32.98 69.88
CA SER G 77 7.25 -34.20 70.66
C SER G 77 6.94 -35.38 69.74
N LEU G 78 7.81 -36.39 69.77
CA LEU G 78 7.61 -37.56 68.91
C LEU G 78 6.78 -38.63 69.61
N GLU G 79 5.82 -39.18 68.88
CA GLU G 79 4.95 -40.24 69.33
C GLU G 79 5.33 -41.54 68.61
N SER G 80 4.79 -42.66 69.11
CA SER G 80 5.09 -43.94 68.48
C SER G 80 4.56 -44.05 67.06
N GLU G 81 3.56 -43.24 66.70
CA GLU G 81 2.99 -43.29 65.35
C GLU G 81 3.75 -42.40 64.37
N ASP G 82 4.46 -41.38 64.86
CA ASP G 82 5.20 -40.49 63.99
C ASP G 82 6.44 -41.12 63.37
N PHE G 83 6.82 -42.33 63.79
CA PHE G 83 8.01 -43.00 63.26
C PHE G 83 7.67 -43.65 61.92
N VAL G 84 7.45 -42.80 60.92
CA VAL G 84 7.12 -43.22 59.56
C VAL G 84 7.91 -42.37 58.57
N ASP G 85 7.67 -42.58 57.28
CA ASP G 85 8.36 -41.84 56.24
C ASP G 85 7.87 -40.40 56.15
N TYR G 86 8.71 -39.55 55.55
CA TYR G 86 8.42 -38.14 55.33
C TYR G 86 9.07 -37.70 54.03
N TYR G 87 8.39 -36.85 53.27
CA TYR G 87 8.90 -36.37 51.98
C TYR G 87 8.55 -34.90 51.77
N CYS G 88 9.50 -34.15 51.23
CA CYS G 88 9.30 -32.75 50.90
C CYS G 88 8.91 -32.66 49.42
N LEU G 89 7.97 -31.77 49.11
CA LEU G 89 7.49 -31.63 47.74
C LEU G 89 7.36 -30.16 47.36
N GLN G 90 7.73 -29.85 46.14
CA GLN G 90 7.66 -28.50 45.58
C GLN G 90 6.72 -28.50 44.38
N TYR G 91 6.03 -27.37 44.18
CA TYR G 91 5.10 -27.22 43.07
C TYR G 91 5.16 -25.84 42.45
N ALA G 92 6.27 -25.12 42.60
CA ALA G 92 6.38 -23.78 42.03
C ALA G 92 6.62 -23.83 40.53
N SER G 93 7.50 -24.73 40.07
CA SER G 93 7.84 -24.86 38.65
C SER G 93 7.52 -26.25 38.16
N SER G 94 7.10 -26.34 36.90
CA SER G 94 6.77 -27.63 36.30
C SER G 94 8.04 -28.39 35.94
N PRO G 95 8.12 -29.71 36.20
CA PRO G 95 7.15 -30.60 36.85
C PRO G 95 7.40 -30.66 38.35
N PRO G 96 6.39 -30.88 39.21
CA PRO G 96 6.67 -30.96 40.64
C PRO G 96 7.58 -32.14 40.93
N THR G 97 8.51 -31.96 41.88
CA THR G 97 9.47 -32.99 42.23
C THR G 97 9.47 -33.23 43.73
N PHE G 98 9.57 -34.51 44.11
CA PHE G 98 9.61 -34.90 45.51
C PHE G 98 11.05 -34.97 45.99
N GLY G 99 11.22 -35.05 47.30
CA GLY G 99 12.53 -35.14 47.88
C GLY G 99 13.04 -36.57 47.94
N GLY G 100 14.24 -36.72 48.49
CA GLY G 100 14.84 -38.03 48.61
C GLY G 100 14.18 -38.93 49.62
N GLY G 101 13.41 -38.36 50.55
CA GLY G 101 12.72 -39.12 51.57
C GLY G 101 13.55 -39.27 52.83
N THR G 102 12.85 -39.43 53.95
CA THR G 102 13.47 -39.59 55.26
C THR G 102 12.66 -40.57 56.08
N LYS G 103 13.37 -41.50 56.73
CA LYS G 103 12.76 -42.52 57.58
C LYS G 103 13.21 -42.33 59.01
N LEU G 104 12.26 -42.32 59.94
CA LEU G 104 12.52 -42.16 61.36
C LEU G 104 12.48 -43.54 62.02
N GLU G 105 13.52 -43.84 62.81
CA GLU G 105 13.66 -45.12 63.48
C GLU G 105 13.98 -44.90 64.96
N ILE G 106 13.68 -45.91 65.78
CA ILE G 106 13.94 -45.83 67.21
C ILE G 106 15.44 -45.76 67.46
N LYS G 107 15.82 -45.06 68.53
CA LYS G 107 17.22 -44.91 68.91
C LYS G 107 17.65 -46.06 69.80
N ASP H 1 39.99 22.53 -14.48
CA ASP H 1 39.69 23.89 -14.05
C ASP H 1 40.03 24.88 -15.15
N ILE H 2 39.58 26.13 -14.98
CA ILE H 2 39.86 27.17 -15.96
C ILE H 2 41.31 27.59 -15.83
N GLN H 3 42.03 27.59 -16.95
CA GLN H 3 43.44 27.97 -17.00
C GLN H 3 43.55 29.33 -17.67
N MET H 4 44.24 30.25 -17.02
CA MET H 4 44.44 31.61 -17.54
C MET H 4 45.81 31.75 -18.16
N THR H 5 45.84 32.30 -19.38
CA THR H 5 47.08 32.53 -20.13
C THR H 5 47.28 34.02 -20.30
N GLN H 6 48.38 34.53 -19.76
CA GLN H 6 48.73 35.94 -19.83
C GLN H 6 49.89 36.14 -20.80
N SER H 7 49.79 37.18 -21.62
CA SER H 7 50.82 37.49 -22.59
C SER H 7 50.89 39.00 -22.76
N PRO H 8 52.08 39.57 -23.01
CA PRO H 8 53.40 38.95 -23.12
C PRO H 8 54.02 38.68 -21.75
N SER H 9 54.98 37.75 -21.64
CA SER H 9 55.59 37.49 -20.34
C SER H 9 56.35 38.70 -19.83
N SER H 10 56.84 39.55 -20.74
CA SER H 10 57.55 40.76 -20.38
C SER H 10 57.34 41.77 -21.50
N LEU H 11 57.46 43.05 -21.15
CA LEU H 11 57.29 44.12 -22.11
C LEU H 11 58.28 45.24 -21.84
N SER H 12 58.73 45.89 -22.91
CA SER H 12 59.67 46.98 -22.84
C SER H 12 59.00 48.24 -23.36
N ALA H 13 59.09 49.33 -22.59
CA ALA H 13 58.48 50.58 -22.97
C ALA H 13 59.22 51.73 -22.30
N SER H 14 59.03 52.93 -22.85
CA SER H 14 59.65 54.13 -22.34
C SER H 14 58.68 54.89 -21.45
N LEU H 15 59.22 55.87 -20.72
CA LEU H 15 58.39 56.68 -19.83
C LEU H 15 57.35 57.45 -20.62
N GLY H 16 56.10 57.39 -20.14
CA GLY H 16 55.01 58.07 -20.80
C GLY H 16 54.45 57.36 -22.01
N GLU H 17 54.92 56.14 -22.31
CA GLU H 17 54.44 55.40 -23.46
C GLU H 17 53.15 54.67 -23.14
N ARG H 18 52.33 54.46 -24.16
CA ARG H 18 51.06 53.77 -24.04
C ARG H 18 51.28 52.29 -24.32
N VAL H 19 50.86 51.44 -23.39
CA VAL H 19 51.03 49.99 -23.52
C VAL H 19 49.71 49.30 -23.19
N SER H 20 49.64 48.02 -23.54
CA SER H 20 48.46 47.21 -23.29
C SER H 20 48.88 45.76 -23.09
N LEU H 21 48.15 45.05 -22.23
CA LEU H 21 48.38 43.65 -21.91
C LEU H 21 47.11 42.87 -22.23
N THR H 22 47.26 41.57 -22.48
CA THR H 22 46.14 40.71 -22.81
C THR H 22 46.23 39.40 -22.04
N CYS H 23 45.08 38.92 -21.58
CA CYS H 23 44.98 37.68 -20.83
C CYS H 23 43.77 36.91 -21.38
N ARG H 24 43.99 35.63 -21.72
CA ARG H 24 42.96 34.77 -22.28
C ARG H 24 42.60 33.66 -21.31
N ALA H 25 41.33 33.26 -21.34
CA ALA H 25 40.79 32.20 -20.51
C ALA H 25 40.46 30.98 -21.35
N SER H 26 40.69 29.80 -20.78
CA SER H 26 40.41 28.56 -21.50
C SER H 26 38.93 28.28 -21.61
N GLN H 27 38.11 28.83 -20.70
CA GLN H 27 36.67 28.64 -20.70
C GLN H 27 36.00 29.98 -20.44
N ASP H 28 34.71 30.04 -20.77
CA ASP H 28 33.96 31.26 -20.57
C ASP H 28 33.89 31.61 -19.09
N ILE H 29 34.13 32.89 -18.78
CA ILE H 29 34.11 33.40 -17.41
C ILE H 29 33.25 34.65 -17.28
N GLY H 30 32.65 35.11 -18.38
CA GLY H 30 31.81 36.30 -18.31
C GLY H 30 32.62 37.52 -17.96
N SER H 31 32.03 38.40 -17.13
CA SER H 31 32.67 39.62 -16.69
C SER H 31 33.43 39.47 -15.38
N SER H 32 33.57 38.25 -14.87
CA SER H 32 34.27 37.99 -13.61
C SER H 32 35.78 37.84 -13.84
N LEU H 33 36.47 38.97 -13.87
CA LEU H 33 37.91 39.01 -14.07
C LEU H 33 38.46 40.28 -13.42
N ASN H 34 39.61 40.16 -12.78
CA ASN H 34 40.27 41.27 -12.10
C ASN H 34 41.73 41.35 -12.49
N TRP H 35 42.26 42.57 -12.42
CA TRP H 35 43.66 42.86 -12.74
C TRP H 35 44.34 43.32 -11.46
N LEU H 36 45.49 42.72 -11.15
CA LEU H 36 46.26 43.04 -9.95
C LEU H 36 47.63 43.58 -10.31
N GLN H 37 48.22 44.29 -9.35
CA GLN H 37 49.54 44.89 -9.48
C GLN H 37 50.31 44.61 -8.20
N GLN H 38 51.56 44.19 -8.33
CA GLN H 38 52.42 43.88 -7.20
C GLN H 38 53.61 44.83 -7.17
N LYS H 39 53.83 45.44 -6.01
CA LYS H 39 54.94 46.36 -5.84
C LYS H 39 56.25 45.57 -5.71
N PRO H 40 57.40 46.23 -5.88
CA PRO H 40 58.67 45.49 -5.74
C PRO H 40 58.85 44.84 -4.38
N ASP H 41 58.30 45.44 -3.32
CA ASP H 41 58.41 44.89 -1.97
C ASP H 41 57.45 43.74 -1.71
N GLY H 42 56.53 43.44 -2.63
CA GLY H 42 55.58 42.37 -2.48
C GLY H 42 54.15 42.80 -2.21
N THR H 43 53.90 44.08 -1.98
CA THR H 43 52.54 44.55 -1.72
C THR H 43 51.69 44.38 -2.98
N ILE H 44 50.51 43.78 -2.80
CA ILE H 44 49.57 43.52 -3.89
C ILE H 44 48.44 44.53 -3.80
N LYS H 45 48.04 45.08 -4.95
CA LYS H 45 46.96 46.06 -5.04
C LYS H 45 46.10 45.75 -6.25
N ARG H 46 44.80 45.98 -6.12
CA ARG H 46 43.86 45.75 -7.21
C ARG H 46 43.68 47.03 -8.02
N LEU H 47 43.71 46.90 -9.35
CA LEU H 47 43.56 48.02 -10.25
C LEU H 47 42.19 48.08 -10.91
N ILE H 48 41.78 47.01 -11.58
CA ILE H 48 40.49 46.94 -12.25
C ILE H 48 39.76 45.70 -11.76
N TYR H 49 38.46 45.84 -11.52
CA TYR H 49 37.63 44.75 -11.04
C TYR H 49 36.42 44.60 -11.95
N ALA H 50 35.91 43.37 -12.04
CA ALA H 50 34.73 43.08 -12.84
C ALA H 50 34.84 43.55 -14.28
N THR H 51 36.01 43.40 -14.90
CA THR H 51 36.18 43.76 -16.31
C THR H 51 35.92 45.22 -16.67
N SER H 52 36.90 46.10 -16.40
CA SER H 52 36.91 47.54 -16.72
C SER H 52 36.30 48.50 -15.71
N SER H 53 36.02 48.07 -14.48
CA SER H 53 35.52 48.99 -13.46
C SER H 53 36.69 49.41 -12.59
N LEU H 54 37.14 50.66 -12.74
CA LEU H 54 38.29 51.15 -11.99
C LEU H 54 38.08 51.04 -10.49
N ASP H 55 39.14 50.60 -9.81
CA ASP H 55 39.10 50.44 -8.36
C ASP H 55 39.07 51.80 -7.67
N SER H 56 38.65 51.79 -6.40
CA SER H 56 38.55 53.00 -5.60
C SER H 56 39.92 53.63 -5.40
N GLY H 57 40.11 54.84 -5.90
CA GLY H 57 41.37 55.54 -5.76
C GLY H 57 42.46 55.14 -6.72
N VAL H 58 42.19 54.22 -7.64
CA VAL H 58 43.23 53.82 -8.59
C VAL H 58 43.50 54.97 -9.55
N PRO H 59 44.73 55.15 -10.06
CA PRO H 59 44.97 56.25 -11.00
C PRO H 59 44.12 56.11 -12.26
N LYS H 60 43.70 57.25 -12.81
CA LYS H 60 42.87 57.27 -14.00
C LYS H 60 43.59 56.68 -15.21
N ARG H 61 44.92 56.71 -15.25
CA ARG H 61 45.65 56.17 -16.39
C ARG H 61 45.38 54.69 -16.63
N PHE H 62 45.06 53.93 -15.59
CA PHE H 62 44.78 52.51 -15.76
C PHE H 62 43.38 52.30 -16.32
N SER H 63 43.20 51.19 -17.04
CA SER H 63 41.92 50.87 -17.64
C SER H 63 41.93 49.40 -18.06
N GLY H 64 40.77 48.93 -18.50
CA GLY H 64 40.62 47.56 -18.95
C GLY H 64 39.45 47.43 -19.91
N SER H 65 39.41 46.29 -20.59
CA SER H 65 38.35 46.02 -21.56
C SER H 65 38.33 44.54 -21.88
N ARG H 66 37.35 44.14 -22.68
CA ARG H 66 37.16 42.77 -23.11
C ARG H 66 36.96 42.73 -24.62
N SER H 67 37.43 41.65 -25.25
CA SER H 67 37.31 41.45 -26.69
C SER H 67 37.08 39.96 -26.90
N GLY H 68 35.81 39.56 -26.99
CA GLY H 68 35.50 38.15 -27.17
C GLY H 68 35.99 37.37 -25.96
N SER H 69 36.81 36.36 -26.22
CA SER H 69 37.37 35.54 -25.15
C SER H 69 38.66 36.11 -24.59
N ASP H 70 39.10 37.28 -25.05
CA ASP H 70 40.33 37.91 -24.60
C ASP H 70 40.02 39.12 -23.74
N TYR H 71 40.71 39.22 -22.60
CA TYR H 71 40.59 40.31 -21.66
C TYR H 71 41.90 41.09 -21.70
N SER H 72 41.82 42.41 -21.60
CA SER H 72 43.02 43.25 -21.69
C SER H 72 43.00 44.40 -20.69
N LEU H 73 44.20 44.89 -20.42
CA LEU H 73 44.46 46.02 -19.53
C LEU H 73 45.25 47.03 -20.34
N THR H 74 44.96 48.33 -20.14
CA THR H 74 45.63 49.37 -20.89
C THR H 74 45.97 50.56 -19.99
N ILE H 75 47.15 51.13 -20.24
CA ILE H 75 47.65 52.30 -19.51
C ILE H 75 47.79 53.42 -20.52
N SER H 76 47.09 54.54 -20.27
CA SER H 76 47.16 55.67 -21.19
C SER H 76 48.58 56.23 -21.27
N SER H 77 49.21 56.49 -20.13
CA SER H 77 50.58 57.02 -20.10
C SER H 77 51.32 56.28 -19.00
N LEU H 78 52.55 55.85 -19.29
CA LEU H 78 53.33 55.11 -18.32
C LEU H 78 54.20 56.04 -17.47
N GLU H 79 54.18 55.81 -16.16
CA GLU H 79 54.97 56.56 -15.20
C GLU H 79 56.10 55.66 -14.68
N SER H 80 57.04 56.28 -13.98
CA SER H 80 58.16 55.52 -13.44
C SER H 80 57.73 54.49 -12.39
N GLU H 81 56.57 54.70 -11.76
CA GLU H 81 56.10 53.77 -10.74
C GLU H 81 55.32 52.60 -11.33
N ASP H 82 54.75 52.76 -12.53
CA ASP H 82 53.97 51.70 -13.16
C ASP H 82 54.82 50.54 -13.67
N PHE H 83 56.15 50.66 -13.64
CA PHE H 83 57.04 49.60 -14.12
C PHE H 83 57.20 48.53 -13.04
N VAL H 84 56.10 47.79 -12.82
CA VAL H 84 56.06 46.73 -11.82
C VAL H 84 55.31 45.54 -12.41
N ASP H 85 55.10 44.50 -11.62
CA ASP H 85 54.41 43.30 -12.07
C ASP H 85 52.91 43.53 -12.22
N TYR H 86 52.28 42.67 -13.02
CA TYR H 86 50.85 42.69 -13.28
C TYR H 86 50.37 41.26 -13.47
N TYR H 87 49.17 40.97 -12.97
CA TYR H 87 48.60 39.62 -13.07
C TYR H 87 47.10 39.68 -13.30
N CYS H 88 46.61 38.81 -14.18
CA CYS H 88 45.18 38.70 -14.45
C CYS H 88 44.62 37.57 -13.59
N LEU H 89 43.41 37.79 -13.07
CA LEU H 89 42.79 36.81 -12.17
C LEU H 89 41.32 36.63 -12.52
N GLN H 90 40.86 35.39 -12.46
CA GLN H 90 39.48 35.02 -12.74
C GLN H 90 38.87 34.39 -11.49
N TYR H 91 37.56 34.61 -11.31
CA TYR H 91 36.84 34.06 -10.17
C TYR H 91 35.44 33.57 -10.54
N ALA H 92 35.21 33.23 -11.82
CA ALA H 92 33.90 32.76 -12.23
C ALA H 92 33.66 31.31 -11.80
N SER H 93 34.66 30.45 -11.95
CA SER H 93 34.56 29.04 -11.62
C SER H 93 35.60 28.67 -10.58
N SER H 94 35.23 27.74 -9.69
CA SER H 94 36.14 27.29 -8.65
C SER H 94 37.18 26.33 -9.24
N PRO H 95 38.46 26.44 -8.85
CA PRO H 95 39.10 27.41 -7.95
C PRO H 95 39.60 28.63 -8.73
N PRO H 96 39.67 29.83 -8.17
CA PRO H 96 40.18 30.96 -8.94
C PRO H 96 41.63 30.72 -9.30
N THR H 97 42.01 31.14 -10.52
CA THR H 97 43.37 30.95 -11.02
C THR H 97 43.95 32.25 -11.52
N PHE H 98 45.23 32.47 -11.23
CA PHE H 98 45.93 33.66 -11.66
C PHE H 98 46.61 33.42 -13.00
N GLY H 99 47.06 34.49 -13.63
CA GLY H 99 47.73 34.38 -14.90
C GLY H 99 49.21 34.12 -14.75
N GLY H 100 49.90 34.03 -15.89
CA GLY H 100 51.32 33.78 -15.89
C GLY H 100 52.16 34.93 -15.37
N GLY H 101 51.60 36.14 -15.36
CA GLY H 101 52.31 37.32 -14.88
C GLY H 101 53.03 38.04 -16.01
N THR H 102 53.20 39.34 -15.81
CA THR H 102 53.87 40.20 -16.79
C THR H 102 54.69 41.24 -16.05
N LYS H 103 55.92 41.44 -16.50
CA LYS H 103 56.85 42.40 -15.92
C LYS H 103 57.18 43.47 -16.95
N LEU H 104 57.08 44.74 -16.54
CA LEU H 104 57.36 45.88 -17.39
C LEU H 104 58.76 46.40 -17.06
N GLU H 105 59.57 46.58 -18.10
CA GLU H 105 60.95 47.05 -17.95
C GLU H 105 61.21 48.22 -18.89
N ILE H 106 62.23 49.01 -18.56
CA ILE H 106 62.59 50.16 -19.38
C ILE H 106 63.10 49.69 -20.74
N LYS H 107 62.85 50.50 -21.77
CA LYS H 107 63.28 50.19 -23.12
C LYS H 107 64.70 50.71 -23.35
N ASP I 1 -10.25 -30.04 -36.19
CA ASP I 1 -11.49 -29.44 -36.67
C ASP I 1 -12.54 -30.51 -36.94
N ILE I 2 -13.78 -30.08 -37.14
CA ILE I 2 -14.87 -31.01 -37.40
C ILE I 2 -14.72 -31.54 -38.82
N GLN I 3 -14.75 -32.87 -38.96
CA GLN I 3 -14.62 -33.55 -40.24
C GLN I 3 -15.98 -34.11 -40.63
N MET I 4 -16.42 -33.82 -41.85
CA MET I 4 -17.71 -34.27 -42.35
C MET I 4 -17.51 -35.46 -43.29
N THR I 5 -18.30 -36.52 -43.06
CA THR I 5 -18.26 -37.73 -43.85
C THR I 5 -19.60 -37.89 -44.56
N GLN I 6 -19.54 -37.90 -45.89
CA GLN I 6 -20.73 -38.03 -46.74
C GLN I 6 -20.74 -39.42 -47.38
N SER I 7 -21.92 -40.04 -47.39
CA SER I 7 -22.08 -41.36 -47.98
C SER I 7 -23.47 -41.46 -48.59
N PRO I 8 -23.65 -42.19 -49.70
CA PRO I 8 -22.64 -42.95 -50.48
C PRO I 8 -21.86 -42.03 -51.41
N SER I 9 -20.67 -42.43 -51.86
CA SER I 9 -19.91 -41.59 -52.77
C SER I 9 -20.63 -41.41 -54.10
N SER I 10 -21.44 -42.39 -54.49
CA SER I 10 -22.21 -42.34 -55.72
C SER I 10 -23.47 -43.17 -55.51
N LEU I 11 -24.51 -42.85 -56.29
CA LEU I 11 -25.78 -43.54 -56.20
C LEU I 11 -26.39 -43.70 -57.58
N SER I 12 -27.07 -44.82 -57.78
CA SER I 12 -27.73 -45.14 -59.05
C SER I 12 -29.24 -45.20 -58.80
N ALA I 13 -29.99 -44.50 -59.64
CA ALA I 13 -31.45 -44.48 -59.50
C ALA I 13 -32.07 -44.16 -60.86
N SER I 14 -33.35 -44.49 -60.98
CA SER I 14 -34.11 -44.26 -62.19
C SER I 14 -34.91 -42.97 -62.07
N LEU I 15 -35.45 -42.52 -63.20
CA LEU I 15 -36.24 -41.30 -63.23
C LEU I 15 -37.49 -41.47 -62.37
N GLY I 16 -37.76 -40.46 -61.52
CA GLY I 16 -38.90 -40.50 -60.65
C GLY I 16 -38.74 -41.36 -59.41
N GLU I 17 -37.54 -41.90 -59.18
CA GLU I 17 -37.31 -42.75 -58.01
C GLU I 17 -37.01 -41.90 -56.78
N ARG I 18 -37.35 -42.45 -55.61
CA ARG I 18 -37.13 -41.79 -54.34
C ARG I 18 -35.78 -42.24 -53.79
N VAL I 19 -34.92 -41.26 -53.47
CA VAL I 19 -33.58 -41.54 -52.95
C VAL I 19 -33.33 -40.68 -51.73
N SER I 20 -32.27 -41.02 -50.99
CA SER I 20 -31.88 -40.30 -49.79
C SER I 20 -30.37 -40.41 -49.61
N LEU I 21 -29.78 -39.34 -49.07
CA LEU I 21 -28.35 -39.27 -48.81
C LEU I 21 -28.15 -38.99 -47.33
N THR I 22 -26.98 -39.37 -46.81
CA THR I 22 -26.66 -39.19 -45.41
C THR I 22 -25.25 -38.63 -45.25
N CYS I 23 -25.10 -37.71 -44.29
CA CYS I 23 -23.83 -37.07 -43.99
C CYS I 23 -23.67 -37.05 -42.47
N ARG I 24 -22.52 -37.52 -41.99
CA ARG I 24 -22.23 -37.59 -40.56
C ARG I 24 -21.11 -36.64 -40.19
N ALA I 25 -21.20 -36.10 -38.97
CA ALA I 25 -20.21 -35.17 -38.44
C ALA I 25 -19.42 -35.83 -37.32
N SER I 26 -18.13 -35.51 -37.25
CA SER I 26 -17.28 -36.08 -36.22
C SER I 26 -17.56 -35.50 -34.84
N GLN I 27 -18.12 -34.30 -34.77
CA GLN I 27 -18.43 -33.65 -33.51
C GLN I 27 -19.82 -33.02 -33.62
N ASP I 28 -20.40 -32.71 -32.46
CA ASP I 28 -21.72 -32.11 -32.44
C ASP I 28 -21.70 -30.74 -33.12
N ILE I 29 -22.70 -30.51 -33.98
CA ILE I 29 -22.85 -29.27 -34.71
C ILE I 29 -24.24 -28.68 -34.58
N GLY I 30 -25.14 -29.33 -33.84
CA GLY I 30 -26.48 -28.81 -33.68
C GLY I 30 -27.24 -28.81 -35.00
N SER I 31 -28.02 -27.75 -35.20
CA SER I 31 -28.82 -27.58 -36.41
C SER I 31 -28.11 -26.80 -37.50
N SER I 32 -26.82 -26.47 -37.31
CA SER I 32 -26.05 -25.71 -38.28
C SER I 32 -25.43 -26.62 -39.35
N LEU I 33 -26.25 -26.91 -40.37
CA LEU I 33 -25.84 -27.73 -41.49
C LEU I 33 -26.64 -27.34 -42.72
N ASN I 34 -25.98 -27.32 -43.87
CA ASN I 34 -26.61 -26.96 -45.14
C ASN I 34 -26.27 -27.98 -46.21
N TRP I 35 -27.18 -28.10 -47.18
CA TRP I 35 -27.04 -29.01 -48.31
C TRP I 35 -26.91 -28.18 -49.57
N LEU I 36 -25.91 -28.47 -50.38
CA LEU I 36 -25.65 -27.74 -51.62
C LEU I 36 -25.76 -28.66 -52.82
N GLN I 37 -25.96 -28.05 -53.99
CA GLN I 37 -26.08 -28.74 -55.26
C GLN I 37 -25.25 -27.99 -56.29
N GLN I 38 -24.48 -28.71 -57.09
CA GLN I 38 -23.63 -28.13 -58.11
C GLN I 38 -24.07 -28.60 -59.49
N LYS I 39 -24.28 -27.64 -60.39
CA LYS I 39 -24.69 -27.95 -61.75
C LYS I 39 -23.50 -28.48 -62.54
N PRO I 40 -23.74 -29.13 -63.69
CA PRO I 40 -22.61 -29.64 -64.47
C PRO I 40 -21.62 -28.56 -64.90
N ASP I 41 -22.10 -27.34 -65.11
CA ASP I 41 -21.24 -26.23 -65.52
C ASP I 41 -20.46 -25.61 -64.36
N GLY I 42 -20.72 -26.01 -63.12
CA GLY I 42 -20.04 -25.50 -61.96
C GLY I 42 -20.86 -24.58 -61.08
N THR I 43 -22.06 -24.18 -61.50
CA THR I 43 -22.88 -23.31 -60.69
C THR I 43 -23.31 -24.02 -59.43
N ILE I 44 -23.14 -23.36 -58.28
CA ILE I 44 -23.48 -23.90 -56.98
C ILE I 44 -24.76 -23.24 -56.49
N LYS I 45 -25.67 -24.03 -55.94
CA LYS I 45 -26.95 -23.55 -55.42
C LYS I 45 -27.26 -24.24 -54.11
N ARG I 46 -27.88 -23.50 -53.19
CA ARG I 46 -28.25 -24.05 -51.89
C ARG I 46 -29.67 -24.60 -51.95
N LEU I 47 -29.86 -25.79 -51.38
CA LEU I 47 -31.16 -26.47 -51.38
C LEU I 47 -31.84 -26.41 -50.01
N ILE I 48 -31.17 -26.86 -48.96
CA ILE I 48 -31.72 -26.87 -47.61
C ILE I 48 -30.72 -26.17 -46.70
N TYR I 49 -31.23 -25.35 -45.79
CA TYR I 49 -30.41 -24.60 -44.85
C TYR I 49 -30.91 -24.86 -43.44
N ALA I 50 -29.99 -24.77 -42.48
CA ALA I 50 -30.31 -24.94 -41.07
C ALA I 50 -31.06 -26.24 -40.77
N THR I 51 -30.67 -27.34 -41.42
CA THR I 51 -31.27 -28.64 -41.15
C THR I 51 -32.78 -28.75 -41.39
N SER I 52 -33.17 -28.92 -42.66
CA SER I 52 -34.55 -29.11 -43.14
C SER I 52 -35.40 -27.88 -43.45
N SER I 53 -34.80 -26.69 -43.54
CA SER I 53 -35.57 -25.51 -43.91
C SER I 53 -35.33 -25.26 -45.40
N LEU I 54 -36.35 -25.52 -46.21
CA LEU I 54 -36.23 -25.36 -47.66
C LEU I 54 -35.83 -23.95 -48.05
N ASP I 55 -34.91 -23.86 -49.01
CA ASP I 55 -34.43 -22.57 -49.49
C ASP I 55 -35.51 -21.86 -50.30
N SER I 56 -35.33 -20.56 -50.46
CA SER I 56 -36.28 -19.74 -51.21
C SER I 56 -36.33 -20.15 -52.67
N GLY I 57 -37.49 -20.61 -53.13
CA GLY I 57 -37.66 -21.03 -54.51
C GLY I 57 -37.15 -22.41 -54.84
N VAL I 58 -36.63 -23.15 -53.87
CA VAL I 58 -36.14 -24.50 -54.17
C VAL I 58 -37.32 -25.41 -54.49
N PRO I 59 -37.18 -26.41 -55.36
CA PRO I 59 -38.33 -27.30 -55.63
C PRO I 59 -38.79 -28.02 -54.37
N LYS I 60 -40.11 -28.25 -54.29
CA LYS I 60 -40.70 -28.91 -53.13
C LYS I 60 -40.22 -30.35 -52.98
N ARG I 61 -39.78 -30.99 -54.08
CA ARG I 61 -39.33 -32.37 -53.99
C ARG I 61 -38.13 -32.55 -53.05
N PHE I 62 -37.30 -31.53 -52.90
CA PHE I 62 -36.14 -31.63 -52.01
C PHE I 62 -36.57 -31.49 -50.56
N SER I 63 -35.79 -32.11 -49.66
CA SER I 63 -36.08 -32.06 -48.24
C SER I 63 -34.86 -32.52 -47.47
N GLY I 64 -34.93 -32.39 -46.15
CA GLY I 64 -33.84 -32.81 -45.28
C GLY I 64 -34.36 -33.13 -43.90
N SER I 65 -33.50 -33.77 -43.11
CA SER I 65 -33.85 -34.15 -41.75
C SER I 65 -32.59 -34.52 -40.98
N ARG I 66 -32.77 -34.79 -39.69
CA ARG I 66 -31.68 -35.17 -38.80
C ARG I 66 -32.09 -36.41 -38.02
N SER I 67 -31.09 -37.24 -37.70
CA SER I 67 -31.30 -38.47 -36.93
C SER I 67 -30.07 -38.63 -36.05
N GLY I 68 -30.16 -38.15 -34.81
CA GLY I 68 -29.02 -38.25 -33.91
C GLY I 68 -27.86 -37.45 -34.46
N SER I 69 -26.72 -38.12 -34.61
CA SER I 69 -25.53 -37.48 -35.16
C SER I 69 -25.47 -37.55 -36.67
N ASP I 70 -26.49 -38.10 -37.33
CA ASP I 70 -26.54 -38.23 -38.77
C ASP I 70 -27.54 -37.26 -39.37
N TYR I 71 -27.11 -36.58 -40.43
CA TYR I 71 -27.93 -35.62 -41.17
C TYR I 71 -28.19 -36.23 -42.54
N SER I 72 -29.40 -36.01 -43.07
CA SER I 72 -29.76 -36.60 -44.35
C SER I 72 -30.58 -35.63 -45.21
N LEU I 73 -30.55 -35.93 -46.51
CA LEU I 73 -31.26 -35.20 -47.55
C LEU I 73 -32.12 -36.21 -48.29
N THR I 74 -33.33 -35.83 -48.66
CA THR I 74 -34.24 -36.75 -49.36
C THR I 74 -34.97 -36.03 -50.48
N ILE I 75 -35.17 -36.76 -51.58
CA ILE I 75 -35.87 -36.29 -52.77
C ILE I 75 -37.09 -37.17 -52.95
N SER I 76 -38.27 -36.57 -52.93
CA SER I 76 -39.50 -37.35 -53.10
C SER I 76 -39.55 -38.06 -54.44
N SER I 77 -39.30 -37.33 -55.53
CA SER I 77 -39.30 -37.89 -56.87
C SER I 77 -38.11 -37.32 -57.62
N LEU I 78 -37.36 -38.17 -58.32
CA LEU I 78 -36.19 -37.70 -59.05
C LEU I 78 -36.53 -37.31 -60.48
N GLU I 79 -36.01 -36.15 -60.89
CA GLU I 79 -36.19 -35.62 -62.24
C GLU I 79 -34.87 -35.75 -62.99
N SER I 80 -34.94 -35.53 -64.31
CA SER I 80 -33.73 -35.62 -65.12
C SER I 80 -32.70 -34.56 -64.77
N GLU I 81 -33.13 -33.45 -64.16
CA GLU I 81 -32.20 -32.38 -63.79
C GLU I 81 -31.55 -32.61 -62.43
N ASP I 82 -32.17 -33.39 -61.55
CA ASP I 82 -31.63 -33.65 -60.23
C ASP I 82 -30.41 -34.56 -60.24
N PHE I 83 -30.05 -35.15 -61.38
CA PHE I 83 -28.91 -36.05 -61.47
C PHE I 83 -27.62 -35.22 -61.60
N VAL I 84 -27.28 -34.57 -60.48
CA VAL I 84 -26.09 -33.73 -60.41
C VAL I 84 -25.41 -33.98 -59.06
N ASP I 85 -24.34 -33.23 -58.79
CA ASP I 85 -23.60 -33.38 -57.54
C ASP I 85 -24.36 -32.81 -56.35
N TYR I 86 -23.98 -33.28 -55.16
CA TYR I 86 -24.56 -32.84 -53.90
C TYR I 86 -23.47 -32.87 -52.83
N TYR I 87 -23.48 -31.89 -51.93
CA TYR I 87 -22.48 -31.78 -50.88
C TYR I 87 -23.11 -31.30 -49.58
N CYS I 88 -22.70 -31.90 -48.47
CA CYS I 88 -23.15 -31.48 -47.15
C CYS I 88 -22.11 -30.52 -46.57
N LEU I 89 -22.60 -29.47 -45.88
CA LEU I 89 -21.72 -28.46 -45.32
C LEU I 89 -22.14 -28.10 -43.91
N GLN I 90 -21.15 -27.91 -43.04
CA GLN I 90 -21.35 -27.54 -41.65
C GLN I 90 -20.69 -26.18 -41.39
N TYR I 91 -21.29 -25.41 -40.48
CA TYR I 91 -20.76 -24.10 -40.13
C TYR I 91 -20.88 -23.80 -38.63
N ALA I 92 -20.97 -24.84 -37.79
CA ALA I 92 -21.09 -24.62 -36.36
C ALA I 92 -19.76 -24.23 -35.74
N SER I 93 -18.66 -24.88 -36.13
CA SER I 93 -17.34 -24.61 -35.60
C SER I 93 -16.39 -24.20 -36.71
N SER I 94 -15.46 -23.30 -36.39
CA SER I 94 -14.50 -22.82 -37.36
C SER I 94 -13.40 -23.88 -37.57
N PRO I 95 -12.98 -24.13 -38.82
CA PRO I 95 -13.42 -23.58 -40.11
C PRO I 95 -14.53 -24.43 -40.71
N PRO I 96 -15.47 -23.88 -41.49
CA PRO I 96 -16.51 -24.75 -42.06
C PRO I 96 -15.88 -25.76 -43.00
N THR I 97 -16.42 -26.98 -43.01
CA THR I 97 -15.90 -28.05 -43.83
C THR I 97 -17.02 -28.70 -44.64
N PHE I 98 -16.70 -29.02 -45.89
CA PHE I 98 -17.65 -29.66 -46.79
C PHE I 98 -17.51 -31.18 -46.69
N GLY I 99 -18.49 -31.87 -47.26
CA GLY I 99 -18.47 -33.31 -47.25
C GLY I 99 -17.68 -33.88 -48.42
N GLY I 100 -17.64 -35.21 -48.47
CA GLY I 100 -16.92 -35.89 -49.55
C GLY I 100 -17.57 -35.75 -50.91
N GLY I 101 -18.85 -35.40 -50.96
CA GLY I 101 -19.56 -35.25 -52.21
C GLY I 101 -20.23 -36.54 -52.65
N THR I 102 -21.32 -36.37 -53.41
CA THR I 102 -22.09 -37.48 -53.92
C THR I 102 -22.59 -37.15 -55.32
N LYS I 103 -22.45 -38.11 -56.23
CA LYS I 103 -22.86 -37.97 -57.62
C LYS I 103 -23.98 -38.98 -57.92
N LEU I 104 -25.06 -38.49 -58.52
CA LEU I 104 -26.21 -39.31 -58.88
C LEU I 104 -26.11 -39.63 -60.37
N GLU I 105 -26.26 -40.92 -60.70
CA GLU I 105 -26.17 -41.39 -62.07
C GLU I 105 -27.37 -42.29 -62.39
N ILE I 106 -27.66 -42.42 -63.68
CA ILE I 106 -28.78 -43.25 -64.13
C ILE I 106 -28.50 -44.71 -63.81
N LYS I 107 -29.57 -45.45 -63.53
CA LYS I 107 -29.47 -46.87 -63.21
C LYS I 107 -29.52 -47.69 -64.48
C1 NAG J . 36.09 -6.45 15.51
C2 NAG J . 36.28 -5.36 16.56
C3 NAG J . 37.75 -5.30 16.97
C4 NAG J . 38.29 -6.68 17.36
C5 NAG J . 37.91 -7.73 16.32
C6 NAG J . 38.25 -9.14 16.72
C7 NAG J . 35.17 -3.16 16.74
C8 NAG J . 34.88 -1.88 15.99
N2 NAG J . 35.88 -4.08 16.05
O3 NAG J . 37.85 -4.39 18.04
O4 NAG J . 39.69 -6.54 17.43
O5 NAG J . 36.52 -7.67 16.07
O6 NAG J . 37.62 -9.46 17.94
O7 NAG J . 34.78 -3.33 17.88
C1 NAG J . 40.20 -6.95 18.71
C2 NAG J . 41.73 -6.91 18.65
C3 NAG J . 42.32 -7.33 19.99
C4 NAG J . 41.75 -6.44 21.08
C5 NAG J . 40.22 -6.48 21.03
C6 NAG J . 39.55 -5.58 22.06
C7 NAG J . 42.02 -9.08 17.46
C8 NAG J . 42.66 -9.71 16.25
N2 NAG J . 42.24 -7.75 17.58
O3 NAG J . 43.72 -7.23 19.91
O4 NAG J . 42.24 -6.93 22.31
O5 NAG J . 39.78 -6.08 19.74
O6 NAG J . 38.16 -5.60 21.88
O7 NAG J . 41.36 -9.74 18.24
C1 NAG K . 23.81 -2.38 28.93
C2 NAG K . 22.52 -2.85 29.61
C3 NAG K . 21.89 -1.71 30.41
C4 NAG K . 22.92 -1.06 31.32
C5 NAG K . 24.11 -0.63 30.49
C6 NAG K . 25.22 0.04 31.27
C7 NAG K . 21.31 -4.62 28.38
C8 NAG K . 20.28 -4.86 27.30
N2 NAG K . 21.58 -3.33 28.63
O3 NAG K . 20.81 -2.24 31.14
O4 NAG K . 22.29 0.07 31.93
O5 NAG K . 24.66 -1.79 29.88
O6 NAG K . 25.74 -0.85 32.24
O7 NAG K . 21.84 -5.55 28.96
C1 NAG K . 22.37 0.01 33.37
C2 NAG K . 22.16 1.44 33.90
C3 NAG K . 22.17 1.42 35.43
C4 NAG K . 21.16 0.40 35.95
C5 NAG K . 21.42 -0.96 35.30
C6 NAG K . 20.45 -2.04 35.72
C7 NAG K . 23.04 3.22 32.44
C8 NAG K . 24.28 4.00 32.08
N2 NAG K . 23.20 2.29 33.40
O3 NAG K . 21.88 2.71 35.87
O4 NAG K . 21.33 0.32 37.35
O5 NAG K . 21.37 -0.83 33.89
O6 NAG K . 20.73 -3.23 35.03
O7 NAG K . 21.97 3.44 31.87
C1 BMA K . 20.21 0.88 38.07
C2 BMA K . 20.48 0.60 39.54
C3 BMA K . 19.43 1.26 40.45
C4 BMA K . 18.75 2.53 39.89
C5 BMA K . 19.40 3.16 38.66
C6 BMA K . 20.29 4.36 38.96
O2 BMA K . 21.79 1.03 39.83
O3 BMA K . 20.07 1.47 41.68
O4 BMA K . 17.42 2.16 39.61
O5 BMA K . 20.11 2.27 37.81
O6 BMA K . 20.78 4.85 37.73
C1 NAG L . 21.89 -3.43 -33.03
C2 NAG L . 21.21 -2.52 -34.06
C3 NAG L . 21.77 -2.83 -35.45
C4 NAG L . 23.29 -2.82 -35.48
C5 NAG L . 23.86 -3.63 -34.31
C6 NAG L . 25.36 -3.52 -34.18
C7 NAG L . 18.88 -1.71 -34.14
C8 NAG L . 17.44 -2.15 -34.13
N2 NAG L . 19.79 -2.70 -34.06
O3 NAG L . 21.23 -1.88 -36.34
O4 NAG L . 23.66 -3.40 -36.71
O5 NAG L . 23.28 -3.20 -33.10
O6 NAG L . 25.73 -2.17 -34.01
O7 NAG L . 19.18 -0.53 -34.20
C1 NAG L . 24.52 -2.53 -37.48
C2 NAG L . 25.00 -3.31 -38.71
C3 NAG L . 25.89 -2.41 -39.56
C4 NAG L . 25.16 -1.12 -39.90
C5 NAG L . 24.65 -0.46 -38.61
C6 NAG L . 23.86 0.81 -38.86
C7 NAG L . 26.76 -4.62 -37.57
C8 NAG L . 27.27 -6.02 -37.35
N2 NAG L . 25.66 -4.52 -38.35
O3 NAG L . 26.26 -3.13 -40.70
O4 NAG L . 26.07 -0.29 -40.58
O5 NAG L . 23.83 -1.37 -37.90
O6 NAG L . 23.37 1.30 -37.63
O7 NAG L . 27.33 -3.65 -37.08
C1 NAG M . 17.25 14.38 -30.06
C2 NAG M . 17.40 15.56 -29.10
C3 NAG M . 16.34 16.63 -29.37
C4 NAG M . 16.31 17.00 -30.85
C5 NAG M . 16.14 15.73 -31.67
C6 NAG M . 16.09 15.95 -33.17
C7 NAG M . 18.30 14.92 -26.87
C8 NAG M . 17.89 14.44 -25.51
N2 NAG M . 17.28 15.11 -27.73
O3 NAG M . 16.62 17.73 -28.55
O4 NAG M . 15.23 17.88 -31.05
O5 NAG M . 17.22 14.86 -31.38
O6 NAG M . 17.31 16.51 -33.60
O7 NAG M . 19.46 15.13 -27.17
C1 NAG M . 15.65 19.12 -31.66
C2 NAG M . 14.42 19.77 -32.30
C3 NAG M . 14.80 21.13 -32.90
C4 NAG M . 15.51 21.99 -31.86
C5 NAG M . 16.68 21.20 -31.26
C6 NAG M . 17.43 21.96 -30.19
C7 NAG M . 12.73 18.18 -33.16
C8 NAG M . 12.37 17.33 -34.35
N2 NAG M . 13.86 18.90 -33.29
O3 NAG M . 13.63 21.73 -33.39
O4 NAG M . 15.98 23.14 -32.54
O5 NAG M . 16.20 20.00 -30.71
O6 NAG M . 18.43 21.15 -29.64
O7 NAG M . 12.04 18.19 -32.15
C1 BMA M . 15.26 24.33 -32.15
C2 BMA M . 15.96 25.48 -32.84
C3 BMA M . 15.23 26.81 -32.61
C4 BMA M . 13.71 26.72 -32.36
C5 BMA M . 13.06 25.36 -32.66
C6 BMA M . 12.35 25.30 -34.02
O2 BMA M . 16.09 25.16 -34.20
O3 BMA M . 15.56 27.61 -33.72
O4 BMA M . 13.53 27.06 -31.00
O5 BMA M . 13.90 24.22 -32.53
O6 BMA M . 11.77 24.01 -34.12
C1 NAG N . 2.65 -39.56 -3.20
C2 NAG N . 1.35 -40.10 -2.62
C3 NAG N . 1.48 -41.61 -2.37
C4 NAG N . 1.99 -42.34 -3.61
C5 NAG N . 3.20 -41.62 -4.21
C6 NAG N . 3.65 -42.20 -5.54
C7 NAG N . -0.20 -39.04 -1.01
C8 NAG N . -0.29 -38.39 0.35
N2 NAG N . 1.02 -39.46 -1.37
O3 NAG N . 0.22 -42.09 -1.98
O4 NAG N . 2.35 -43.64 -3.17
O5 NAG N . 2.91 -40.25 -4.39
O6 NAG N . 2.59 -42.14 -6.47
O7 NAG N . -1.19 -39.17 -1.72
C1 NAG N . 1.67 -44.65 -3.93
C2 NAG N . 2.24 -46.01 -3.50
C3 NAG N . 1.53 -47.13 -4.27
C4 NAG N . 0.03 -47.01 -4.06
C5 NAG N . -0.44 -45.60 -4.44
C6 NAG N . -1.92 -45.37 -4.23
C7 NAG N . 4.31 -45.91 -4.86
C8 NAG N . 5.81 -46.03 -4.78
N2 NAG N . 3.67 -46.08 -3.69
O3 NAG N . 2.03 -48.36 -3.81
O4 NAG N . -0.58 -47.99 -4.87
O5 NAG N . 0.28 -44.64 -3.68
O6 NAG N . -2.24 -44.03 -4.51
O7 NAG N . 3.75 -45.67 -5.92
C1 NAG O . -14.40 -33.74 -7.98
C2 NAG O . -15.18 -32.87 -8.97
C3 NAG O . -16.58 -32.56 -8.44
C4 NAG O . -17.28 -33.83 -7.99
C5 NAG O . -16.39 -34.56 -6.99
C6 NAG O . -16.96 -35.84 -6.44
C7 NAG O . -13.76 -31.37 -10.34
C8 NAG O . -13.13 -30.00 -10.36
N2 NAG O . -14.49 -31.64 -9.24
O3 NAG O . -17.29 -31.91 -9.46
O4 NAG O . -18.50 -33.45 -7.39
O5 NAG O . -15.16 -34.86 -7.62
O6 NAG O . -17.16 -36.76 -7.49
O7 NAG O . -13.62 -32.15 -11.27
C1 NAG O . -19.63 -34.13 -8.00
C2 NAG O . -20.80 -34.07 -7.01
C3 NAG O . -22.03 -34.70 -7.63
C4 NAG O . -22.34 -34.07 -8.99
C5 NAG O . -21.08 -34.12 -9.86
C6 NAG O . -21.25 -33.48 -11.22
C7 NAG O . -20.14 -34.14 -4.62
C8 NAG O . -19.78 -35.08 -3.49
N2 NAG O . -20.43 -34.75 -5.79
O3 NAG O . -23.10 -34.55 -6.73
O4 NAG O . -23.37 -34.81 -9.58
O5 NAG O . -20.01 -33.48 -9.19
O6 NAG O . -20.03 -33.51 -11.92
O7 NAG O . -20.14 -32.93 -4.47
C1 BMA O . -24.61 -34.06 -9.64
C2 BMA O . -25.58 -34.94 -10.42
C3 BMA O . -26.99 -34.31 -10.46
C4 BMA O . -27.36 -33.40 -9.28
C5 BMA O . -26.42 -33.43 -8.07
C6 BMA O . -26.93 -34.30 -6.92
O2 BMA O . -25.58 -36.21 -9.84
O3 BMA O . -27.88 -35.40 -10.61
O4 BMA O . -27.41 -32.08 -9.82
O5 BMA O . -25.08 -33.78 -8.33
O6 BMA O . -25.99 -34.21 -5.87
C1 NAG P . 25.63 -31.71 4.88
C2 NAG P . 24.90 -32.84 5.60
C3 NAG P . 25.78 -34.10 5.62
C4 NAG P . 26.25 -34.44 4.22
C5 NAG P . 26.91 -33.22 3.58
C6 NAG P . 27.39 -33.45 2.16
C7 NAG P . 23.33 -32.04 7.32
C8 NAG P . 23.21 -31.69 8.78
N2 NAG P . 24.55 -32.45 6.93
O3 NAG P . 25.04 -35.14 6.19
O4 NAG P . 27.15 -35.53 4.33
O5 NAG P . 26.00 -32.14 3.59
O6 NAG P . 26.30 -33.87 1.36
O7 NAG P . 22.37 -31.97 6.57
C1 NAG Q . -6.25 -11.64 -24.74
C2 NAG Q . -5.36 -10.44 -25.10
C3 NAG Q . -4.19 -10.88 -25.97
C4 NAG Q . -3.46 -12.05 -25.32
C5 NAG Q . -4.46 -13.16 -25.03
C6 NAG Q . -3.86 -14.39 -24.39
C7 NAG Q . -6.33 -8.18 -25.31
C8 NAG Q . -7.17 -7.30 -26.21
N2 NAG Q . -6.12 -9.42 -25.77
O3 NAG Q . -3.34 -9.78 -26.16
O4 NAG Q . -2.45 -12.47 -26.21
O5 NAG Q . -5.47 -12.66 -24.16
O6 NAG Q . -4.88 -15.33 -24.12
O7 NAG Q . -5.91 -7.76 -24.25
C1 NAG R . 38.69 -9.49 -9.77
C2 NAG R . 39.65 -8.58 -8.99
C3 NAG R . 41.09 -9.04 -9.19
C4 NAG R . 41.23 -10.53 -8.88
C5 NAG R . 40.19 -11.32 -9.67
C6 NAG R . 40.21 -12.80 -9.39
C7 NAG R . 38.81 -6.27 -8.73
C8 NAG R . 38.79 -4.90 -9.36
N2 NAG R . 39.49 -7.21 -9.40
O3 NAG R . 41.93 -8.25 -8.39
O4 NAG R . 42.54 -10.90 -9.21
O5 NAG R . 38.90 -10.82 -9.37
O6 NAG R . 40.04 -13.03 -8.01
O7 NAG R . 38.23 -6.49 -7.67
C1 NAG S . 2.42 -19.63 19.87
C2 NAG S . 1.55 -20.29 18.78
C3 NAG S . 2.14 -21.63 18.36
C4 NAG S . 3.61 -21.46 17.98
C5 NAG S . 4.35 -20.80 19.15
C6 NAG S . 5.82 -20.60 18.91
C7 NAG S . -0.90 -19.88 18.73
C8 NAG S . -2.19 -20.24 19.41
N2 NAG S . 0.20 -20.46 19.25
O3 NAG S . 1.38 -22.12 17.28
O4 NAG S . 4.11 -22.75 17.70
O5 NAG S . 3.75 -19.54 19.42
O6 NAG S . 6.40 -19.94 20.02
O7 NAG S . -0.87 -19.12 17.78
C1 NAG T . 19.51 -27.17 -23.75
C2 NAG T . 19.21 -26.87 -25.22
C3 NAG T . 20.06 -27.75 -26.12
C4 NAG T . 21.54 -27.62 -25.75
C5 NAG T . 21.71 -27.89 -24.25
C6 NAG T . 23.14 -27.74 -23.76
C7 NAG T . 16.88 -26.11 -25.59
C8 NAG T . 15.48 -26.58 -25.89
N2 NAG T . 17.80 -27.09 -25.49
O3 NAG T . 19.83 -27.38 -27.45
O4 NAG T . 22.25 -28.54 -26.53
O5 NAG T . 20.89 -26.99 -23.52
O6 NAG T . 23.61 -26.45 -24.09
O7 NAG T . 17.14 -24.92 -25.44
C1 NAG U . 23.44 15.26 -1.82
C2 NAG U . 23.47 14.68 -0.40
C3 NAG U . 24.78 13.94 -0.16
C4 NAG U . 25.05 12.94 -1.28
C5 NAG U . 24.98 13.67 -2.62
C6 NAG U . 25.24 12.78 -3.81
C7 NAG U . 22.25 15.79 1.45
C8 NAG U . 22.29 16.97 2.38
N2 NAG U . 23.28 15.70 0.59
O3 NAG U . 24.71 13.32 1.10
O4 NAG U . 26.32 12.38 -1.04
O5 NAG U . 23.70 14.26 -2.76
O6 NAG U . 25.11 13.54 -4.99
O7 NAG U . 21.33 14.98 1.49
#